data_5V4S
#
_entry.id   5V4S
#
_entity_poly.entity_id   1
_entity_poly.type   'polypeptide(L)'
_entity_poly.pdbx_seq_one_letter_code
;MKHHHHHHHHPMSDVDIPTTENLYFQGSGSMGITLKNRIRVYWDILVFICIFWASLESPLRIVINYDPNLLLTCIYFFID
FVFALDILWNCFTPEYKDGKWILTRSQVIKDYLGSWFIIDLIAALPLEYATTTIFGLQQSQYPYLYLLLGVTRILKVFRI
SDILQRINLAFQPTPGILRLVLFAFWATLVAHWCAVGWLYVDDLLDYQTGWSEYIIALYWTVATIATVGYGDITPSTDSQ
RIYTIFVMILGAGVYATVIGNIASILGSLDLAKAAQRKKMAQVDSFLKARNISQNIRRRVRDYYMYIIDRGWGEDENALL
NDLPISLRREVKIQLHRDLLEKVPFLKGADPALVTSLVFSMKPMIFLEGDTIFRRGEKGDDLYILSEGSVDILDSDEKTI
LLSLQEGQFFGELALVMDAPRSATVRATTTCEIYTLSKTDFDNVLKRFSQFRSAIEESVAHLKKR
;
_entity_poly.pdbx_strand_id   A,B,C,D
#
# COMPACT_ATOMS: atom_id res chain seq x y z
N ARG A 38 3.33 -27.92 18.51
CA ARG A 38 4.02 -26.80 19.14
C ARG A 38 5.28 -27.26 19.84
N ILE A 39 5.26 -28.47 20.37
CA ILE A 39 6.41 -29.05 21.04
C ILE A 39 7.58 -29.19 20.06
N ARG A 40 7.27 -29.64 18.85
CA ARG A 40 8.25 -29.72 17.78
C ARG A 40 8.94 -28.38 17.57
N VAL A 41 8.16 -27.31 17.68
CA VAL A 41 8.69 -25.97 17.56
C VAL A 41 9.56 -25.63 18.77
N TYR A 42 9.13 -26.06 19.94
CA TYR A 42 9.94 -25.85 21.15
C TYR A 42 11.29 -26.51 20.99
N TRP A 43 11.31 -27.68 20.36
CA TRP A 43 12.55 -28.38 20.06
C TRP A 43 13.44 -27.56 19.14
N ASP A 44 12.82 -26.93 18.14
CA ASP A 44 13.55 -26.07 17.23
C ASP A 44 14.26 -24.96 17.98
N ILE A 45 13.55 -24.35 18.91
CA ILE A 45 14.09 -23.24 19.67
C ILE A 45 15.36 -23.64 20.38
N LEU A 46 15.31 -24.78 21.06
CA LEU A 46 16.48 -25.30 21.75
C LEU A 46 17.66 -25.46 20.81
N VAL A 47 17.43 -26.15 19.69
CA VAL A 47 18.47 -26.41 18.72
C VAL A 47 19.08 -25.11 18.19
N PHE A 48 18.21 -24.18 17.85
CA PHE A 48 18.60 -22.89 17.34
C PHE A 48 19.58 -22.21 18.28
N ILE A 49 19.21 -22.16 19.56
CA ILE A 49 20.03 -21.54 20.58
C ILE A 49 21.40 -22.19 20.65
N CYS A 50 21.41 -23.51 20.64
CA CYS A 50 22.63 -24.26 20.70
C CYS A 50 23.56 -23.90 19.55
N ILE A 51 23.01 -23.84 18.36
CA ILE A 51 23.78 -23.48 17.17
C ILE A 51 24.42 -22.13 17.33
N PHE A 52 23.62 -21.18 17.79
CA PHE A 52 24.08 -19.82 17.99
C PHE A 52 25.26 -19.78 18.92
N TRP A 53 25.12 -20.41 20.08
CA TRP A 53 26.20 -20.45 21.05
C TRP A 53 27.47 -20.99 20.42
N ALA A 54 27.35 -22.11 19.72
CA ALA A 54 28.49 -22.76 19.09
C ALA A 54 29.20 -21.83 18.11
N SER A 55 28.43 -21.08 17.34
CA SER A 55 28.98 -20.17 16.33
C SER A 55 29.77 -19.02 16.94
N LEU A 56 29.59 -18.80 18.24
CA LEU A 56 30.32 -17.77 18.95
C LEU A 56 31.59 -18.33 19.54
N GLU A 57 31.52 -19.58 19.97
CA GLU A 57 32.65 -20.26 20.59
C GLU A 57 33.69 -20.69 19.60
N SER A 58 33.24 -21.14 18.43
CA SER A 58 34.13 -21.59 17.37
C SER A 58 35.30 -20.66 16.96
N PRO A 59 34.99 -19.45 16.42
CA PRO A 59 35.98 -18.52 15.85
C PRO A 59 36.97 -18.04 16.93
N LEU A 60 36.59 -18.14 18.20
CA LEU A 60 37.45 -17.73 19.30
C LEU A 60 38.69 -18.59 19.46
N ARG A 61 38.67 -19.78 18.83
CA ARG A 61 39.77 -20.75 18.97
C ARG A 61 41.23 -20.28 18.89
N ILE A 62 41.46 -19.27 18.07
CA ILE A 62 42.76 -18.63 17.88
C ILE A 62 43.55 -17.93 18.95
N VAL A 63 42.89 -17.61 20.07
CA VAL A 63 43.53 -16.92 21.15
C VAL A 63 42.80 -17.14 22.47
N LEU A 70 37.08 -27.99 31.19
CA LEU A 70 36.38 -29.20 31.61
C LEU A 70 34.89 -29.08 31.37
N LEU A 71 34.24 -28.24 32.17
CA LEU A 71 32.81 -28.02 32.01
C LEU A 71 32.46 -27.71 30.58
N LEU A 72 33.25 -26.86 29.95
CA LEU A 72 33.09 -26.52 28.55
C LEU A 72 33.01 -27.75 27.69
N THR A 73 33.92 -28.69 27.93
CA THR A 73 33.92 -29.95 27.22
C THR A 73 32.59 -30.67 27.43
N CYS A 74 32.11 -30.68 28.67
CA CYS A 74 30.83 -31.30 29.00
C CYS A 74 29.68 -30.60 28.29
N ILE A 75 29.80 -29.28 28.16
CA ILE A 75 28.79 -28.51 27.45
C ILE A 75 28.70 -28.98 26.01
N TYR A 76 29.86 -29.19 25.38
CA TYR A 76 29.88 -29.68 24.01
C TYR A 76 29.22 -31.04 23.90
N PHE A 77 29.40 -31.88 24.92
CA PHE A 77 28.74 -33.17 24.93
C PHE A 77 27.25 -32.99 24.83
N PHE A 78 26.75 -32.06 25.63
CA PHE A 78 25.34 -31.74 25.62
C PHE A 78 24.88 -31.27 24.25
N ILE A 79 25.63 -30.34 23.68
CA ILE A 79 25.31 -29.80 22.37
C ILE A 79 25.05 -30.89 21.35
N ASP A 80 26.04 -31.75 21.18
CA ASP A 80 25.96 -32.84 20.21
C ASP A 80 24.87 -33.80 20.56
N PHE A 81 24.73 -34.07 21.85
CA PHE A 81 23.68 -34.91 22.34
C PHE A 81 22.33 -34.41 21.87
N VAL A 82 22.11 -33.11 22.05
CA VAL A 82 20.88 -32.48 21.58
C VAL A 82 20.72 -32.67 20.08
N PHE A 83 21.80 -32.47 19.35
CA PHE A 83 21.77 -32.64 17.91
C PHE A 83 21.46 -34.08 17.53
N ALA A 84 21.95 -35.03 18.33
CA ALA A 84 21.65 -36.43 18.10
C ALA A 84 20.15 -36.68 18.27
N LEU A 85 19.58 -36.04 19.27
CA LEU A 85 18.14 -36.15 19.47
C LEU A 85 17.39 -35.57 18.28
N ASP A 86 17.94 -34.50 17.70
CA ASP A 86 17.37 -33.90 16.50
C ASP A 86 17.35 -34.87 15.35
N ILE A 87 18.44 -35.59 15.17
CA ILE A 87 18.46 -36.63 14.16
C ILE A 87 17.29 -37.59 14.37
N LEU A 88 17.05 -37.96 15.63
CA LEU A 88 15.92 -38.82 15.97
C LEU A 88 14.60 -38.13 15.68
N TRP A 89 14.54 -36.83 15.94
CA TRP A 89 13.34 -36.06 15.61
C TRP A 89 13.10 -36.11 14.11
N ASN A 90 14.17 -36.22 13.33
CA ASN A 90 14.02 -36.32 11.86
C ASN A 90 13.69 -37.69 11.37
N GLY A 114 17.93 -37.34 3.80
CA GLY A 114 19.07 -37.68 2.95
C GLY A 114 20.25 -36.76 3.26
N SER A 115 20.41 -35.72 2.46
CA SER A 115 21.49 -34.77 2.68
C SER A 115 21.32 -34.08 4.02
N TRP A 116 20.07 -33.88 4.43
CA TRP A 116 19.78 -33.26 5.72
C TRP A 116 20.22 -34.16 6.85
N PHE A 117 20.06 -35.47 6.66
CA PHE A 117 20.55 -36.44 7.62
C PHE A 117 22.04 -36.31 7.76
N ILE A 118 22.74 -36.26 6.62
CA ILE A 118 24.18 -36.11 6.58
C ILE A 118 24.61 -34.84 7.30
N ILE A 119 23.93 -33.74 7.00
CA ILE A 119 24.22 -32.46 7.62
C ILE A 119 24.12 -32.53 9.13
N ASP A 120 22.99 -33.01 9.63
CA ASP A 120 22.78 -33.16 11.06
C ASP A 120 23.80 -34.07 11.66
N LEU A 121 24.01 -35.20 11.01
CA LEU A 121 24.99 -36.16 11.45
C LEU A 121 26.31 -35.47 11.71
N ILE A 122 26.81 -34.77 10.70
CA ILE A 122 28.10 -34.08 10.78
C ILE A 122 28.18 -33.16 11.99
N ALA A 123 27.16 -32.34 12.17
CA ALA A 123 27.12 -31.40 13.29
C ALA A 123 27.11 -32.13 14.61
N ALA A 124 26.49 -33.29 14.65
CA ALA A 124 26.38 -34.05 15.89
C ALA A 124 27.62 -34.90 16.16
N LEU A 125 28.62 -34.86 15.28
CA LEU A 125 29.79 -35.69 15.48
C LEU A 125 30.71 -35.10 16.53
N PRO A 126 30.81 -35.76 17.71
CA PRO A 126 31.65 -35.36 18.84
C PRO A 126 33.16 -35.34 18.53
N LEU A 127 33.53 -34.50 17.57
CA LEU A 127 34.90 -34.31 17.18
C LEU A 127 36.29 -34.04 17.71
N GLU A 128 36.47 -32.86 18.30
CA GLU A 128 37.76 -32.44 18.83
C GLU A 128 38.07 -33.26 20.07
N TYR A 129 37.09 -33.37 20.96
CA TYR A 129 37.25 -34.19 22.15
C TYR A 129 37.63 -35.61 21.79
N ALA A 130 36.87 -36.24 20.90
CA ALA A 130 37.16 -37.58 20.48
C ALA A 130 38.61 -37.68 20.01
N THR A 131 38.97 -36.77 19.11
CA THR A 131 40.31 -36.78 18.54
C THR A 131 41.37 -36.47 19.59
N THR A 132 40.98 -35.71 20.60
CA THR A 132 41.88 -35.40 21.70
C THR A 132 42.20 -36.66 22.48
N THR A 133 41.15 -37.44 22.76
CA THR A 133 41.30 -38.68 23.51
C THR A 133 41.98 -39.75 22.67
N ILE A 134 41.81 -39.68 21.36
CA ILE A 134 42.50 -40.59 20.46
C ILE A 134 43.99 -40.30 20.46
N PHE A 135 44.34 -39.03 20.38
CA PHE A 135 45.73 -38.63 20.35
C PHE A 135 46.12 -37.85 21.60
N TYR A 144 44.19 -24.94 16.69
CA TYR A 144 43.98 -24.54 15.30
C TYR A 144 43.11 -25.52 14.58
N LEU A 145 43.45 -26.79 14.69
CA LEU A 145 42.66 -27.82 14.06
C LEU A 145 41.28 -27.89 14.69
N TYR A 146 41.22 -27.65 15.98
CA TYR A 146 39.94 -27.64 16.67
C TYR A 146 39.07 -26.50 16.17
N LEU A 147 39.69 -25.36 15.90
CA LEU A 147 39.00 -24.24 15.28
C LEU A 147 38.37 -24.69 13.98
N LEU A 148 39.16 -25.37 13.16
CA LEU A 148 38.68 -25.86 11.90
C LEU A 148 37.53 -26.82 12.09
N LEU A 149 37.64 -27.70 13.07
CA LEU A 149 36.59 -28.68 13.33
C LEU A 149 35.29 -28.04 13.78
N GLY A 150 35.39 -26.90 14.45
CA GLY A 150 34.21 -26.18 14.92
C GLY A 150 33.19 -25.91 13.81
N VAL A 151 33.65 -25.79 12.56
CA VAL A 151 32.77 -25.51 11.42
C VAL A 151 31.68 -26.57 11.24
N THR A 152 31.94 -27.77 11.73
CA THR A 152 31.02 -28.89 11.57
C THR A 152 29.65 -28.61 12.19
N ARG A 153 29.61 -27.74 13.19
CA ARG A 153 28.35 -27.41 13.84
C ARG A 153 27.71 -26.18 13.22
N ILE A 154 28.46 -25.46 12.40
CA ILE A 154 27.96 -24.24 11.81
C ILE A 154 27.06 -24.53 10.62
N LEU A 155 27.54 -25.38 9.72
CA LEU A 155 26.82 -25.73 8.50
C LEU A 155 25.32 -25.94 8.72
N LYS A 156 24.99 -26.72 9.75
CA LYS A 156 23.61 -27.07 10.10
C LYS A 156 22.62 -25.90 10.04
N VAL A 157 23.12 -24.70 10.33
CA VAL A 157 22.29 -23.48 10.41
C VAL A 157 21.31 -23.32 9.23
N PHE A 158 21.65 -23.88 8.07
CA PHE A 158 20.83 -23.73 6.87
C PHE A 158 19.38 -24.20 7.08
N ARG A 159 19.19 -25.20 7.94
CA ARG A 159 17.87 -25.75 8.21
C ARG A 159 16.86 -24.75 8.79
N ILE A 160 17.33 -23.55 9.15
CA ILE A 160 16.47 -22.49 9.64
C ILE A 160 15.31 -22.20 8.69
N SER A 161 15.52 -22.44 7.40
CA SER A 161 14.50 -22.19 6.39
C SER A 161 13.21 -22.97 6.67
N ASP A 162 13.33 -24.11 7.34
CA ASP A 162 12.18 -24.94 7.65
C ASP A 162 11.69 -24.65 9.04
N ILE A 163 12.62 -24.32 9.92
CA ILE A 163 12.29 -23.95 11.28
C ILE A 163 11.34 -22.76 11.29
N LEU A 164 11.66 -21.76 10.48
CA LEU A 164 10.86 -20.55 10.38
C LEU A 164 9.44 -20.83 9.97
N GLN A 165 9.28 -21.73 9.03
CA GLN A 165 7.97 -22.10 8.56
C GLN A 165 7.15 -22.62 9.71
N ARG A 166 7.75 -23.54 10.46
CA ARG A 166 7.08 -24.15 11.60
C ARG A 166 6.74 -23.10 12.65
N ILE A 167 7.64 -22.16 12.87
CA ILE A 167 7.42 -21.10 13.84
C ILE A 167 6.21 -20.25 13.47
N ASN A 168 6.15 -19.83 12.21
CA ASN A 168 5.02 -19.05 11.76
C ASN A 168 3.75 -19.84 11.92
N LEU A 169 3.77 -21.11 11.51
CA LEU A 169 2.61 -21.96 11.64
C LEU A 169 2.15 -22.04 13.08
N ALA A 170 3.12 -22.08 13.98
CA ALA A 170 2.85 -22.14 15.40
C ALA A 170 2.17 -20.90 15.93
N PHE A 171 2.68 -19.72 15.58
CA PHE A 171 2.20 -18.51 16.24
C PHE A 171 1.46 -17.56 15.33
N GLN A 172 1.90 -17.48 14.08
CA GLN A 172 1.27 -16.61 13.10
C GLN A 172 1.32 -15.13 13.49
N PRO A 173 2.49 -14.49 13.37
CA PRO A 173 2.66 -13.10 13.78
C PRO A 173 2.72 -12.19 12.57
N THR A 174 2.79 -10.88 12.81
CA THR A 174 2.79 -9.92 11.73
C THR A 174 4.12 -10.11 10.97
N PRO A 175 4.07 -10.30 9.64
CA PRO A 175 5.25 -10.36 8.76
C PRO A 175 6.20 -9.24 9.08
N GLY A 176 7.48 -9.55 9.14
CA GLY A 176 8.50 -8.57 9.43
C GLY A 176 9.04 -8.76 10.82
N ILE A 177 8.18 -9.12 11.76
CA ILE A 177 8.61 -9.34 13.12
C ILE A 177 9.65 -10.43 13.15
N LEU A 178 9.38 -11.51 12.44
CA LEU A 178 10.31 -12.61 12.35
C LEU A 178 11.59 -12.18 11.64
N ARG A 179 11.44 -11.33 10.63
CA ARG A 179 12.60 -10.84 9.91
C ARG A 179 13.50 -10.06 10.84
N LEU A 180 12.90 -9.23 11.68
CA LEU A 180 13.63 -8.44 12.64
C LEU A 180 14.51 -9.33 13.49
N VAL A 181 13.90 -10.38 14.03
CA VAL A 181 14.62 -11.33 14.85
C VAL A 181 15.82 -11.91 14.12
N LEU A 182 15.59 -12.31 12.88
CA LEU A 182 16.65 -12.90 12.08
C LEU A 182 17.79 -11.94 11.85
N PHE A 183 17.46 -10.68 11.60
CA PHE A 183 18.50 -9.70 11.35
C PHE A 183 19.33 -9.47 12.58
N ALA A 184 18.67 -9.43 13.74
CA ALA A 184 19.39 -9.27 14.99
C ALA A 184 20.37 -10.41 15.16
N PHE A 185 19.90 -11.62 14.89
CA PHE A 185 20.72 -12.80 14.96
C PHE A 185 21.92 -12.72 14.05
N TRP A 186 21.69 -12.45 12.78
CA TRP A 186 22.77 -12.42 11.82
C TRP A 186 23.76 -11.31 12.10
N ALA A 187 23.23 -10.14 12.40
CA ALA A 187 24.08 -8.99 12.68
C ALA A 187 25.04 -9.29 13.80
N THR A 188 24.52 -9.91 14.85
CA THR A 188 25.32 -10.27 15.99
C THR A 188 26.52 -11.08 15.57
N LEU A 189 26.27 -12.12 14.79
CA LEU A 189 27.34 -13.00 14.32
C LEU A 189 28.34 -12.28 13.46
N VAL A 190 27.84 -11.40 12.61
CA VAL A 190 28.71 -10.64 11.73
C VAL A 190 29.69 -9.82 12.52
N ALA A 191 29.18 -9.06 13.47
CA ALA A 191 30.01 -8.20 14.29
C ALA A 191 31.11 -9.01 14.96
N HIS A 192 30.73 -10.15 15.51
CA HIS A 192 31.66 -11.00 16.20
C HIS A 192 32.76 -11.49 15.28
N TRP A 193 32.37 -12.06 14.16
CA TRP A 193 33.35 -12.59 13.23
C TRP A 193 34.24 -11.50 12.65
N CYS A 194 33.65 -10.34 12.37
CA CYS A 194 34.39 -9.23 11.81
C CYS A 194 35.49 -8.77 12.76
N ALA A 195 35.14 -8.64 14.03
CA ALA A 195 36.09 -8.25 15.03
C ALA A 195 37.23 -9.23 15.10
N VAL A 196 36.91 -10.51 15.02
CA VAL A 196 37.93 -11.54 15.00
C VAL A 196 38.87 -11.37 13.82
N GLY A 197 38.30 -11.10 12.66
CA GLY A 197 39.10 -10.87 11.47
C GLY A 197 40.04 -9.71 11.66
N TRP A 198 39.53 -8.62 12.22
CA TRP A 198 40.37 -7.48 12.55
C TRP A 198 41.51 -7.90 13.41
N LEU A 199 41.20 -8.65 14.45
CA LEU A 199 42.23 -9.13 15.33
C LEU A 199 43.23 -9.92 14.56
N TYR A 200 42.75 -10.86 13.73
CA TYR A 200 43.66 -11.71 12.96
C TYR A 200 44.70 -10.89 12.25
N VAL A 201 44.28 -9.86 11.56
CA VAL A 201 45.18 -9.00 10.85
C VAL A 201 46.22 -8.40 11.78
N ASP A 202 45.76 -7.96 12.95
CA ASP A 202 46.65 -7.36 13.92
C ASP A 202 47.26 -8.40 14.88
N ASP A 203 46.76 -9.63 14.83
CA ASP A 203 47.37 -10.73 15.58
C ASP A 203 48.67 -11.09 14.94
N LEU A 204 48.76 -10.82 13.65
CA LEU A 204 49.99 -10.98 12.91
C LEU A 204 51.02 -9.93 13.33
N LEU A 205 50.58 -8.95 14.14
CA LEU A 205 51.48 -7.94 14.68
C LEU A 205 51.88 -8.28 16.12
N ASP A 206 51.51 -9.47 16.59
CA ASP A 206 51.80 -9.87 17.96
C ASP A 206 51.77 -11.39 18.14
N TYR A 207 51.57 -11.85 19.37
CA TYR A 207 51.48 -13.29 19.65
C TYR A 207 50.09 -13.66 20.12
N GLN A 208 49.79 -13.39 21.38
CA GLN A 208 48.47 -13.63 21.92
C GLN A 208 47.90 -12.36 22.54
N THR A 209 46.59 -12.36 22.72
CA THR A 209 45.88 -11.20 23.23
C THR A 209 44.91 -11.60 24.33
N GLY A 210 44.31 -10.59 24.97
CA GLY A 210 43.36 -10.84 26.05
C GLY A 210 42.04 -10.13 25.78
N TRP A 211 41.24 -9.98 26.84
CA TRP A 211 39.92 -9.37 26.71
C TRP A 211 39.99 -7.95 26.20
N SER A 212 40.97 -7.20 26.67
CA SER A 212 41.11 -5.80 26.28
C SER A 212 41.19 -5.64 24.78
N GLU A 213 41.96 -6.50 24.14
CA GLU A 213 42.09 -6.44 22.69
C GLU A 213 40.80 -6.81 22.01
N TYR A 214 40.16 -7.87 22.48
CA TYR A 214 38.88 -8.28 21.93
C TYR A 214 37.87 -7.16 22.04
N ILE A 215 37.83 -6.52 23.20
CA ILE A 215 36.94 -5.40 23.42
C ILE A 215 37.19 -4.30 22.42
N ILE A 216 38.44 -3.93 22.26
CA ILE A 216 38.83 -2.89 21.31
C ILE A 216 38.39 -3.24 19.92
N ALA A 217 38.57 -4.50 19.54
CA ALA A 217 38.15 -4.94 18.24
C ALA A 217 36.68 -4.66 18.03
N LEU A 218 35.86 -4.99 19.02
CA LEU A 218 34.45 -4.73 18.94
C LEU A 218 34.15 -3.25 18.86
N TYR A 219 34.88 -2.46 19.64
CA TYR A 219 34.70 -1.02 19.64
C TYR A 219 34.81 -0.49 18.23
N TRP A 220 35.89 -0.84 17.55
CA TRP A 220 36.09 -0.43 16.18
C TRP A 220 35.03 -0.99 15.27
N THR A 221 34.78 -2.28 15.42
CA THR A 221 33.84 -2.99 14.56
C THR A 221 32.48 -2.35 14.57
N VAL A 222 31.91 -2.21 15.76
CA VAL A 222 30.58 -1.65 15.92
C VAL A 222 30.52 -0.21 15.45
N ALA A 223 31.50 0.59 15.85
CA ALA A 223 31.55 1.98 15.46
C ALA A 223 31.50 2.11 13.95
N THR A 224 32.18 1.20 13.26
CA THR A 224 32.19 1.21 11.82
C THR A 224 30.85 0.78 11.26
N ILE A 225 30.35 -0.36 11.72
CA ILE A 225 29.09 -0.91 11.21
C ILE A 225 27.92 0.03 11.39
N ALA A 226 27.88 0.69 12.54
CA ALA A 226 26.80 1.59 12.90
C ALA A 226 26.87 2.92 12.16
N THR A 227 27.90 3.09 11.31
CA THR A 227 28.10 4.30 10.49
C THR A 227 28.65 5.48 11.31
N VAL A 228 28.81 5.29 12.62
CA VAL A 228 29.28 6.35 13.49
C VAL A 228 30.67 6.80 13.13
N GLY A 229 31.64 5.93 13.36
CA GLY A 229 33.02 6.21 12.99
C GLY A 229 33.64 7.30 13.86
N TYR A 230 34.25 6.91 14.97
CA TYR A 230 34.91 7.88 15.83
C TYR A 230 36.25 8.31 15.25
N GLY A 231 36.88 7.44 14.46
CA GLY A 231 38.17 7.76 13.87
C GLY A 231 39.32 7.50 14.83
N ASP A 232 39.03 6.82 15.93
CA ASP A 232 40.04 6.52 16.94
C ASP A 232 41.03 5.50 16.43
N ILE A 233 40.54 4.54 15.68
CA ILE A 233 41.37 3.47 15.16
C ILE A 233 41.31 3.43 13.65
N THR A 234 42.47 3.31 13.03
CA THR A 234 42.55 3.29 11.58
C THR A 234 43.67 2.37 11.09
N PRO A 235 43.60 1.99 9.82
CA PRO A 235 44.58 1.16 9.14
C PRO A 235 45.92 1.86 8.98
N SER A 236 46.97 1.07 8.90
CA SER A 236 48.30 1.61 8.69
C SER A 236 48.91 1.04 7.41
N THR A 237 48.61 -0.23 7.15
CA THR A 237 49.06 -0.89 5.94
C THR A 237 47.92 -0.97 4.96
N ASP A 238 48.26 -1.15 3.69
CA ASP A 238 47.26 -1.29 2.67
C ASP A 238 46.38 -2.49 2.95
N SER A 239 46.99 -3.57 3.41
CA SER A 239 46.26 -4.76 3.79
C SER A 239 45.09 -4.41 4.70
N GLN A 240 45.41 -3.68 5.76
CA GLN A 240 44.42 -3.25 6.73
C GLN A 240 43.37 -2.36 6.08
N ARG A 241 43.82 -1.46 5.23
CA ARG A 241 42.91 -0.56 4.53
C ARG A 241 41.91 -1.33 3.71
N ILE A 242 42.39 -2.35 3.01
CA ILE A 242 41.55 -3.18 2.19
C ILE A 242 40.46 -3.84 3.00
N TYR A 243 40.87 -4.48 4.08
CA TYR A 243 39.94 -5.13 4.98
C TYR A 243 38.91 -4.16 5.46
N THR A 244 39.37 -2.99 5.88
CA THR A 244 38.49 -1.96 6.35
C THR A 244 37.43 -1.62 5.33
N ILE A 245 37.85 -1.45 4.08
CA ILE A 245 36.91 -1.12 3.02
C ILE A 245 35.86 -2.19 2.88
N PHE A 246 36.29 -3.43 2.90
CA PHE A 246 35.36 -4.56 2.88
C PHE A 246 34.34 -4.44 3.99
N VAL A 247 34.82 -4.22 5.20
CA VAL A 247 33.94 -4.12 6.35
C VAL A 247 32.96 -2.98 6.21
N MET A 248 33.44 -1.83 5.78
CA MET A 248 32.58 -0.66 5.66
C MET A 248 31.40 -0.94 4.74
N ILE A 249 31.67 -1.60 3.63
CA ILE A 249 30.63 -1.92 2.69
C ILE A 249 29.58 -2.81 3.30
N LEU A 250 30.02 -3.90 3.91
CA LEU A 250 29.11 -4.86 4.49
C LEU A 250 28.28 -4.23 5.61
N GLY A 251 28.96 -3.58 6.55
CA GLY A 251 28.30 -2.98 7.70
C GLY A 251 27.22 -1.99 7.28
N ALA A 252 27.53 -1.17 6.28
CA ALA A 252 26.58 -0.20 5.78
C ALA A 252 25.32 -0.89 5.28
N GLY A 253 25.52 -1.95 4.51
CA GLY A 253 24.40 -2.71 3.97
C GLY A 253 23.52 -3.26 5.08
N VAL A 254 24.16 -3.82 6.11
CA VAL A 254 23.41 -4.38 7.23
C VAL A 254 22.49 -3.35 7.83
N TYR A 255 23.04 -2.20 8.17
CA TYR A 255 22.28 -1.13 8.78
C TYR A 255 21.08 -0.77 7.94
N ALA A 256 21.29 -0.70 6.63
CA ALA A 256 20.21 -0.37 5.72
C ALA A 256 19.06 -1.37 5.82
N THR A 257 19.39 -2.65 5.88
CA THR A 257 18.36 -3.67 5.96
C THR A 257 17.59 -3.61 7.26
N VAL A 258 18.26 -3.17 8.32
CA VAL A 258 17.60 -2.98 9.59
C VAL A 258 16.49 -1.98 9.46
N ILE A 259 16.80 -0.86 8.81
CA ILE A 259 15.80 0.15 8.55
C ILE A 259 14.67 -0.41 7.74
N GLY A 260 15.01 -1.21 6.73
CA GLY A 260 14.03 -1.85 5.86
C GLY A 260 12.91 -2.49 6.66
N ASN A 261 13.26 -3.39 7.57
CA ASN A 261 12.24 -4.04 8.40
C ASN A 261 11.41 -3.05 9.15
N ILE A 262 12.06 -2.12 9.83
CA ILE A 262 11.32 -1.16 10.64
C ILE A 262 10.28 -0.45 9.81
N ALA A 263 10.68 -0.03 8.63
CA ALA A 263 9.78 0.66 7.74
C ALA A 263 8.61 -0.23 7.32
N SER A 264 8.92 -1.43 6.86
CA SER A 264 7.90 -2.32 6.33
C SER A 264 6.91 -2.74 7.40
N ILE A 265 7.40 -2.96 8.60
CA ILE A 265 6.56 -3.39 9.69
C ILE A 265 5.61 -2.31 10.09
N LEU A 266 6.16 -1.16 10.39
CA LEU A 266 5.39 -0.05 10.86
C LEU A 266 4.33 0.35 9.86
N GLY A 267 4.71 0.42 8.60
CA GLY A 267 3.79 0.80 7.54
C GLY A 267 2.62 -0.17 7.46
N SER A 268 2.90 -1.47 7.53
CA SER A 268 1.86 -2.47 7.40
C SER A 268 0.85 -2.36 8.51
N LEU A 269 1.30 -1.95 9.68
CA LEU A 269 0.40 -1.76 10.78
C LEU A 269 -0.60 -0.68 10.47
N ASP A 270 -0.11 0.40 9.86
CA ASP A 270 -0.98 1.50 9.47
C ASP A 270 -1.99 1.08 8.43
N LEU A 271 -1.56 0.25 7.49
CA LEU A 271 -2.44 -0.22 6.44
C LEU A 271 -3.63 -0.97 7.00
N ALA A 272 -3.39 -1.80 8.01
CA ALA A 272 -4.45 -2.54 8.65
C ALA A 272 -5.52 -1.61 9.20
N LYS A 273 -5.06 -0.60 9.94
CA LYS A 273 -5.99 0.36 10.52
C LYS A 273 -6.75 1.13 9.44
N ALA A 274 -6.06 1.49 8.38
CA ALA A 274 -6.67 2.23 7.27
C ALA A 274 -7.84 1.47 6.68
N ALA A 275 -7.65 0.17 6.48
CA ALA A 275 -8.71 -0.68 5.97
C ALA A 275 -9.95 -0.57 6.85
N GLN A 276 -9.74 -0.61 8.16
CA GLN A 276 -10.86 -0.51 9.10
C GLN A 276 -11.68 0.77 8.90
N ARG A 277 -11.00 1.90 8.82
CA ARG A 277 -11.68 3.20 8.68
C ARG A 277 -12.18 3.50 7.27
N LYS A 278 -11.71 2.69 6.31
CA LYS A 278 -11.97 2.91 4.86
C LYS A 278 -13.34 3.50 4.56
N LYS A 279 -14.40 2.85 4.98
CA LYS A 279 -15.73 3.27 4.66
C LYS A 279 -16.06 4.62 5.26
N MET A 280 -15.92 4.71 6.58
CA MET A 280 -16.22 5.96 7.29
C MET A 280 -15.48 7.12 6.66
N ALA A 281 -14.22 6.91 6.33
CA ALA A 281 -13.39 7.92 5.71
C ALA A 281 -14.02 8.43 4.41
N GLN A 282 -14.50 7.48 3.60
CA GLN A 282 -15.17 7.85 2.36
C GLN A 282 -16.37 8.75 2.62
N VAL A 283 -17.14 8.38 3.63
CA VAL A 283 -18.31 9.15 4.02
C VAL A 283 -17.92 10.53 4.49
N ASP A 284 -16.90 10.60 5.32
CA ASP A 284 -16.41 11.86 5.84
C ASP A 284 -15.98 12.76 4.70
N SER A 285 -15.28 12.19 3.74
CA SER A 285 -14.82 12.92 2.56
C SER A 285 -16.00 13.56 1.85
N PHE A 286 -17.05 12.77 1.67
CA PHE A 286 -18.28 13.25 1.06
C PHE A 286 -18.85 14.41 1.83
N LEU A 287 -18.93 14.24 3.15
CA LEU A 287 -19.48 15.28 4.01
C LEU A 287 -18.69 16.55 3.90
N LYS A 288 -17.37 16.41 3.82
CA LYS A 288 -16.48 17.56 3.69
C LYS A 288 -16.72 18.28 2.39
N ALA A 289 -16.94 17.50 1.32
CA ALA A 289 -17.26 18.06 0.02
C ALA A 289 -18.58 18.84 0.07
N ARG A 290 -19.54 18.31 0.83
CA ARG A 290 -20.83 18.96 1.00
C ARG A 290 -20.77 20.10 2.02
N ASN A 291 -19.68 20.12 2.79
CA ASN A 291 -19.43 21.19 3.75
C ASN A 291 -20.45 21.19 4.86
N ILE A 292 -20.74 20.01 5.39
CA ILE A 292 -21.66 19.84 6.49
C ILE A 292 -21.00 20.22 7.82
N SER A 293 -21.76 20.79 8.74
CA SER A 293 -21.23 21.21 10.03
C SER A 293 -20.80 20.04 10.91
N GLN A 294 -19.92 20.34 11.86
CA GLN A 294 -19.37 19.37 12.80
C GLN A 294 -20.43 18.71 13.65
N ASN A 295 -21.49 19.46 13.95
CA ASN A 295 -22.58 18.96 14.77
C ASN A 295 -22.91 17.55 14.32
N ILE A 296 -23.01 17.36 13.02
CA ILE A 296 -23.30 16.05 12.50
C ILE A 296 -22.10 15.16 12.24
N ARG A 297 -21.13 15.67 11.49
CA ARG A 297 -19.98 14.88 11.10
C ARG A 297 -19.33 14.14 12.26
N ARG A 298 -19.20 14.81 13.39
CA ARG A 298 -18.61 14.18 14.56
C ARG A 298 -19.45 12.98 14.96
N ARG A 299 -20.76 13.18 15.08
CA ARG A 299 -21.66 12.10 15.45
C ARG A 299 -21.70 10.96 14.43
N VAL A 300 -21.57 11.34 13.15
CA VAL A 300 -21.35 10.35 12.12
C VAL A 300 -20.16 9.47 12.32
N ARG A 301 -19.02 10.10 12.56
CA ARG A 301 -17.83 9.34 12.83
C ARG A 301 -18.06 8.40 13.99
N ASP A 302 -18.60 8.93 15.08
CA ASP A 302 -18.88 8.15 16.28
C ASP A 302 -19.76 6.95 15.97
N TYR A 303 -20.77 7.17 15.14
CA TYR A 303 -21.65 6.12 14.66
C TYR A 303 -20.85 4.98 14.07
N TYR A 304 -19.96 5.32 13.15
CA TYR A 304 -19.14 4.30 12.53
C TYR A 304 -18.19 3.67 13.51
N MET A 305 -17.62 4.48 14.39
CA MET A 305 -16.67 3.97 15.37
C MET A 305 -17.29 2.90 16.23
N TYR A 306 -18.47 3.19 16.77
CA TYR A 306 -19.20 2.23 17.58
C TYR A 306 -19.49 0.97 16.80
N ILE A 307 -19.96 1.13 15.58
CA ILE A 307 -20.23 0.00 14.73
C ILE A 307 -19.00 -0.85 14.54
N ILE A 308 -17.87 -0.19 14.28
CA ILE A 308 -16.61 -0.88 14.12
C ILE A 308 -16.26 -1.66 15.37
N ASP A 309 -16.43 -1.02 16.53
CA ASP A 309 -16.16 -1.64 17.80
C ASP A 309 -16.95 -2.93 17.97
N ARG A 310 -18.19 -2.90 17.51
CA ARG A 310 -19.07 -4.05 17.62
C ARG A 310 -18.87 -5.04 16.49
N GLY A 311 -18.49 -4.53 15.32
CA GLY A 311 -18.34 -5.37 14.14
C GLY A 311 -19.70 -5.72 13.52
N TRP A 312 -20.76 -5.08 14.01
CA TRP A 312 -22.12 -5.35 13.56
C TRP A 312 -22.33 -4.92 12.11
N GLY A 313 -21.52 -3.99 11.64
CA GLY A 313 -21.58 -3.49 10.27
C GLY A 313 -21.18 -4.55 9.25
N GLU A 314 -20.50 -5.58 9.69
CA GLU A 314 -20.10 -6.65 8.80
C GLU A 314 -21.28 -7.50 8.42
N ASP A 315 -21.36 -7.86 7.14
CA ASP A 315 -22.39 -8.79 6.69
C ASP A 315 -22.10 -10.18 7.20
N GLU A 316 -22.43 -10.41 8.47
CA GLU A 316 -22.21 -11.67 9.14
C GLU A 316 -22.57 -12.85 8.26
N ASN A 317 -23.79 -12.84 7.73
CA ASN A 317 -24.24 -13.88 6.83
C ASN A 317 -23.22 -14.18 5.72
N ALA A 318 -23.06 -13.23 4.79
CA ALA A 318 -22.18 -13.39 3.64
C ALA A 318 -20.78 -13.77 4.04
N LEU A 319 -20.30 -13.16 5.12
CA LEU A 319 -19.00 -13.46 5.64
C LEU A 319 -18.90 -14.93 5.99
N LEU A 320 -19.87 -15.41 6.76
CA LEU A 320 -19.91 -16.80 7.20
C LEU A 320 -20.19 -17.76 6.04
N ASN A 321 -20.77 -17.24 4.96
CA ASN A 321 -21.17 -18.08 3.84
C ASN A 321 -20.01 -18.78 3.13
N ASP A 322 -18.78 -18.43 3.46
CA ASP A 322 -17.65 -19.12 2.87
C ASP A 322 -17.10 -20.23 3.78
N LEU A 323 -17.83 -20.52 4.86
CA LEU A 323 -17.40 -21.50 5.84
C LEU A 323 -18.04 -22.88 5.61
N PRO A 324 -17.29 -23.95 5.83
CA PRO A 324 -17.81 -25.30 5.68
C PRO A 324 -19.06 -25.37 6.54
N ILE A 325 -20.18 -25.56 5.87
CA ILE A 325 -21.48 -25.48 6.50
C ILE A 325 -21.56 -26.19 7.85
N SER A 326 -20.81 -27.27 8.01
CA SER A 326 -20.81 -28.02 9.25
C SER A 326 -20.34 -27.16 10.41
N LEU A 327 -19.08 -26.75 10.36
CA LEU A 327 -18.53 -25.93 11.41
C LEU A 327 -19.15 -24.55 11.40
N ARG A 328 -19.53 -24.09 10.20
CA ARG A 328 -20.22 -22.81 10.05
C ARG A 328 -21.41 -22.75 10.97
N ARG A 329 -22.23 -23.79 10.91
CA ARG A 329 -23.38 -23.89 11.78
C ARG A 329 -22.96 -23.91 13.23
N GLU A 330 -21.90 -24.64 13.54
CA GLU A 330 -21.44 -24.68 14.92
C GLU A 330 -21.09 -23.28 15.40
N VAL A 331 -20.44 -22.50 14.54
CA VAL A 331 -20.13 -21.13 14.88
C VAL A 331 -21.40 -20.32 15.01
N LYS A 332 -22.33 -20.56 14.11
CA LYS A 332 -23.61 -19.92 14.18
C LYS A 332 -24.25 -20.20 15.54
N ILE A 333 -24.11 -21.44 16.01
CA ILE A 333 -24.59 -21.82 17.33
C ILE A 333 -23.90 -21.03 18.42
N GLN A 334 -22.60 -20.79 18.25
CA GLN A 334 -21.88 -19.94 19.18
C GLN A 334 -22.45 -18.54 19.18
N LEU A 335 -22.88 -18.09 18.01
CA LEU A 335 -23.51 -16.79 17.90
C LEU A 335 -24.90 -16.84 18.52
N HIS A 336 -25.57 -17.98 18.41
CA HIS A 336 -26.84 -18.15 19.08
C HIS A 336 -26.63 -18.09 20.58
N ARG A 337 -25.56 -18.74 21.04
CA ARG A 337 -25.17 -18.65 22.44
C ARG A 337 -24.97 -17.20 22.85
N ASP A 338 -24.39 -16.38 21.99
CA ASP A 338 -24.12 -15.01 22.44
C ASP A 338 -25.34 -14.24 22.96
N LEU A 339 -26.49 -14.32 22.31
CA LEU A 339 -27.68 -13.60 22.79
C LEU A 339 -28.76 -14.44 23.50
N LEU A 340 -28.59 -15.75 23.53
CA LEU A 340 -29.58 -16.68 24.12
C LEU A 340 -29.92 -16.67 25.62
N GLU A 341 -28.92 -16.54 26.48
CA GLU A 341 -29.12 -16.63 27.94
C GLU A 341 -29.99 -15.61 28.71
N LYS A 342 -29.88 -14.33 28.36
CA LYS A 342 -30.59 -13.27 29.06
C LYS A 342 -32.09 -13.50 29.11
N VAL A 343 -32.65 -13.84 27.96
CA VAL A 343 -34.09 -13.94 27.81
C VAL A 343 -34.66 -15.24 28.37
N PRO A 344 -35.45 -15.16 29.45
CA PRO A 344 -36.13 -16.25 30.13
C PRO A 344 -36.95 -17.12 29.20
N PHE A 345 -37.48 -16.51 28.13
CA PHE A 345 -38.21 -17.25 27.13
C PHE A 345 -37.35 -18.32 26.51
N LEU A 346 -36.08 -17.99 26.33
CA LEU A 346 -35.14 -18.82 25.64
C LEU A 346 -34.40 -19.68 26.62
N LYS A 347 -34.27 -19.18 27.86
CA LYS A 347 -33.82 -20.03 28.95
C LYS A 347 -34.72 -21.24 29.04
N GLY A 348 -36.04 -20.99 28.98
CA GLY A 348 -37.02 -22.05 28.98
C GLY A 348 -37.54 -22.40 27.59
N ALA A 349 -36.68 -22.32 26.57
CA ALA A 349 -37.03 -22.82 25.25
C ALA A 349 -36.22 -24.05 24.94
N ASP A 350 -36.63 -24.76 23.90
CA ASP A 350 -35.87 -25.90 23.45
C ASP A 350 -34.89 -25.39 22.38
N PRO A 351 -33.92 -26.21 22.00
CA PRO A 351 -32.77 -25.79 21.20
C PRO A 351 -33.06 -25.78 19.73
N ALA A 352 -34.06 -26.56 19.32
CA ALA A 352 -34.51 -26.54 17.94
C ALA A 352 -35.12 -25.18 17.65
N LEU A 353 -35.92 -24.70 18.59
CA LEU A 353 -36.46 -23.36 18.56
C LEU A 353 -35.40 -22.34 18.58
N VAL A 354 -34.50 -22.43 19.55
CA VAL A 354 -33.42 -21.49 19.63
C VAL A 354 -32.66 -21.40 18.34
N THR A 355 -32.27 -22.54 17.79
CA THR A 355 -31.55 -22.58 16.53
C THR A 355 -32.31 -21.90 15.42
N SER A 356 -33.58 -22.31 15.24
CA SER A 356 -34.45 -21.80 14.20
C SER A 356 -34.59 -20.29 14.31
N LEU A 357 -34.83 -19.85 15.53
CA LEU A 357 -35.07 -18.47 15.82
C LEU A 357 -33.83 -17.64 15.64
N VAL A 358 -32.72 -18.10 16.18
CA VAL A 358 -31.43 -17.45 16.02
C VAL A 358 -31.07 -17.21 14.58
N PHE A 359 -31.29 -18.21 13.75
CA PHE A 359 -31.18 -18.07 12.33
C PHE A 359 -32.05 -16.89 11.83
N SER A 360 -33.31 -16.85 12.28
CA SER A 360 -34.25 -15.77 11.94
C SER A 360 -33.89 -14.36 12.44
N MET A 361 -33.43 -14.23 13.69
CA MET A 361 -33.28 -12.91 14.33
C MET A 361 -32.36 -11.96 13.61
N LYS A 362 -32.79 -10.71 13.48
CA LYS A 362 -32.01 -9.69 12.79
C LYS A 362 -31.57 -8.56 13.73
N PRO A 363 -30.32 -8.10 13.64
CA PRO A 363 -29.82 -7.09 14.57
C PRO A 363 -30.03 -5.67 14.05
N MET A 364 -30.78 -4.89 14.82
CA MET A 364 -31.17 -3.54 14.45
C MET A 364 -30.67 -2.51 15.46
N ILE A 365 -30.22 -1.36 14.96
CA ILE A 365 -29.72 -0.31 15.83
C ILE A 365 -30.60 0.90 15.87
N PHE A 366 -30.93 1.34 17.08
CA PHE A 366 -31.74 2.52 17.27
C PHE A 366 -30.96 3.56 18.01
N LEU A 367 -31.27 4.81 17.75
CA LEU A 367 -30.58 5.91 18.39
C LEU A 367 -31.44 6.52 19.47
N GLU A 368 -30.81 7.34 20.31
CA GLU A 368 -31.49 7.97 21.44
C GLU A 368 -32.70 8.76 20.99
N GLY A 369 -33.86 8.45 21.56
CA GLY A 369 -35.08 9.19 21.28
C GLY A 369 -35.96 8.50 20.26
N ASP A 370 -35.42 7.50 19.56
CA ASP A 370 -36.18 6.89 18.47
C ASP A 370 -37.51 6.33 18.92
N THR A 371 -38.56 6.72 18.25
CA THR A 371 -39.86 6.15 18.50
C THR A 371 -39.94 4.80 17.82
N ILE A 372 -39.49 3.79 18.54
CA ILE A 372 -39.41 2.44 18.04
C ILE A 372 -40.81 1.96 17.74
N PHE A 373 -41.70 2.08 18.72
CA PHE A 373 -43.12 1.78 18.49
C PHE A 373 -43.90 3.05 18.58
N ARG A 374 -44.91 3.17 17.76
CA ARG A 374 -45.88 4.21 17.98
C ARG A 374 -47.23 3.63 18.32
N ARG A 375 -47.70 3.97 19.50
CA ARG A 375 -49.02 3.59 19.98
C ARG A 375 -50.10 3.86 18.96
N GLY A 376 -50.85 2.82 18.60
CA GLY A 376 -51.95 2.92 17.69
C GLY A 376 -51.60 2.31 16.34
N GLU A 377 -50.31 2.19 16.06
CA GLU A 377 -49.89 1.72 14.75
C GLU A 377 -49.74 0.21 14.73
N LYS A 378 -50.06 -0.39 13.59
CA LYS A 378 -49.98 -1.84 13.47
C LYS A 378 -48.57 -2.33 13.76
N GLY A 379 -48.45 -3.26 14.68
CA GLY A 379 -47.13 -3.78 15.02
C GLY A 379 -46.90 -5.14 14.43
N ASP A 380 -45.75 -5.30 13.78
CA ASP A 380 -45.46 -6.53 13.05
C ASP A 380 -44.05 -7.09 13.30
N ASP A 381 -43.55 -6.96 14.54
CA ASP A 381 -42.20 -7.43 14.88
C ASP A 381 -41.91 -7.44 16.40
N LEU A 382 -41.15 -8.44 16.88
CA LEU A 382 -40.69 -8.49 18.29
C LEU A 382 -39.29 -7.98 18.42
N TYR A 383 -39.07 -7.15 19.42
CA TYR A 383 -37.82 -6.50 19.64
C TYR A 383 -37.15 -6.99 20.90
N ILE A 384 -36.06 -7.71 20.74
CA ILE A 384 -35.40 -8.28 21.90
C ILE A 384 -34.18 -7.44 22.25
N LEU A 385 -34.22 -6.81 23.40
CA LEU A 385 -33.21 -5.82 23.68
C LEU A 385 -31.94 -6.45 24.14
N SER A 386 -30.98 -6.52 23.23
CA SER A 386 -29.64 -6.97 23.57
C SER A 386 -28.96 -5.98 24.47
N GLU A 387 -28.87 -4.74 23.99
CA GLU A 387 -28.13 -3.71 24.69
C GLU A 387 -28.86 -2.38 24.68
N GLY A 388 -28.90 -1.68 25.80
CA GLY A 388 -29.43 -0.33 25.82
C GLY A 388 -30.62 -0.17 26.74
N SER A 389 -31.15 1.05 26.82
CA SER A 389 -32.34 1.33 27.62
C SER A 389 -33.48 1.86 26.77
N VAL A 390 -34.67 1.36 27.07
CA VAL A 390 -35.90 1.65 26.35
C VAL A 390 -37.04 2.11 27.27
N ASP A 391 -37.86 3.04 26.80
CA ASP A 391 -39.01 3.51 27.57
C ASP A 391 -40.32 3.06 26.98
N ILE A 392 -41.01 2.17 27.68
CA ILE A 392 -42.34 1.78 27.25
C ILE A 392 -43.31 2.78 27.84
N LEU A 393 -43.98 3.54 26.99
CA LEU A 393 -44.84 4.63 27.40
C LEU A 393 -46.28 4.38 27.04
N ASP A 394 -47.20 4.69 27.93
CA ASP A 394 -48.59 4.57 27.53
C ASP A 394 -49.04 5.76 26.71
N SER A 395 -50.36 5.96 26.65
CA SER A 395 -51.05 7.10 26.04
C SER A 395 -50.29 8.43 26.07
N ASP A 396 -49.90 8.84 27.27
CA ASP A 396 -49.40 10.20 27.51
C ASP A 396 -47.96 10.42 27.11
N GLU A 397 -47.26 9.35 26.71
CA GLU A 397 -45.87 9.43 26.30
C GLU A 397 -44.95 9.94 27.41
N LYS A 398 -45.34 9.69 28.65
CA LYS A 398 -44.58 10.07 29.83
C LYS A 398 -44.56 8.94 30.82
N THR A 399 -45.69 8.28 30.97
CA THR A 399 -45.80 7.17 31.88
C THR A 399 -44.99 6.00 31.40
N ILE A 400 -43.76 5.94 31.88
CA ILE A 400 -42.92 4.82 31.58
C ILE A 400 -43.46 3.58 32.23
N LEU A 401 -44.25 2.86 31.45
CA LEU A 401 -44.80 1.57 31.80
C LEU A 401 -43.68 0.62 32.17
N LEU A 402 -42.59 0.70 31.42
CA LEU A 402 -41.45 -0.13 31.70
C LEU A 402 -40.16 0.47 31.23
N SER A 403 -39.21 0.59 32.13
CA SER A 403 -37.84 0.89 31.74
C SER A 403 -37.22 -0.40 31.32
N LEU A 404 -37.19 -0.62 30.03
CA LEU A 404 -36.90 -1.91 29.47
C LEU A 404 -35.42 -1.99 29.14
N GLN A 405 -34.77 -3.03 29.67
CA GLN A 405 -33.33 -3.10 29.63
C GLN A 405 -32.84 -4.37 28.96
N GLU A 406 -31.53 -4.58 29.02
CA GLU A 406 -30.90 -5.73 28.42
C GLU A 406 -31.50 -7.02 28.90
N GLY A 407 -31.98 -7.81 27.95
CA GLY A 407 -32.55 -9.10 28.26
C GLY A 407 -34.06 -9.06 28.22
N GLN A 408 -34.61 -7.86 28.17
CA GLN A 408 -36.03 -7.71 28.02
C GLN A 408 -36.39 -7.69 26.57
N PHE A 409 -37.67 -7.64 26.33
CA PHE A 409 -38.24 -7.90 25.04
C PHE A 409 -39.56 -7.24 24.95
N PHE A 410 -39.88 -6.72 23.77
CA PHE A 410 -41.10 -5.98 23.59
C PHE A 410 -41.64 -6.04 22.19
N GLY A 411 -42.95 -5.89 22.08
CA GLY A 411 -43.63 -6.04 20.82
C GLY A 411 -44.56 -7.22 20.86
N GLU A 412 -44.38 -8.06 21.88
CA GLU A 412 -45.11 -9.31 22.05
C GLU A 412 -46.60 -9.10 22.23
N LEU A 413 -46.98 -8.00 22.88
CA LEU A 413 -48.40 -7.76 23.10
C LEU A 413 -49.11 -7.61 21.78
N ALA A 414 -48.63 -6.71 20.95
CA ALA A 414 -49.24 -6.51 19.65
C ALA A 414 -49.09 -7.70 18.75
N LEU A 415 -48.00 -8.45 18.87
CA LEU A 415 -47.79 -9.47 17.88
C LEU A 415 -48.62 -10.70 18.22
N VAL A 416 -48.66 -11.07 19.49
CA VAL A 416 -49.54 -12.14 19.93
C VAL A 416 -51.00 -11.80 19.81
N MET A 417 -51.35 -10.53 20.05
CA MET A 417 -52.74 -10.11 19.91
C MET A 417 -53.12 -9.73 18.47
N ASP A 418 -52.19 -9.82 17.52
CA ASP A 418 -52.45 -9.41 16.14
C ASP A 418 -53.00 -7.99 16.09
N ALA A 419 -52.40 -7.10 16.87
CA ALA A 419 -52.98 -5.80 17.13
C ALA A 419 -52.03 -4.69 16.71
N PRO A 420 -52.49 -3.46 16.90
CA PRO A 420 -51.69 -2.26 16.93
C PRO A 420 -50.97 -2.14 18.23
N ARG A 421 -49.84 -1.47 18.21
CA ARG A 421 -49.10 -1.21 19.41
C ARG A 421 -50.02 -0.49 20.36
N SER A 422 -50.25 -1.06 21.52
CA SER A 422 -51.15 -0.39 22.45
C SER A 422 -50.37 0.58 23.36
N ALA A 423 -49.05 0.69 23.11
CA ALA A 423 -48.17 1.61 23.80
C ALA A 423 -47.05 2.04 22.86
N THR A 424 -46.41 3.15 23.21
CA THR A 424 -45.33 3.76 22.44
C THR A 424 -44.01 3.38 23.02
N VAL A 425 -43.03 3.15 22.19
CA VAL A 425 -41.75 2.75 22.71
C VAL A 425 -40.64 3.62 22.20
N ARG A 426 -39.93 4.23 23.15
CA ARG A 426 -38.86 5.14 22.83
C ARG A 426 -37.52 4.59 23.22
N ALA A 427 -36.52 4.81 22.40
CA ALA A 427 -35.18 4.49 22.80
C ALA A 427 -34.69 5.52 23.79
N THR A 428 -34.21 5.07 24.94
CA THR A 428 -33.57 6.00 25.86
C THR A 428 -32.22 6.31 25.30
N THR A 429 -31.46 5.24 25.11
CA THR A 429 -30.10 5.31 24.66
C THR A 429 -30.00 4.79 23.23
N THR A 430 -28.77 4.55 22.79
CA THR A 430 -28.56 3.76 21.61
C THR A 430 -28.93 2.33 21.95
N CYS A 431 -29.61 1.64 21.05
CA CYS A 431 -30.11 0.33 21.40
C CYS A 431 -29.81 -0.73 20.36
N GLU A 432 -29.30 -1.87 20.83
CA GLU A 432 -29.09 -3.02 19.98
C GLU A 432 -30.19 -4.02 20.21
N ILE A 433 -30.98 -4.23 19.18
CA ILE A 433 -32.15 -5.04 19.28
C ILE A 433 -32.23 -6.12 18.24
N TYR A 434 -32.58 -7.32 18.65
CA TYR A 434 -32.79 -8.36 17.68
C TYR A 434 -34.25 -8.44 17.34
N THR A 435 -34.54 -8.36 16.06
CA THR A 435 -35.89 -8.23 15.64
C THR A 435 -36.42 -9.49 15.01
N LEU A 436 -37.66 -9.80 15.32
CA LEU A 436 -38.34 -10.97 14.82
C LEU A 436 -39.62 -10.58 14.13
N SER A 437 -39.63 -10.62 12.81
CA SER A 437 -40.84 -10.25 12.09
C SER A 437 -41.99 -11.15 12.48
N LYS A 438 -43.18 -10.58 12.47
CA LYS A 438 -44.42 -11.32 12.69
C LYS A 438 -44.51 -12.59 11.88
N THR A 439 -44.01 -12.55 10.64
CA THR A 439 -44.07 -13.73 9.78
C THR A 439 -43.25 -14.85 10.38
N ASP A 440 -42.01 -14.54 10.72
CA ASP A 440 -41.11 -15.51 11.32
C ASP A 440 -41.61 -15.92 12.69
N PHE A 441 -42.03 -14.94 13.47
CA PHE A 441 -42.61 -15.14 14.78
C PHE A 441 -43.75 -16.13 14.76
N ASP A 442 -44.67 -15.92 13.84
CA ASP A 442 -45.81 -16.80 13.75
C ASP A 442 -45.44 -18.15 13.24
N ASN A 443 -44.59 -18.22 12.22
CA ASN A 443 -44.18 -19.51 11.70
C ASN A 443 -43.43 -20.33 12.73
N VAL A 444 -42.48 -19.68 13.39
CA VAL A 444 -41.69 -20.28 14.44
C VAL A 444 -42.57 -20.73 15.59
N LEU A 445 -43.42 -19.86 16.10
CA LEU A 445 -44.21 -20.23 17.26
C LEU A 445 -45.51 -20.95 16.87
N LYS A 446 -45.80 -21.02 15.58
CA LYS A 446 -46.76 -21.97 15.10
C LYS A 446 -46.24 -23.36 15.34
N ARG A 447 -45.00 -23.58 14.92
CA ARG A 447 -44.31 -24.83 15.20
C ARG A 447 -44.15 -25.01 16.68
N PHE A 448 -43.54 -24.03 17.32
CA PHE A 448 -43.29 -24.07 18.74
C PHE A 448 -44.42 -23.47 19.52
N SER A 449 -45.59 -24.10 19.40
CA SER A 449 -46.84 -23.65 19.99
C SER A 449 -46.79 -23.66 21.51
N GLN A 450 -45.92 -24.48 22.09
CA GLN A 450 -45.70 -24.49 23.52
C GLN A 450 -44.90 -23.26 23.96
N PHE A 451 -44.17 -22.66 23.02
CA PHE A 451 -43.42 -21.46 23.28
C PHE A 451 -44.14 -20.28 22.67
N ARG A 452 -45.23 -20.59 21.97
CA ARG A 452 -46.24 -19.60 21.69
C ARG A 452 -47.10 -19.40 22.90
N SER A 453 -47.39 -20.50 23.61
CA SER A 453 -48.13 -20.51 24.85
C SER A 453 -47.34 -19.85 25.97
N ALA A 454 -46.06 -20.22 26.09
CA ALA A 454 -45.15 -19.39 26.86
C ALA A 454 -45.04 -17.90 27.05
N ILE A 455 -45.02 -17.13 25.98
CA ILE A 455 -44.68 -15.70 26.07
C ILE A 455 -46.13 -15.19 26.10
N GLU A 456 -47.05 -15.86 25.39
CA GLU A 456 -48.48 -15.54 25.43
C GLU A 456 -49.02 -15.49 26.85
N GLU A 457 -48.56 -16.39 27.70
CA GLU A 457 -48.79 -16.30 29.13
C GLU A 457 -48.55 -14.88 29.62
N SER A 458 -47.30 -14.43 29.51
CA SER A 458 -46.89 -13.13 30.00
C SER A 458 -47.63 -12.00 29.32
N VAL A 459 -47.92 -12.18 28.02
CA VAL A 459 -48.64 -11.19 27.20
C VAL A 459 -49.89 -10.63 27.84
N ALA A 460 -50.54 -11.41 28.71
CA ALA A 460 -51.70 -10.94 29.47
C ALA A 460 -51.46 -9.57 30.14
N HIS A 461 -50.20 -9.24 30.45
CA HIS A 461 -49.87 -7.98 31.08
C HIS A 461 -48.60 -7.34 30.51
N ARG B 38 15.51 -15.23 -25.70
CA ARG B 38 16.36 -15.24 -24.51
C ARG B 38 17.84 -15.10 -24.87
N ILE B 39 18.20 -15.64 -26.01
CA ILE B 39 19.57 -15.55 -26.50
C ILE B 39 19.96 -14.09 -26.74
N ARG B 40 19.04 -13.33 -27.32
CA ARG B 40 19.21 -11.90 -27.51
C ARG B 40 19.54 -11.22 -26.19
N VAL B 41 18.90 -11.67 -25.13
CA VAL B 41 19.17 -11.17 -23.80
C VAL B 41 20.55 -11.60 -23.32
N TYR B 42 20.92 -12.84 -23.63
CA TYR B 42 22.25 -13.31 -23.28
C TYR B 42 23.31 -12.44 -23.94
N TRP B 43 23.04 -12.02 -25.17
CA TRP B 43 23.92 -11.11 -25.88
C TRP B 43 24.04 -9.79 -25.15
N ASP B 44 22.92 -9.28 -24.64
CA ASP B 44 22.92 -8.05 -23.88
C ASP B 44 23.85 -8.15 -22.70
N ILE B 45 23.76 -9.27 -21.98
CA ILE B 45 24.56 -9.47 -20.80
C ILE B 45 26.04 -9.34 -21.11
N LEU B 46 26.47 -10.00 -22.17
CA LEU B 46 27.86 -9.91 -22.59
C LEU B 46 28.28 -8.47 -22.84
N VAL B 47 27.50 -7.77 -23.65
CA VAL B 47 27.79 -6.39 -24.00
C VAL B 47 27.88 -5.51 -22.77
N PHE B 48 26.91 -5.67 -21.88
CA PHE B 48 26.85 -4.92 -20.64
C PHE B 48 28.13 -5.06 -19.86
N ILE B 49 28.56 -6.30 -19.67
CA ILE B 49 29.78 -6.58 -18.93
C ILE B 49 30.97 -5.89 -19.56
N CYS B 50 31.07 -5.99 -20.87
CA CYS B 50 32.16 -5.38 -21.61
C CYS B 50 32.23 -3.88 -21.36
N ILE B 51 31.07 -3.23 -21.43
CA ILE B 51 30.98 -1.80 -21.20
C ILE B 51 31.49 -1.45 -19.82
N PHE B 52 31.04 -2.20 -18.84
CA PHE B 52 31.44 -1.99 -17.47
C PHE B 52 32.93 -2.05 -17.32
N TRP B 53 33.53 -3.11 -17.82
CA TRP B 53 34.97 -3.26 -17.73
C TRP B 53 35.68 -2.05 -18.32
N ALA B 54 35.25 -1.65 -19.52
CA ALA B 54 35.86 -0.53 -20.22
C ALA B 54 35.80 0.76 -19.40
N SER B 55 34.67 0.99 -18.74
CA SER B 55 34.46 2.20 -17.94
C SER B 55 35.37 2.26 -16.72
N LEU B 56 35.97 1.13 -16.36
CA LEU B 56 36.89 1.06 -15.25
C LEU B 56 38.31 1.29 -15.73
N GLU B 57 38.59 0.80 -16.93
CA GLU B 57 39.92 0.90 -17.52
C GLU B 57 40.22 2.29 -18.05
N SER B 58 39.21 2.92 -18.63
CA SER B 58 39.34 4.26 -19.18
C SER B 58 39.98 5.36 -18.29
N PRO B 59 39.33 5.70 -17.15
CA PRO B 59 39.73 6.81 -16.27
C PRO B 59 41.13 6.57 -15.67
N LEU B 60 41.57 5.32 -15.63
CA LEU B 60 42.88 4.96 -15.09
C LEU B 60 44.04 5.50 -15.93
N ARG B 61 43.74 5.90 -17.17
CA ARG B 61 44.78 6.35 -18.10
C ARG B 61 45.88 7.30 -17.62
N ILE B 62 45.52 8.19 -16.72
CA ILE B 62 46.41 9.16 -16.08
C ILE B 62 47.63 8.81 -15.25
N VAL B 63 47.72 7.55 -14.83
CA VAL B 63 48.81 7.11 -14.02
C VAL B 63 49.01 5.60 -14.10
N LEU B 70 50.24 -5.66 -24.01
CA LEU B 70 50.00 -6.52 -25.16
C LEU B 70 48.65 -7.19 -25.09
N LEU B 71 48.51 -8.15 -24.18
CA LEU B 71 47.26 -8.84 -23.99
C LEU B 71 46.11 -7.87 -23.85
N LEU B 72 46.33 -6.82 -23.04
CA LEU B 72 45.36 -5.76 -22.86
C LEU B 72 44.89 -5.21 -24.20
N THR B 73 45.84 -4.96 -25.09
CA THR B 73 45.50 -4.48 -26.42
C THR B 73 44.60 -5.49 -27.12
N CYS B 74 44.95 -6.77 -27.01
CA CYS B 74 44.14 -7.83 -27.61
C CYS B 74 42.75 -7.88 -26.99
N ILE B 75 42.67 -7.60 -25.69
CA ILE B 75 41.38 -7.55 -25.03
C ILE B 75 40.51 -6.49 -25.64
N TYR B 76 41.09 -5.32 -25.91
CA TYR B 76 40.35 -4.24 -26.54
C TYR B 76 39.85 -4.65 -27.91
N PHE B 77 40.65 -5.44 -28.63
CA PHE B 77 40.22 -5.94 -29.93
C PHE B 77 38.94 -6.72 -29.77
N PHE B 78 38.93 -7.57 -28.76
CA PHE B 78 37.77 -8.37 -28.47
C PHE B 78 36.56 -7.50 -28.15
N ILE B 79 36.77 -6.52 -27.29
CA ILE B 79 35.70 -5.61 -26.88
C ILE B 79 34.98 -5.03 -28.09
N ASP B 80 35.74 -4.37 -28.95
CA ASP B 80 35.20 -3.74 -30.13
C ASP B 80 34.59 -4.73 -31.07
N PHE B 81 35.24 -5.87 -31.19
CA PHE B 81 34.74 -6.96 -32.00
C PHE B 81 33.33 -7.32 -31.56
N VAL B 82 33.17 -7.50 -30.25
CA VAL B 82 31.85 -7.79 -29.69
C VAL B 82 30.86 -6.69 -30.04
N PHE B 83 31.30 -5.44 -29.91
CA PHE B 83 30.45 -4.32 -30.23
C PHE B 83 30.08 -4.31 -31.72
N ALA B 84 31.01 -4.75 -32.57
CA ALA B 84 30.74 -4.86 -33.99
C ALA B 84 29.65 -5.88 -34.24
N LEU B 85 29.70 -6.98 -33.50
CA LEU B 85 28.67 -7.99 -33.61
C LEU B 85 27.33 -7.42 -33.16
N ASP B 86 27.36 -6.55 -32.16
CA ASP B 86 26.16 -5.87 -31.70
C ASP B 86 25.54 -5.04 -32.80
N ILE B 87 26.37 -4.31 -33.52
CA ILE B 87 25.88 -3.57 -34.66
C ILE B 87 25.13 -4.50 -35.60
N LEU B 88 25.69 -5.68 -35.84
CA LEU B 88 25.03 -6.69 -36.66
C LEU B 88 23.75 -7.18 -36.03
N TRP B 89 23.75 -7.31 -34.70
CA TRP B 89 22.54 -7.69 -33.99
C TRP B 89 21.47 -6.62 -34.21
N ASN B 90 21.89 -5.37 -34.39
CA ASN B 90 20.92 -4.28 -34.64
C ASN B 90 20.47 -4.20 -36.06
N GLY B 114 19.48 4.42 -36.50
CA GLY B 114 19.93 5.74 -36.91
C GLY B 114 21.00 6.27 -35.96
N SER B 115 20.58 7.09 -35.00
CA SER B 115 21.52 7.62 -34.02
C SER B 115 22.11 6.49 -33.20
N TRP B 116 21.32 5.45 -32.96
CA TRP B 116 21.78 4.29 -32.22
C TRP B 116 22.87 3.56 -32.98
N PHE B 117 22.73 3.51 -34.30
CA PHE B 117 23.75 2.95 -35.15
C PHE B 117 25.03 3.72 -34.99
N ILE B 118 24.92 5.05 -35.06
CA ILE B 118 26.06 5.94 -34.90
C ILE B 118 26.74 5.72 -33.55
N ILE B 119 25.93 5.65 -32.50
CA ILE B 119 26.44 5.42 -31.15
C ILE B 119 27.24 4.14 -31.06
N ASP B 120 26.64 3.04 -31.50
CA ASP B 120 27.32 1.75 -31.49
C ASP B 120 28.56 1.78 -32.32
N LEU B 121 28.44 2.36 -33.52
CA LEU B 121 29.56 2.49 -34.41
C LEU B 121 30.72 3.11 -33.69
N ILE B 122 30.50 4.28 -33.09
CA ILE B 122 31.53 5.01 -32.37
C ILE B 122 32.24 4.17 -31.33
N ALA B 123 31.46 3.49 -30.50
CA ALA B 123 32.00 2.65 -29.46
C ALA B 123 32.82 1.51 -30.04
N ALA B 124 32.42 1.02 -31.19
CA ALA B 124 33.10 -0.09 -31.82
C ALA B 124 34.33 0.34 -32.62
N LEU B 125 34.63 1.63 -32.66
CA LEU B 125 35.76 2.09 -33.45
C LEU B 125 37.08 1.83 -32.73
N PRO B 126 37.89 0.89 -33.26
CA PRO B 126 39.20 0.50 -32.73
C PRO B 126 40.23 1.64 -32.73
N LEU B 127 39.91 2.69 -32.00
CA LEU B 127 40.79 3.83 -31.83
C LEU B 127 42.20 4.24 -31.49
N GLU B 128 42.60 3.96 -30.25
CA GLU B 128 43.93 4.33 -29.76
C GLU B 128 44.96 3.44 -30.45
N TYR B 129 44.69 2.15 -30.47
CA TYR B 129 45.57 1.21 -31.15
C TYR B 129 45.76 1.60 -32.59
N ALA B 130 44.69 1.83 -33.32
CA ALA B 130 44.78 2.23 -34.70
C ALA B 130 45.68 3.45 -34.84
N THR B 131 45.38 4.46 -34.02
CA THR B 131 46.14 5.70 -34.08
C THR B 131 47.58 5.50 -33.65
N THR B 132 47.81 4.52 -32.79
CA THR B 132 49.16 4.19 -32.35
C THR B 132 49.96 3.63 -33.52
N THR B 133 49.32 2.73 -34.27
CA THR B 133 49.98 2.12 -35.42
C THR B 133 50.12 3.11 -36.57
N ILE B 134 49.20 4.07 -36.64
CA ILE B 134 49.31 5.12 -37.63
C ILE B 134 50.49 6.02 -37.33
N PHE B 135 50.64 6.39 -36.07
CA PHE B 135 51.72 7.28 -35.66
C PHE B 135 52.69 6.55 -34.74
N TYR B 144 47.34 10.44 -22.46
CA TYR B 144 46.34 11.46 -22.22
C TYR B 144 45.28 11.46 -23.29
N LEU B 145 45.71 11.46 -24.54
CA LEU B 145 44.78 11.43 -25.64
C LEU B 145 44.04 10.11 -25.65
N TYR B 146 44.73 9.04 -25.27
CA TYR B 146 44.09 7.73 -25.20
C TYR B 146 43.01 7.72 -24.14
N LEU B 147 43.27 8.40 -23.02
CA LEU B 147 42.26 8.59 -21.99
C LEU B 147 41.04 9.22 -22.58
N LEU B 148 41.25 10.29 -23.33
CA LEU B 148 40.16 10.99 -23.96
C LEU B 148 39.41 10.08 -24.91
N LEU B 149 40.13 9.28 -25.68
CA LEU B 149 39.50 8.38 -26.64
C LEU B 149 38.66 7.31 -25.97
N GLY B 150 39.05 6.92 -24.76
CA GLY B 150 38.32 5.91 -24.00
C GLY B 150 36.82 6.23 -23.87
N VAL B 151 36.46 7.52 -23.89
CA VAL B 151 35.07 7.94 -23.74
C VAL B 151 34.16 7.36 -24.82
N THR B 152 34.74 7.02 -25.96
CA THR B 152 33.98 6.51 -27.10
C THR B 152 33.21 5.25 -26.77
N ARG B 153 33.70 4.48 -25.81
CA ARG B 153 33.03 3.25 -25.42
C ARG B 153 32.07 3.46 -24.26
N ILE B 154 32.14 4.63 -23.64
CA ILE B 154 31.29 4.91 -22.50
C ILE B 154 29.91 5.32 -22.92
N LEU B 155 29.83 6.26 -23.85
CA LEU B 155 28.56 6.80 -24.34
C LEU B 155 27.49 5.71 -24.55
N LYS B 156 27.87 4.62 -25.21
CA LYS B 156 26.99 3.51 -25.54
C LYS B 156 26.07 3.07 -24.39
N VAL B 157 26.56 3.23 -23.15
CA VAL B 157 25.84 2.78 -21.96
C VAL B 157 24.35 3.17 -21.93
N PHE B 158 23.99 4.26 -22.61
CA PHE B 158 22.62 4.75 -22.61
C PHE B 158 21.60 3.70 -23.07
N ARG B 159 22.02 2.81 -23.96
CA ARG B 159 21.15 1.77 -24.50
C ARG B 159 20.59 0.80 -23.44
N ILE B 160 21.10 0.89 -22.22
CA ILE B 160 20.60 0.07 -21.12
C ILE B 160 19.09 0.18 -20.94
N SER B 161 18.52 1.33 -21.32
CA SER B 161 17.09 1.55 -21.20
C SER B 161 16.27 0.51 -21.96
N ASP B 162 16.84 -0.05 -23.01
CA ASP B 162 16.15 -1.04 -23.82
C ASP B 162 16.54 -2.43 -23.38
N ILE B 163 17.78 -2.56 -22.95
CA ILE B 163 18.27 -3.82 -22.44
C ILE B 163 17.43 -4.29 -21.27
N LEU B 164 17.14 -3.37 -20.36
CA LEU B 164 16.35 -3.66 -19.16
C LEU B 164 14.98 -4.18 -19.52
N GLN B 165 14.37 -3.59 -20.52
CA GLN B 165 13.06 -4.01 -20.95
C GLN B 165 13.11 -5.47 -21.35
N ARG B 166 14.10 -5.79 -22.17
CA ARG B 166 14.26 -7.15 -22.66
C ARG B 166 14.52 -8.12 -21.51
N ILE B 167 15.31 -7.68 -20.53
CA ILE B 167 15.61 -8.51 -19.37
C ILE B 167 14.36 -8.85 -18.60
N ASN B 168 13.55 -7.84 -18.32
CA ASN B 168 12.32 -8.07 -17.59
C ASN B 168 11.43 -9.02 -18.38
N LEU B 169 11.31 -8.77 -19.68
CA LEU B 169 10.50 -9.63 -20.53
C LEU B 169 10.98 -11.05 -20.45
N ALA B 170 12.29 -11.22 -20.39
CA ALA B 170 12.89 -12.53 -20.30
C ALA B 170 12.56 -13.25 -19.01
N PHE B 171 12.69 -12.58 -17.88
CA PHE B 171 12.60 -13.29 -16.60
C PHE B 171 11.40 -12.91 -15.77
N GLN B 172 11.02 -11.64 -15.82
CA GLN B 172 9.87 -11.15 -15.07
C GLN B 172 10.03 -11.31 -13.55
N PRO B 173 10.87 -10.48 -12.92
CA PRO B 173 11.15 -10.59 -11.48
C PRO B 173 10.41 -9.51 -10.71
N THR B 174 10.52 -9.56 -9.38
CA THR B 174 9.81 -8.61 -8.55
C THR B 174 10.47 -7.24 -8.81
N PRO B 175 9.66 -6.21 -9.13
CA PRO B 175 10.11 -4.80 -9.29
C PRO B 175 10.99 -4.42 -8.12
N GLY B 176 12.09 -3.74 -8.41
CA GLY B 176 13.00 -3.30 -7.39
C GLY B 176 14.28 -4.12 -7.43
N ILE B 177 14.14 -5.41 -7.69
CA ILE B 177 15.30 -6.27 -7.75
C ILE B 177 16.25 -5.77 -8.82
N LEU B 178 15.69 -5.45 -9.98
CA LEU B 178 16.48 -4.93 -11.07
C LEU B 178 17.06 -3.57 -10.70
N ARG B 179 16.29 -2.77 -9.98
CA ARG B 179 16.77 -1.47 -9.55
C ARG B 179 17.99 -1.63 -8.67
N LEU B 180 17.92 -2.58 -7.75
CA LEU B 180 19.02 -2.86 -6.85
C LEU B 180 20.29 -3.12 -7.63
N VAL B 181 20.20 -3.98 -8.63
CA VAL B 181 21.32 -4.31 -9.47
C VAL B 181 21.92 -3.06 -10.12
N LEU B 182 21.03 -2.23 -10.66
CA LEU B 182 21.46 -1.01 -11.32
C LEU B 182 22.19 -0.08 -10.37
N PHE B 183 21.68 0.04 -9.15
CA PHE B 183 22.31 0.92 -8.19
C PHE B 183 23.68 0.43 -7.82
N ALA B 184 23.82 -0.88 -7.67
CA ALA B 184 25.12 -1.46 -7.36
C ALA B 184 26.10 -1.11 -8.47
N PHE B 185 25.64 -1.27 -9.70
CA PHE B 185 26.43 -0.94 -10.86
C PHE B 185 26.88 0.51 -10.87
N TRP B 186 25.93 1.41 -10.73
CA TRP B 186 26.24 2.83 -10.79
C TRP B 186 27.12 3.27 -9.66
N ALA B 187 26.79 2.82 -8.46
CA ALA B 187 27.54 3.18 -7.28
C ALA B 187 29.00 2.81 -7.44
N THR B 188 29.23 1.61 -7.95
CA THR B 188 30.58 1.13 -8.18
C THR B 188 31.36 2.11 -9.01
N LEU B 189 30.78 2.51 -10.14
CA LEU B 189 31.43 3.44 -11.06
C LEU B 189 31.70 4.78 -10.41
N VAL B 190 30.74 5.25 -9.64
CA VAL B 190 30.87 6.52 -8.98
C VAL B 190 32.07 6.53 -8.06
N ALA B 191 32.15 5.53 -7.19
CA ALA B 191 33.24 5.42 -6.25
C ALA B 191 34.57 5.47 -6.97
N HIS B 192 34.67 4.70 -8.05
CA HIS B 192 35.88 4.62 -8.81
C HIS B 192 36.28 5.97 -9.38
N TRP B 193 35.36 6.60 -10.08
CA TRP B 193 35.64 7.88 -10.70
C TRP B 193 35.94 8.96 -9.67
N CYS B 194 35.23 8.93 -8.56
CA CYS B 194 35.42 9.91 -7.49
C CYS B 194 36.82 9.83 -6.93
N ALA B 195 37.26 8.61 -6.66
CA ALA B 195 38.60 8.39 -6.14
C ALA B 195 39.63 8.92 -7.11
N VAL B 196 39.41 8.71 -8.40
CA VAL B 196 40.30 9.22 -9.42
C VAL B 196 40.37 10.73 -9.35
N GLY B 197 39.21 11.36 -9.21
CA GLY B 197 39.14 12.82 -9.12
C GLY B 197 39.95 13.30 -7.92
N TRP B 198 39.78 12.64 -6.78
CA TRP B 198 40.56 12.96 -5.60
C TRP B 198 42.03 12.89 -5.92
N LEU B 199 42.43 11.81 -6.56
CA LEU B 199 43.80 11.67 -6.93
C LEU B 199 44.23 12.81 -7.79
N TYR B 200 43.42 13.12 -8.81
CA TYR B 200 43.77 14.21 -9.73
C TYR B 200 44.15 15.46 -8.99
N VAL B 201 43.32 15.85 -8.04
CA VAL B 201 43.58 17.03 -7.24
C VAL B 201 44.91 16.93 -6.53
N ASP B 202 45.20 15.76 -5.98
CA ASP B 202 46.43 15.54 -5.26
C ASP B 202 47.56 15.05 -6.18
N ASP B 203 47.22 14.69 -7.43
CA ASP B 203 48.23 14.35 -8.43
C ASP B 203 48.94 15.61 -8.85
N LEU B 204 48.24 16.72 -8.71
CA LEU B 204 48.82 18.02 -8.95
C LEU B 204 49.83 18.38 -7.84
N LEU B 205 49.87 17.55 -6.79
CA LEU B 205 50.83 17.71 -5.71
C LEU B 205 52.02 16.76 -5.88
N ASP B 206 52.08 16.07 -7.02
CA ASP B 206 53.14 15.10 -7.26
C ASP B 206 53.33 14.82 -8.77
N TYR B 207 53.92 13.67 -9.09
CA TYR B 207 54.13 13.27 -10.47
C TYR B 207 53.29 12.05 -10.81
N GLN B 208 53.77 10.89 -10.41
CA GLN B 208 53.03 9.65 -10.62
C GLN B 208 52.83 8.92 -9.30
N THR B 209 51.88 8.01 -9.27
CA THR B 209 51.51 7.28 -8.08
C THR B 209 51.40 5.78 -8.36
N GLY B 210 51.20 5.00 -7.31
CA GLY B 210 51.08 3.56 -7.44
C GLY B 210 49.80 3.05 -6.79
N TRP B 211 49.76 1.75 -6.52
CA TRP B 211 48.57 1.12 -5.95
C TRP B 211 48.23 1.70 -4.59
N SER B 212 49.24 1.95 -3.78
CA SER B 212 49.02 2.46 -2.44
C SER B 212 48.20 3.73 -2.44
N GLU B 213 48.52 4.63 -3.36
CA GLU B 213 47.79 5.88 -3.46
C GLU B 213 46.36 5.64 -3.91
N TYR B 214 46.20 4.80 -4.92
CA TYR B 214 44.88 4.46 -5.40
C TYR B 214 44.04 3.86 -4.28
N ILE B 215 44.63 2.96 -3.52
CA ILE B 215 43.95 2.36 -2.40
C ILE B 215 43.49 3.39 -1.40
N ILE B 216 44.40 4.29 -1.04
CA ILE B 216 44.07 5.36 -0.11
C ILE B 216 42.93 6.21 -0.61
N ALA B 217 42.95 6.51 -1.90
CA ALA B 217 41.89 7.29 -2.49
C ALA B 217 40.55 6.61 -2.26
N LEU B 218 40.50 5.30 -2.47
CA LEU B 218 39.27 4.56 -2.24
C LEU B 218 38.88 4.56 -0.78
N TYR B 219 39.87 4.43 0.09
CA TYR B 219 39.62 4.45 1.51
C TYR B 219 38.84 5.69 1.90
N TRP B 220 39.35 6.84 1.49
CA TRP B 220 38.70 8.10 1.75
C TRP B 220 37.35 8.17 1.07
N THR B 221 37.32 7.79 -0.19
CA THR B 221 36.12 7.87 -1.00
C THR B 221 34.97 7.12 -0.38
N VAL B 222 35.20 5.84 -0.11
CA VAL B 222 34.17 4.98 0.46
C VAL B 222 33.75 5.44 1.83
N ALA B 223 34.71 5.77 2.67
CA ALA B 223 34.42 6.22 4.01
C ALA B 223 33.49 7.41 3.98
N THR B 224 33.71 8.29 3.01
CA THR B 224 32.88 9.46 2.86
C THR B 224 31.50 9.10 2.35
N ILE B 225 31.44 8.33 1.26
CA ILE B 225 30.16 7.97 0.65
C ILE B 225 29.25 7.20 1.59
N ALA B 226 29.85 6.32 2.37
CA ALA B 226 29.11 5.47 3.28
C ALA B 226 28.63 6.22 4.53
N THR B 227 28.97 7.51 4.63
CA THR B 227 28.57 8.39 5.74
C THR B 227 29.39 8.15 7.00
N VAL B 228 30.30 7.17 6.96
CA VAL B 228 31.11 6.82 8.12
C VAL B 228 32.00 7.96 8.54
N GLY B 229 32.98 8.29 7.71
CA GLY B 229 33.87 9.42 7.97
C GLY B 229 34.80 9.17 9.15
N TYR B 230 35.96 8.60 8.89
CA TYR B 230 36.92 8.37 9.96
C TYR B 230 37.65 9.66 10.34
N GLY B 231 37.76 10.58 9.39
CA GLY B 231 38.44 11.85 9.67
C GLY B 231 39.95 11.73 9.52
N ASP B 232 40.40 10.62 8.96
CA ASP B 232 41.82 10.38 8.78
C ASP B 232 42.41 11.28 7.73
N ILE B 233 41.64 11.51 6.69
CA ILE B 233 42.08 12.33 5.57
C ILE B 233 41.16 13.50 5.37
N THR B 234 41.75 14.68 5.20
CA THR B 234 40.97 15.89 5.00
C THR B 234 41.66 16.87 4.06
N PRO B 235 40.89 17.82 3.55
CA PRO B 235 41.36 18.88 2.66
C PRO B 235 42.30 19.84 3.35
N SER B 236 43.16 20.47 2.57
CA SER B 236 44.07 21.47 3.10
C SER B 236 43.86 22.79 2.40
N THR B 237 43.57 22.73 1.11
CA THR B 237 43.27 23.91 0.32
C THR B 237 41.79 24.04 0.12
N ASP B 238 41.35 25.24 -0.19
CA ASP B 238 39.94 25.46 -0.45
C ASP B 238 39.48 24.62 -1.62
N SER B 239 40.33 24.53 -2.64
CA SER B 239 40.04 23.69 -3.80
C SER B 239 39.59 22.31 -3.35
N GLN B 240 40.42 21.70 -2.51
CA GLN B 240 40.14 20.37 -2.00
C GLN B 240 38.85 20.35 -1.19
N ARG B 241 38.65 21.37 -0.37
CA ARG B 241 37.45 21.49 0.43
C ARG B 241 36.22 21.50 -0.44
N ILE B 242 36.28 22.24 -1.53
CA ILE B 242 35.17 22.35 -2.44
C ILE B 242 34.82 21.01 -3.03
N TYR B 243 35.83 20.32 -3.55
CA TYR B 243 35.64 19.00 -4.11
C TYR B 243 35.01 18.08 -3.09
N THR B 244 35.55 18.11 -1.89
CA THR B 244 35.03 17.30 -0.81
C THR B 244 33.55 17.54 -0.60
N ILE B 245 33.15 18.81 -0.56
CA ILE B 245 31.76 19.14 -0.37
C ILE B 245 30.89 18.54 -1.45
N PHE B 246 31.35 18.67 -2.69
CA PHE B 246 30.67 18.06 -3.81
C PHE B 246 30.47 16.58 -3.59
N VAL B 247 31.55 15.89 -3.23
CA VAL B 247 31.50 14.45 -3.01
C VAL B 247 30.53 14.09 -1.91
N MET B 248 30.60 14.81 -0.80
CA MET B 248 29.75 14.50 0.34
C MET B 248 28.28 14.52 -0.05
N ILE B 249 27.90 15.53 -0.83
CA ILE B 249 26.52 15.66 -1.27
C ILE B 249 26.10 14.47 -2.09
N LEU B 250 26.89 14.15 -3.11
CA LEU B 250 26.57 13.06 -4.00
C LEU B 250 26.49 11.73 -3.27
N GLY B 251 27.53 11.42 -2.52
CA GLY B 251 27.63 10.16 -1.81
C GLY B 251 26.44 9.95 -0.88
N ALA B 252 26.06 10.99 -0.16
CA ALA B 252 24.92 10.93 0.73
C ALA B 252 23.67 10.53 -0.02
N GLY B 253 23.45 11.18 -1.16
CA GLY B 253 22.28 10.89 -1.98
C GLY B 253 22.27 9.45 -2.42
N VAL B 254 23.41 8.94 -2.85
CA VAL B 254 23.50 7.57 -3.30
C VAL B 254 23.03 6.62 -2.22
N TYR B 255 23.60 6.77 -1.03
CA TYR B 255 23.26 5.92 0.09
C TYR B 255 21.76 5.92 0.35
N ALA B 256 21.17 7.10 0.28
CA ALA B 256 19.74 7.23 0.49
C ALA B 256 18.95 6.39 -0.51
N THR B 257 19.34 6.42 -1.77
CA THR B 257 18.62 5.68 -2.80
C THR B 257 18.75 4.19 -2.60
N VAL B 258 19.88 3.77 -2.04
CA VAL B 258 20.07 2.36 -1.72
C VAL B 258 19.02 1.90 -0.75
N ILE B 259 18.81 2.69 0.29
CA ILE B 259 17.78 2.41 1.26
C ILE B 259 16.42 2.35 0.60
N GLY B 260 16.19 3.29 -0.30
CA GLY B 260 14.92 3.36 -1.04
C GLY B 260 14.52 2.01 -1.60
N ASN B 261 15.41 1.41 -2.39
CA ASN B 261 15.11 0.11 -2.96
C ASN B 261 14.79 -0.91 -1.90
N ILE B 262 15.65 -1.02 -0.91
CA ILE B 262 15.46 -2.01 0.14
C ILE B 262 14.08 -1.90 0.75
N ALA B 263 13.68 -0.68 1.04
CA ALA B 263 12.37 -0.43 1.61
C ALA B 263 11.26 -0.85 0.68
N SER B 264 11.33 -0.40 -0.57
CA SER B 264 10.27 -0.65 -1.53
C SER B 264 10.12 -2.11 -1.84
N ILE B 265 11.23 -2.81 -1.92
CA ILE B 265 11.20 -4.22 -2.24
C ILE B 265 10.59 -5.01 -1.14
N LEU B 266 11.13 -4.83 0.05
CA LEU B 266 10.70 -5.57 1.19
C LEU B 266 9.23 -5.35 1.47
N GLY B 267 8.81 -4.11 1.40
CA GLY B 267 7.42 -3.77 1.66
C GLY B 267 6.48 -4.48 0.68
N SER B 268 6.85 -4.46 -0.60
CA SER B 268 6.00 -5.06 -1.62
C SER B 268 5.82 -6.54 -1.41
N LEU B 269 6.83 -7.18 -0.87
CA LEU B 269 6.74 -8.58 -0.57
C LEU B 269 5.66 -8.82 0.45
N ASP B 270 5.62 -7.96 1.47
CA ASP B 270 4.62 -8.07 2.52
C ASP B 270 3.22 -7.85 1.96
N LEU B 271 3.09 -6.91 1.05
CA LEU B 271 1.79 -6.62 0.45
C LEU B 271 1.21 -7.83 -0.25
N ALA B 272 2.06 -8.56 -0.95
CA ALA B 272 1.62 -9.77 -1.63
C ALA B 272 1.02 -10.77 -0.66
N LYS B 273 1.74 -11.01 0.43
CA LYS B 273 1.25 -11.93 1.44
C LYS B 273 -0.05 -11.46 2.07
N ALA B 274 -0.13 -10.16 2.33
CA ALA B 274 -1.32 -9.56 2.93
C ALA B 274 -2.55 -9.85 2.10
N ALA B 275 -2.43 -9.67 0.80
CA ALA B 275 -3.51 -9.96 -0.13
C ALA B 275 -4.02 -11.38 0.06
N GLN B 276 -3.09 -12.32 0.17
CA GLN B 276 -3.45 -13.72 0.36
C GLN B 276 -4.32 -13.94 1.61
N ARG B 277 -3.91 -13.39 2.74
CA ARG B 277 -4.63 -13.57 4.00
C ARG B 277 -5.88 -12.68 4.13
N LYS B 278 -6.01 -11.70 3.24
CA LYS B 278 -7.07 -10.69 3.29
C LYS B 278 -8.40 -11.18 3.83
N LYS B 279 -8.96 -12.20 3.21
CA LYS B 279 -10.26 -12.69 3.58
C LYS B 279 -10.28 -13.25 4.99
N MET B 280 -9.40 -14.24 5.23
CA MET B 280 -9.32 -14.87 6.54
C MET B 280 -9.18 -13.85 7.63
N ALA B 281 -8.33 -12.86 7.40
CA ALA B 281 -8.11 -11.79 8.35
C ALA B 281 -9.39 -11.07 8.69
N GLN B 282 -10.19 -10.77 7.66
CA GLN B 282 -11.47 -10.13 7.89
C GLN B 282 -12.36 -10.97 8.79
N VAL B 283 -12.38 -12.27 8.53
CA VAL B 283 -13.15 -13.21 9.33
C VAL B 283 -12.66 -13.24 10.76
N ASP B 284 -11.36 -13.30 10.92
CA ASP B 284 -10.75 -13.34 12.23
C ASP B 284 -11.13 -12.09 13.02
N SER B 285 -11.08 -10.95 12.35
CA SER B 285 -11.45 -9.68 12.95
C SER B 285 -12.86 -9.75 13.50
N PHE B 286 -13.76 -10.27 12.68
CA PHE B 286 -15.14 -10.47 13.07
C PHE B 286 -15.25 -11.33 14.31
N LEU B 287 -14.54 -12.45 14.29
CA LEU B 287 -14.55 -13.38 15.41
C LEU B 287 -14.07 -12.72 16.66
N LYS B 288 -13.04 -11.90 16.53
CA LYS B 288 -12.48 -11.19 17.67
C LYS B 288 -13.48 -10.21 18.23
N ALA B 289 -14.22 -9.55 17.34
CA ALA B 289 -15.29 -8.63 17.76
C ALA B 289 -16.37 -9.39 18.53
N ARG B 290 -16.67 -10.61 18.07
CA ARG B 290 -17.67 -11.45 18.73
C ARG B 290 -17.11 -12.13 19.96
N ASN B 291 -15.78 -12.11 20.08
CA ASN B 291 -15.10 -12.66 21.25
C ASN B 291 -15.28 -14.15 21.35
N ILE B 292 -15.12 -14.84 20.25
CA ILE B 292 -15.20 -16.29 20.18
C ILE B 292 -13.93 -16.94 20.72
N SER B 293 -14.05 -18.08 21.37
CA SER B 293 -12.90 -18.78 21.94
C SER B 293 -11.95 -19.33 20.87
N GLN B 294 -10.72 -19.55 21.29
CA GLN B 294 -9.65 -20.07 20.43
C GLN B 294 -9.97 -21.43 19.85
N ASN B 295 -10.71 -22.23 20.62
CA ASN B 295 -11.08 -23.57 20.20
C ASN B 295 -11.50 -23.52 18.75
N ILE B 296 -12.32 -22.54 18.41
CA ILE B 296 -12.76 -22.40 17.05
C ILE B 296 -11.88 -21.56 16.15
N ARG B 297 -11.57 -20.35 16.59
CA ARG B 297 -10.82 -19.42 15.77
C ARG B 297 -9.55 -20.04 15.17
N ARG B 298 -8.83 -20.82 15.96
CA ARG B 298 -7.63 -21.46 15.47
C ARG B 298 -7.99 -22.38 14.31
N ARG B 299 -9.00 -23.22 14.51
CA ARG B 299 -9.43 -24.14 13.47
C ARG B 299 -9.97 -23.43 12.22
N VAL B 300 -10.64 -22.30 12.45
CA VAL B 300 -10.99 -21.43 11.36
C VAL B 300 -9.84 -20.96 10.53
N ARG B 301 -8.83 -20.42 11.20
CA ARG B 301 -7.65 -20.00 10.48
C ARG B 301 -7.09 -21.15 9.67
N ASP B 302 -6.94 -22.31 10.31
CA ASP B 302 -6.41 -23.51 9.67
C ASP B 302 -7.22 -23.86 8.42
N TYR B 303 -8.53 -23.76 8.55
CA TYR B 303 -9.44 -23.99 7.44
C TYR B 303 -9.05 -23.14 6.26
N TYR B 304 -8.91 -21.85 6.49
CA TYR B 304 -8.52 -20.94 5.42
C TYR B 304 -7.13 -21.24 4.92
N MET B 305 -6.22 -21.53 5.83
CA MET B 305 -4.84 -21.81 5.44
C MET B 305 -4.77 -22.96 4.45
N TYR B 306 -5.43 -24.06 4.79
CA TYR B 306 -5.48 -25.21 3.92
C TYR B 306 -6.07 -24.87 2.58
N ILE B 307 -7.18 -24.14 2.60
CA ILE B 307 -7.81 -23.70 1.37
C ILE B 307 -6.86 -22.90 0.52
N ILE B 308 -6.15 -21.99 1.15
CA ILE B 308 -5.17 -21.17 0.48
C ILE B 308 -4.10 -22.03 -0.16
N ASP B 309 -3.62 -23.01 0.60
CA ASP B 309 -2.60 -23.94 0.13
C ASP B 309 -3.05 -24.63 -1.14
N ARG B 310 -4.32 -24.99 -1.18
CA ARG B 310 -4.89 -25.69 -2.31
C ARG B 310 -5.32 -24.74 -3.43
N GLY B 311 -5.72 -23.53 -3.05
CA GLY B 311 -6.22 -22.56 -4.01
C GLY B 311 -7.66 -22.89 -4.43
N TRP B 312 -8.28 -23.85 -3.76
CA TRP B 312 -9.64 -24.31 -4.09
C TRP B 312 -10.68 -23.23 -3.84
N GLY B 313 -10.35 -22.29 -2.94
CA GLY B 313 -11.25 -21.20 -2.59
C GLY B 313 -11.44 -20.23 -3.76
N GLU B 314 -10.54 -20.26 -4.73
CA GLU B 314 -10.66 -19.39 -5.87
C GLU B 314 -11.79 -19.84 -6.78
N ASP B 315 -12.56 -18.90 -7.28
CA ASP B 315 -13.59 -19.21 -8.26
C ASP B 315 -12.96 -19.57 -9.59
N GLU B 316 -12.47 -20.79 -9.68
CA GLU B 316 -11.81 -21.32 -10.86
C GLU B 316 -12.53 -20.92 -12.13
N ASN B 317 -13.82 -21.20 -12.19
CA ASN B 317 -14.64 -20.83 -13.33
C ASN B 317 -14.43 -19.36 -13.74
N ALA B 318 -14.91 -18.44 -12.89
CA ALA B 318 -14.86 -17.01 -13.17
C ALA B 318 -13.46 -16.54 -13.49
N LEU B 319 -12.50 -17.08 -12.75
CA LEU B 319 -11.11 -16.76 -12.98
C LEU B 319 -10.72 -17.11 -14.40
N LEU B 320 -11.03 -18.34 -14.81
CA LEU B 320 -10.71 -18.82 -16.14
C LEU B 320 -11.54 -18.14 -17.22
N ASN B 321 -12.66 -17.56 -16.83
CA ASN B 321 -13.59 -16.96 -17.80
C ASN B 321 -13.01 -15.77 -18.55
N ASP B 322 -11.83 -15.28 -18.16
CA ASP B 322 -11.22 -14.20 -18.89
C ASP B 322 -10.16 -14.70 -19.89
N LEU B 323 -10.11 -16.02 -20.06
CA LEU B 323 -9.11 -16.64 -20.94
C LEU B 323 -9.67 -16.94 -22.33
N PRO B 324 -8.86 -16.77 -23.36
CA PRO B 324 -9.26 -17.07 -24.73
C PRO B 324 -9.77 -18.50 -24.73
N ILE B 325 -11.05 -18.64 -25.00
CA ILE B 325 -11.75 -19.90 -24.86
C ILE B 325 -10.98 -21.08 -25.42
N SER B 326 -10.20 -20.86 -26.48
CA SER B 326 -9.42 -21.93 -27.07
C SER B 326 -8.43 -22.51 -26.08
N LEU B 327 -7.47 -21.71 -25.67
CA LEU B 327 -6.47 -22.15 -24.74
C LEU B 327 -7.08 -22.39 -23.37
N ARG B 328 -8.12 -21.62 -23.05
CA ARG B 328 -8.86 -21.80 -21.82
C ARG B 328 -9.29 -23.24 -21.67
N ARG B 329 -9.91 -23.75 -22.72
CA ARG B 329 -10.34 -25.14 -22.72
C ARG B 329 -9.15 -26.05 -22.59
N GLU B 330 -8.06 -25.74 -23.28
CA GLU B 330 -6.87 -26.58 -23.15
C GLU B 330 -6.42 -26.65 -21.70
N VAL B 331 -6.45 -25.51 -21.01
CA VAL B 331 -6.09 -25.50 -19.61
C VAL B 331 -7.10 -26.28 -18.81
N LYS B 332 -8.36 -26.11 -19.15
CA LYS B 332 -9.41 -26.87 -18.52
C LYS B 332 -9.13 -28.36 -18.66
N ILE B 333 -8.65 -28.76 -19.84
CA ILE B 333 -8.24 -30.15 -20.09
C ILE B 333 -7.11 -30.55 -19.16
N GLN B 334 -6.17 -29.64 -18.94
CA GLN B 334 -5.10 -29.89 -17.98
C GLN B 334 -5.66 -30.11 -16.60
N LEU B 335 -6.72 -29.38 -16.27
CA LEU B 335 -7.40 -29.57 -15.00
C LEU B 335 -8.15 -30.88 -15.00
N HIS B 336 -8.68 -31.27 -16.15
CA HIS B 336 -9.31 -32.57 -16.27
C HIS B 336 -8.27 -33.66 -16.05
N ARG B 337 -7.09 -33.45 -16.62
CA ARG B 337 -5.97 -34.35 -16.38
C ARG B 337 -5.66 -34.43 -14.89
N ASP B 338 -5.77 -33.34 -14.16
CA ASP B 338 -5.38 -33.43 -12.75
C ASP B 338 -6.12 -34.51 -11.94
N LEU B 339 -7.43 -34.66 -12.11
CA LEU B 339 -8.15 -35.69 -11.35
C LEU B 339 -8.56 -36.96 -12.12
N LEU B 340 -8.31 -36.99 -13.42
CA LEU B 340 -8.70 -38.12 -14.29
C LEU B 340 -8.11 -39.54 -14.12
N GLU B 341 -6.80 -39.63 -13.88
CA GLU B 341 -6.10 -40.93 -13.81
C GLU B 341 -6.44 -41.97 -12.72
N LYS B 342 -6.64 -41.52 -11.50
CA LYS B 342 -6.90 -42.41 -10.37
C LYS B 342 -8.07 -43.35 -10.62
N VAL B 343 -9.17 -42.79 -11.08
CA VAL B 343 -10.41 -43.51 -11.21
C VAL B 343 -10.45 -44.41 -12.44
N PRO B 344 -10.46 -45.73 -12.25
CA PRO B 344 -10.54 -46.77 -13.28
C PRO B 344 -11.69 -46.57 -14.25
N PHE B 345 -12.78 -45.97 -13.77
CA PHE B 345 -13.90 -45.65 -14.62
C PHE B 345 -13.49 -44.73 -15.74
N LEU B 346 -12.59 -43.82 -15.41
CA LEU B 346 -12.16 -42.79 -16.32
C LEU B 346 -10.93 -43.21 -17.05
N LYS B 347 -10.14 -44.08 -16.43
CA LYS B 347 -9.09 -44.78 -17.13
C LYS B 347 -9.68 -45.48 -18.34
N GLY B 348 -10.80 -46.17 -18.12
CA GLY B 348 -11.51 -46.85 -19.18
C GLY B 348 -12.72 -46.05 -19.68
N ALA B 349 -12.61 -44.73 -19.71
CA ALA B 349 -13.63 -43.90 -20.34
C ALA B 349 -13.07 -43.28 -21.59
N ASP B 350 -13.95 -42.74 -22.42
CA ASP B 350 -13.52 -42.01 -23.59
C ASP B 350 -13.38 -40.54 -23.20
N PRO B 351 -12.75 -39.73 -24.04
CA PRO B 351 -12.31 -38.38 -23.69
C PRO B 351 -13.42 -37.36 -23.85
N ALA B 352 -14.40 -37.68 -24.68
CA ALA B 352 -15.57 -36.85 -24.82
C ALA B 352 -16.32 -36.85 -23.50
N LEU B 353 -16.47 -38.05 -22.93
CA LEU B 353 -17.02 -38.22 -21.62
C LEU B 353 -16.22 -37.52 -20.59
N VAL B 354 -14.93 -37.80 -20.56
CA VAL B 354 -14.08 -37.16 -19.59
C VAL B 354 -14.23 -35.65 -19.64
N THR B 355 -14.14 -35.08 -20.83
CA THR B 355 -14.29 -33.65 -21.00
C THR B 355 -15.61 -33.13 -20.45
N SER B 356 -16.68 -33.77 -20.90
CA SER B 356 -18.03 -33.40 -20.51
C SER B 356 -18.20 -33.45 -19.01
N LEU B 357 -17.72 -34.53 -18.43
CA LEU B 357 -17.85 -34.79 -17.03
C LEU B 357 -17.02 -33.85 -16.21
N VAL B 358 -15.76 -33.67 -16.61
CA VAL B 358 -14.85 -32.74 -15.95
C VAL B 358 -15.42 -31.35 -15.87
N PHE B 359 -16.01 -30.89 -16.96
CA PHE B 359 -16.76 -29.67 -16.97
C PHE B 359 -17.83 -29.68 -15.86
N SER B 360 -18.60 -30.78 -15.79
CA SER B 360 -19.63 -30.96 -14.76
C SER B 360 -19.16 -31.05 -13.30
N MET B 361 -18.08 -31.77 -13.03
CA MET B 361 -17.67 -32.09 -11.65
C MET B 361 -17.41 -30.89 -10.77
N LYS B 362 -17.93 -30.94 -9.54
CA LYS B 362 -17.77 -29.84 -8.59
C LYS B 362 -16.95 -30.25 -7.37
N PRO B 363 -16.02 -29.41 -6.91
CA PRO B 363 -15.15 -29.77 -5.79
C PRO B 363 -15.73 -29.38 -4.45
N MET B 364 -15.95 -30.36 -3.59
CA MET B 364 -16.57 -30.19 -2.29
C MET B 364 -15.66 -30.62 -1.16
N ILE B 365 -15.67 -29.86 -0.06
CA ILE B 365 -14.83 -30.18 1.08
C ILE B 365 -15.62 -30.63 2.27
N PHE B 366 -15.20 -31.76 2.83
CA PHE B 366 -15.85 -32.29 4.02
C PHE B 366 -14.86 -32.36 5.15
N LEU B 367 -15.36 -32.23 6.36
CA LEU B 367 -14.49 -32.24 7.52
C LEU B 367 -14.60 -33.58 8.25
N GLU B 368 -13.67 -33.81 9.17
CA GLU B 368 -13.61 -35.06 9.90
C GLU B 368 -14.91 -35.36 10.63
N GLY B 369 -15.49 -36.52 10.36
CA GLY B 369 -16.69 -36.95 11.06
C GLY B 369 -17.96 -36.69 10.25
N ASP B 370 -17.85 -35.90 9.19
CA ASP B 370 -19.05 -35.52 8.45
C ASP B 370 -19.82 -36.71 7.92
N THR B 371 -21.12 -36.74 8.23
CA THR B 371 -21.98 -37.75 7.67
C THR B 371 -22.33 -37.36 6.27
N ILE B 372 -21.47 -37.76 5.35
CA ILE B 372 -21.59 -37.42 3.93
C ILE B 372 -22.87 -38.04 3.41
N PHE B 373 -23.04 -39.35 3.63
CA PHE B 373 -24.29 -40.02 3.30
C PHE B 373 -24.97 -40.45 4.56
N ARG B 374 -26.27 -40.36 4.57
CA ARG B 374 -27.01 -41.01 5.63
C ARG B 374 -27.86 -42.13 5.06
N ARG B 375 -27.58 -43.34 5.54
CA ARG B 375 -28.34 -44.51 5.19
C ARG B 375 -29.84 -44.32 5.33
N GLY B 376 -30.56 -44.55 4.26
CA GLY B 376 -32.00 -44.44 4.24
C GLY B 376 -32.45 -43.21 3.49
N GLU B 377 -31.57 -42.23 3.35
CA GLU B 377 -31.95 -40.97 2.74
C GLU B 377 -31.73 -40.99 1.25
N LYS B 378 -32.61 -40.32 0.52
CA LYS B 378 -32.51 -40.28 -0.92
C LYS B 378 -31.16 -39.73 -1.36
N GLY B 379 -30.46 -40.48 -2.19
CA GLY B 379 -29.16 -40.02 -2.65
C GLY B 379 -29.22 -39.52 -4.07
N ASP B 380 -28.64 -38.34 -4.28
CA ASP B 380 -28.75 -37.68 -5.57
C ASP B 380 -27.42 -37.11 -6.11
N ASP B 381 -26.30 -37.79 -5.82
CA ASP B 381 -24.98 -37.32 -6.25
C ASP B 381 -23.86 -38.38 -6.08
N LEU B 382 -22.88 -38.40 -7.02
CA LEU B 382 -21.70 -39.27 -6.91
C LEU B 382 -20.52 -38.50 -6.37
N TYR B 383 -19.83 -39.12 -5.44
CA TYR B 383 -18.73 -38.50 -4.74
C TYR B 383 -17.42 -39.17 -5.09
N ILE B 384 -16.57 -38.46 -5.81
CA ILE B 384 -15.33 -39.05 -6.24
C ILE B 384 -14.19 -38.55 -5.36
N LEU B 385 -13.60 -39.46 -4.61
CA LEU B 385 -12.69 -39.01 -3.59
C LEU B 385 -11.35 -38.68 -4.14
N SER B 386 -11.10 -37.40 -4.29
CA SER B 386 -9.78 -36.93 -4.70
C SER B 386 -8.78 -37.17 -3.60
N GLU B 387 -9.08 -36.63 -2.43
CA GLU B 387 -8.14 -36.67 -1.31
C GLU B 387 -8.85 -36.98 0.01
N GLY B 388 -8.26 -37.86 0.81
CA GLY B 388 -8.78 -38.07 2.16
C GLY B 388 -9.23 -39.50 2.40
N SER B 389 -9.70 -39.77 3.61
CA SER B 389 -10.22 -41.09 3.97
C SER B 389 -11.67 -41.02 4.38
N VAL B 390 -12.43 -42.01 3.91
CA VAL B 390 -13.87 -42.13 4.11
C VAL B 390 -14.28 -43.51 4.65
N ASP B 391 -15.30 -43.54 5.51
CA ASP B 391 -15.80 -44.78 6.06
C ASP B 391 -17.18 -45.11 5.53
N ILE B 392 -17.27 -46.16 4.71
CA ILE B 392 -18.56 -46.62 4.26
C ILE B 392 -19.09 -47.58 5.30
N LEU B 393 -20.17 -47.22 5.97
CA LEU B 393 -20.71 -47.97 7.08
C LEU B 393 -22.08 -48.54 6.77
N ASP B 394 -22.32 -49.77 7.17
CA ASP B 394 -23.67 -50.29 6.99
C ASP B 394 -24.61 -49.78 8.08
N SER B 395 -25.72 -50.50 8.26
CA SER B 395 -26.71 -50.31 9.32
C SER B 395 -26.18 -49.79 10.65
N ASP B 396 -25.19 -50.49 11.20
CA ASP B 396 -24.75 -50.27 12.57
C ASP B 396 -23.83 -49.09 12.76
N GLU B 397 -23.42 -48.45 11.67
CA GLU B 397 -22.54 -47.30 11.72
C GLU B 397 -21.18 -47.61 12.36
N LYS B 398 -20.75 -48.86 12.24
CA LYS B 398 -19.49 -49.33 12.77
C LYS B 398 -18.81 -50.21 11.74
N THR B 399 -19.60 -51.04 11.08
CA THR B 399 -19.07 -51.93 10.08
C THR B 399 -18.61 -51.18 8.88
N ILE B 400 -17.34 -50.85 8.88
CA ILE B 400 -16.74 -50.20 7.75
C ILE B 400 -16.71 -51.14 6.58
N LEU B 401 -17.75 -51.03 5.77
CA LEU B 401 -17.89 -51.75 4.52
C LEU B 401 -16.72 -51.46 3.63
N LEU B 402 -16.28 -50.22 3.64
CA LEU B 402 -15.12 -49.84 2.85
C LEU B 402 -14.39 -48.64 3.41
N SER B 403 -13.10 -48.81 3.64
CA SER B 403 -12.25 -47.68 3.92
C SER B 403 -11.89 -47.07 2.60
N LEU B 404 -12.60 -46.03 2.24
CA LEU B 404 -12.59 -45.52 0.90
C LEU B 404 -11.58 -44.40 0.79
N GLN B 405 -10.68 -44.53 -0.17
CA GLN B 405 -9.53 -43.64 -0.23
C GLN B 405 -9.43 -42.93 -1.55
N GLU B 406 -8.32 -42.23 -1.74
CA GLU B 406 -8.07 -41.46 -2.94
C GLU B 406 -8.18 -42.30 -4.18
N GLY B 407 -9.06 -41.89 -5.08
CA GLY B 407 -9.25 -42.59 -6.33
C GLY B 407 -10.50 -43.43 -6.32
N GLN B 408 -11.06 -43.61 -5.13
CA GLN B 408 -12.31 -44.31 -5.02
C GLN B 408 -13.45 -43.35 -5.15
N PHE B 409 -14.63 -43.90 -5.15
CA PHE B 409 -15.82 -43.23 -5.56
C PHE B 409 -17.00 -43.88 -4.92
N PHE B 410 -17.98 -43.06 -4.54
CA PHE B 410 -19.13 -43.58 -3.84
C PHE B 410 -20.38 -42.77 -4.06
N GLY B 411 -21.51 -43.43 -3.93
CA GLY B 411 -22.78 -42.82 -4.23
C GLY B 411 -23.43 -43.51 -5.41
N GLU B 412 -22.62 -44.29 -6.13
CA GLU B 412 -23.03 -44.95 -7.36
C GLU B 412 -24.14 -45.96 -7.14
N LEU B 413 -24.16 -46.62 -6.00
CA LEU B 413 -25.19 -47.60 -5.74
C LEU B 413 -26.55 -46.95 -5.75
N ALA B 414 -26.71 -45.91 -4.94
CA ALA B 414 -27.98 -45.22 -4.88
C ALA B 414 -28.29 -44.48 -6.17
N LEU B 415 -27.28 -44.01 -6.88
CA LEU B 415 -27.61 -43.17 -8.01
C LEU B 415 -28.00 -44.04 -9.20
N VAL B 416 -27.27 -45.12 -9.43
CA VAL B 416 -27.63 -46.08 -10.46
C VAL B 416 -28.93 -46.80 -10.15
N MET B 417 -29.16 -47.10 -8.87
CA MET B 417 -30.39 -47.76 -8.48
C MET B 417 -31.56 -46.80 -8.26
N ASP B 418 -31.36 -45.49 -8.45
CA ASP B 418 -32.40 -44.50 -8.19
C ASP B 418 -32.98 -44.67 -6.78
N ALA B 419 -32.10 -44.87 -5.81
CA ALA B 419 -32.52 -45.30 -4.50
C ALA B 419 -32.07 -44.33 -3.43
N PRO B 420 -32.43 -44.64 -2.19
CA PRO B 420 -31.85 -44.10 -0.99
C PRO B 420 -30.51 -44.73 -0.73
N ARG B 421 -29.67 -43.99 -0.04
CA ARG B 421 -28.39 -44.51 0.36
C ARG B 421 -28.63 -45.75 1.16
N SER B 422 -28.11 -46.87 0.72
CA SER B 422 -28.33 -48.08 1.47
C SER B 422 -27.24 -48.27 2.55
N ALA B 423 -26.33 -47.31 2.64
CA ALA B 423 -25.29 -47.27 3.65
C ALA B 423 -24.95 -45.81 3.99
N THR B 424 -24.31 -45.63 5.13
CA THR B 424 -23.94 -44.33 5.67
C THR B 424 -22.49 -44.06 5.37
N VAL B 425 -22.17 -42.83 5.07
CA VAL B 425 -20.81 -42.54 4.73
C VAL B 425 -20.25 -41.41 5.55
N ARG B 426 -19.18 -41.69 6.27
CA ARG B 426 -18.57 -40.73 7.16
C ARG B 426 -17.21 -40.31 6.66
N ALA B 427 -16.90 -39.04 6.81
CA ALA B 427 -15.55 -38.60 6.55
C ALA B 427 -14.65 -39.04 7.68
N THR B 428 -13.57 -39.72 7.37
CA THR B 428 -12.58 -40.01 8.40
C THR B 428 -11.83 -38.75 8.66
N THR B 429 -11.25 -38.23 7.58
CA THR B 429 -10.41 -37.06 7.62
C THR B 429 -11.12 -35.90 6.95
N THR B 430 -10.37 -34.85 6.68
CA THR B 430 -10.84 -33.82 5.77
C THR B 430 -10.82 -34.44 4.38
N CYS B 431 -11.85 -34.18 3.59
CA CYS B 431 -11.96 -34.86 2.31
C CYS B 431 -12.24 -33.91 1.15
N GLU B 432 -11.47 -34.10 0.07
CA GLU B 432 -11.71 -33.39 -1.16
C GLU B 432 -12.40 -34.30 -2.13
N ILE B 433 -13.62 -33.94 -2.46
CA ILE B 433 -14.45 -34.78 -3.28
C ILE B 433 -15.04 -34.07 -4.46
N TYR B 434 -15.00 -34.71 -5.61
CA TYR B 434 -15.66 -34.13 -6.75
C TYR B 434 -17.03 -34.72 -6.88
N THR B 435 -18.01 -33.86 -6.95
CA THR B 435 -19.37 -34.30 -6.88
C THR B 435 -20.06 -34.20 -8.22
N LEU B 436 -20.87 -35.20 -8.50
CA LEU B 436 -21.63 -35.29 -9.72
C LEU B 436 -23.09 -35.46 -9.43
N SER B 437 -23.87 -34.40 -9.60
CA SER B 437 -25.29 -34.51 -9.34
C SER B 437 -25.93 -35.56 -10.19
N LYS B 438 -26.94 -36.21 -9.65
CA LYS B 438 -27.77 -37.17 -10.37
C LYS B 438 -28.22 -36.66 -11.72
N THR B 439 -28.54 -35.38 -11.82
CA THR B 439 -29.00 -34.82 -13.08
C THR B 439 -27.91 -34.91 -14.13
N ASP B 440 -26.73 -34.44 -13.77
CA ASP B 440 -25.58 -34.47 -14.66
C ASP B 440 -25.15 -35.90 -14.91
N PHE B 441 -25.11 -36.70 -13.86
CA PHE B 441 -24.80 -38.11 -13.92
C PHE B 441 -25.67 -38.83 -14.92
N ASP B 442 -26.97 -38.63 -14.83
CA ASP B 442 -27.88 -39.29 -15.72
C ASP B 442 -27.78 -38.76 -17.11
N ASN B 443 -27.67 -37.46 -17.29
CA ASN B 443 -27.55 -36.89 -18.62
C ASN B 443 -26.28 -37.35 -19.31
N VAL B 444 -25.18 -37.28 -18.59
CA VAL B 444 -23.88 -37.73 -19.05
C VAL B 444 -23.89 -39.19 -19.40
N LEU B 445 -24.35 -40.03 -18.49
CA LEU B 445 -24.30 -41.45 -18.73
C LEU B 445 -25.50 -41.96 -19.50
N LYS B 446 -26.49 -41.11 -19.71
CA LYS B 446 -27.48 -41.37 -20.73
C LYS B 446 -26.81 -41.36 -22.07
N ARG B 447 -26.05 -40.31 -22.32
CA ARG B 447 -25.23 -40.22 -23.52
C ARG B 447 -24.22 -41.35 -23.54
N PHE B 448 -23.43 -41.43 -22.49
CA PHE B 448 -22.40 -42.43 -22.39
C PHE B 448 -22.91 -43.67 -21.70
N SER B 449 -23.87 -44.31 -22.36
CA SER B 449 -24.57 -45.48 -21.86
C SER B 449 -23.64 -46.68 -21.70
N GLN B 450 -22.55 -46.69 -22.45
CA GLN B 450 -21.53 -47.73 -22.29
C GLN B 450 -20.72 -47.50 -21.02
N PHE B 451 -20.73 -46.28 -20.52
CA PHE B 451 -20.06 -45.94 -19.29
C PHE B 451 -21.08 -45.78 -18.20
N ARG B 452 -22.34 -45.89 -18.57
CA ARG B 452 -23.40 -46.17 -17.64
C ARG B 452 -23.41 -47.63 -17.32
N SER B 453 -23.16 -48.46 -18.35
CA SER B 453 -23.03 -49.90 -18.22
C SER B 453 -21.78 -50.27 -17.43
N ALA B 454 -20.65 -49.67 -17.77
CA ALA B 454 -19.52 -49.68 -16.86
C ALA B 454 -19.43 -49.64 -15.36
N ILE B 455 -20.10 -48.71 -14.70
CA ILE B 455 -19.86 -48.47 -13.27
C ILE B 455 -21.06 -49.29 -12.78
N GLU B 456 -22.18 -49.32 -13.54
CA GLU B 456 -23.34 -50.16 -13.23
C GLU B 456 -22.96 -51.62 -13.03
N GLU B 457 -22.02 -52.11 -13.83
CA GLU B 457 -21.38 -53.39 -13.59
C GLU B 457 -21.00 -53.54 -12.11
N SER B 458 -20.09 -52.68 -11.66
CA SER B 458 -19.56 -52.72 -10.31
C SER B 458 -20.64 -52.51 -9.28
N VAL B 459 -21.63 -51.65 -9.60
CA VAL B 459 -22.75 -51.33 -8.71
C VAL B 459 -23.43 -52.54 -8.09
N ALA B 460 -23.39 -53.68 -8.78
CA ALA B 460 -23.93 -54.93 -8.24
C ALA B 460 -23.44 -55.21 -6.81
N HIS B 461 -22.27 -54.70 -6.43
CA HIS B 461 -21.72 -54.92 -5.11
C HIS B 461 -21.07 -53.66 -4.52
N ARG C 38 -1.27 28.57 -17.76
CA ARG C 38 0.11 28.10 -17.63
C ARG C 38 1.08 29.28 -17.51
N ILE C 39 0.76 30.37 -18.17
CA ILE C 39 1.58 31.57 -18.11
C ILE C 39 1.64 32.11 -16.69
N ARG C 40 0.50 32.10 -16.00
CA ARG C 40 0.42 32.47 -14.60
C ARG C 40 1.42 31.65 -13.78
N VAL C 41 1.55 30.38 -14.12
CA VAL C 41 2.50 29.51 -13.47
C VAL C 41 3.93 29.90 -13.83
N TYR C 42 4.14 30.27 -15.09
CA TYR C 42 5.45 30.72 -15.50
C TYR C 42 5.86 31.95 -14.70
N TRP C 43 4.90 32.82 -14.42
CA TRP C 43 5.13 33.98 -13.58
C TRP C 43 5.56 33.57 -12.19
N ASP C 44 4.91 32.54 -11.65
CA ASP C 44 5.26 32.03 -10.33
C ASP C 44 6.71 31.61 -10.29
N ILE C 45 7.14 30.90 -11.33
CA ILE C 45 8.49 30.39 -11.40
C ILE C 45 9.50 31.52 -11.27
N LEU C 46 9.28 32.58 -12.05
CA LEU C 46 10.15 33.73 -12.00
C LEU C 46 10.24 34.30 -10.58
N VAL C 47 9.09 34.55 -9.98
CA VAL C 47 9.02 35.11 -8.64
C VAL C 47 9.75 34.25 -7.64
N PHE C 48 9.48 32.95 -7.71
CA PHE C 48 10.10 31.98 -6.83
C PHE C 48 11.60 32.09 -6.87
N ILE C 49 12.16 32.09 -8.07
CA ILE C 49 13.59 32.19 -8.25
C ILE C 49 14.14 33.44 -7.63
N CYS C 50 13.47 34.55 -7.86
CA CYS C 50 13.88 35.83 -7.33
C CYS C 50 13.97 35.79 -5.81
N ILE C 51 12.94 35.22 -5.18
CA ILE C 51 12.89 35.10 -3.74
C ILE C 51 14.09 34.32 -3.23
N PHE C 52 14.34 33.20 -3.88
CA PHE C 52 15.45 32.35 -3.51
C PHE C 52 16.75 33.10 -3.54
N TRP C 53 17.02 33.77 -4.64
CA TRP C 53 18.25 34.53 -4.76
C TRP C 53 18.39 35.52 -3.62
N ALA C 54 17.32 36.27 -3.36
CA ALA C 54 17.32 37.28 -2.31
C ALA C 54 17.66 36.68 -0.95
N SER C 55 17.11 35.51 -0.66
CA SER C 55 17.32 34.84 0.63
C SER C 55 18.76 34.40 0.84
N LEU C 56 19.53 34.37 -0.24
CA LEU C 56 20.93 34.01 -0.18
C LEU C 56 21.79 35.24 0.00
N GLU C 57 21.35 36.34 -0.60
CA GLU C 57 22.08 37.60 -0.55
C GLU C 57 21.91 38.31 0.78
N SER C 58 20.71 38.24 1.33
CA SER C 58 20.40 38.87 2.60
C SER C 58 21.35 38.61 3.80
N PRO C 59 21.46 37.34 4.26
CA PRO C 59 22.22 36.96 5.46
C PRO C 59 23.73 37.28 5.30
N LEU C 60 24.19 37.40 4.07
CA LEU C 60 25.59 37.70 3.79
C LEU C 60 26.00 39.10 4.24
N ARG C 61 25.01 39.96 4.50
CA ARG C 61 25.28 41.36 4.86
C ARG C 61 26.38 41.70 5.87
N ILE C 62 26.54 40.83 6.85
CA ILE C 62 27.57 40.91 7.88
C ILE C 62 29.06 40.93 7.65
N VAL C 63 29.47 40.55 6.44
CA VAL C 63 30.87 40.49 6.11
C VAL C 63 31.09 40.55 4.60
N LEU C 70 27.14 48.34 -7.66
CA LEU C 70 26.34 49.06 -8.64
C LEU C 70 25.33 48.16 -9.32
N LEU C 71 25.83 47.27 -10.17
CA LEU C 71 24.97 46.32 -10.85
C LEU C 71 24.05 45.62 -9.88
N LEU C 72 24.62 45.18 -8.75
CA LEU C 72 23.86 44.56 -7.69
C LEU C 72 22.66 45.40 -7.29
N THR C 73 22.89 46.69 -7.12
CA THR C 73 21.82 47.61 -6.81
C THR C 73 20.75 47.56 -7.89
N CYS C 74 21.19 47.57 -9.15
CA CYS C 74 20.27 47.49 -10.28
C CYS C 74 19.50 46.17 -10.28
N ILE C 75 20.18 45.10 -9.85
CA ILE C 75 19.51 43.81 -9.76
C ILE C 75 18.37 43.89 -8.77
N TYR C 76 18.61 44.54 -7.63
CA TYR C 76 17.56 44.70 -6.64
C TYR C 76 16.38 45.48 -7.20
N PHE C 77 16.67 46.47 -8.05
CA PHE C 77 15.60 47.22 -8.69
C PHE C 77 14.72 46.28 -9.47
N PHE C 78 15.36 45.39 -10.20
CA PHE C 78 14.64 44.41 -10.98
C PHE C 78 13.79 43.52 -10.09
N ILE C 79 14.39 43.02 -9.02
CA ILE C 79 13.69 42.14 -8.09
C ILE C 79 12.36 42.74 -7.65
N ASP C 80 12.43 43.93 -7.09
CA ASP C 80 11.25 44.62 -6.58
C ASP C 80 10.29 44.94 -7.69
N PHE C 81 10.83 45.32 -8.82
CA PHE C 81 10.04 45.59 -9.99
C PHE C 81 9.18 44.38 -10.33
N VAL C 82 9.81 43.22 -10.36
CA VAL C 82 9.10 41.97 -10.60
C VAL C 82 8.01 41.76 -9.56
N PHE C 83 8.35 42.02 -8.30
CA PHE C 83 7.39 41.87 -7.23
C PHE C 83 6.23 42.86 -7.38
N ALA C 84 6.52 44.05 -7.91
CA ALA C 84 5.48 45.02 -8.17
C ALA C 84 4.53 44.50 -9.24
N LEU C 85 5.08 43.85 -10.24
CA LEU C 85 4.26 43.25 -11.27
C LEU C 85 3.39 42.15 -10.67
N ASP C 86 3.94 41.43 -9.70
CA ASP C 86 3.17 40.41 -8.98
C ASP C 86 1.98 41.00 -8.28
N ILE C 87 2.18 42.13 -7.62
CA ILE C 87 1.06 42.82 -7.02
C ILE C 87 -0.03 43.06 -8.05
N LEU C 88 0.38 43.49 -9.25
CA LEU C 88 -0.57 43.68 -10.35
C LEU C 88 -1.20 42.38 -10.78
N TRP C 89 -0.42 41.30 -10.77
CA TRP C 89 -0.95 39.99 -11.08
C TRP C 89 -2.03 39.62 -10.06
N ASN C 90 -1.88 40.11 -8.83
CA ASN C 90 -2.89 39.84 -7.79
C ASN C 90 -4.09 40.72 -7.87
N GLY C 114 -5.78 41.20 0.65
CA GLY C 114 -5.75 41.90 1.92
C GLY C 114 -4.37 41.80 2.56
N SER C 115 -4.21 40.86 3.48
CA SER C 115 -2.91 40.65 4.12
C SER C 115 -1.88 40.25 3.10
N TRP C 116 -2.30 39.51 2.08
CA TRP C 116 -1.41 39.08 1.01
C TRP C 116 -0.92 40.28 0.21
N PHE C 117 -1.80 41.26 0.02
CA PHE C 117 -1.43 42.50 -0.62
C PHE C 117 -0.35 43.18 0.19
N ILE C 118 -0.58 43.28 1.49
CA ILE C 118 0.37 43.89 2.41
C ILE C 118 1.72 43.19 2.34
N ILE C 119 1.69 41.86 2.38
CA ILE C 119 2.89 41.05 2.30
C ILE C 119 3.69 41.35 1.05
N ASP C 120 3.03 41.26 -0.09
CA ASP C 120 3.68 41.54 -1.37
C ASP C 120 4.20 42.94 -1.41
N LEU C 121 3.37 43.88 -0.98
CA LEU C 121 3.74 45.26 -0.93
C LEU C 121 5.06 45.42 -0.22
N ILE C 122 5.14 44.90 1.00
CA ILE C 122 6.34 44.99 1.83
C ILE C 122 7.59 44.49 1.10
N ALA C 123 7.48 43.31 0.51
CA ALA C 123 8.60 42.72 -0.21
C ALA C 123 9.00 43.58 -1.39
N ALA C 124 8.04 44.23 -2.00
CA ALA C 124 8.32 45.04 -3.18
C ALA C 124 8.81 46.45 -2.82
N LEU C 125 8.94 46.76 -1.53
CA LEU C 125 9.35 48.09 -1.15
C LEU C 125 10.85 48.27 -1.31
N PRO C 126 11.27 49.09 -2.29
CA PRO C 126 12.67 49.40 -2.61
C PRO C 126 13.43 50.10 -1.46
N LEU C 127 13.52 49.41 -0.34
CA LEU C 127 14.24 49.88 0.82
C LEU C 127 15.55 50.47 1.28
N GLU C 128 16.62 49.68 1.14
CA GLU C 128 17.95 50.09 1.58
C GLU C 128 18.45 51.18 0.63
N TYR C 129 18.32 50.93 -0.67
CA TYR C 129 18.70 51.92 -1.66
C TYR C 129 17.99 53.23 -1.42
N ALA C 130 16.68 53.20 -1.28
CA ALA C 130 15.92 54.40 -1.04
C ALA C 130 16.48 55.14 0.17
N THR C 131 16.64 54.38 1.26
CA THR C 131 17.13 54.98 2.49
C THR C 131 18.56 55.46 2.36
N THR C 132 19.32 54.82 1.48
CA THR C 132 20.69 55.24 1.21
C THR C 132 20.70 56.60 0.55
N THR C 133 19.81 56.76 -0.44
CA THR C 133 19.72 58.02 -1.16
C THR C 133 19.10 59.11 -0.31
N ILE C 134 18.24 58.70 0.63
CA ILE C 134 17.67 59.65 1.57
C ILE C 134 18.74 60.18 2.51
N PHE C 135 19.57 59.28 3.01
CA PHE C 135 20.62 59.65 3.95
C PHE C 135 21.99 59.43 3.34
N TYR C 144 24.52 46.71 8.48
CA TYR C 144 23.77 46.01 9.51
C TYR C 144 22.29 46.25 9.38
N LEU C 145 21.91 47.51 9.25
CA LEU C 145 20.52 47.85 9.09
C LEU C 145 20.01 47.31 7.77
N TYR C 146 20.87 47.33 6.75
CA TYR C 146 20.49 46.79 5.45
C TYR C 146 20.23 45.30 5.54
N LEU C 147 21.04 44.61 6.34
CA LEU C 147 20.81 43.20 6.64
C LEU C 147 19.43 43.01 7.19
N LEU C 148 19.09 43.82 8.17
CA LEU C 148 17.79 43.75 8.79
C LEU C 148 16.69 44.00 7.77
N LEU C 149 16.89 44.98 6.89
CA LEU C 149 15.89 45.31 5.89
C LEU C 149 15.67 44.19 4.89
N GLY C 150 16.72 43.41 4.63
CA GLY C 150 16.64 42.29 3.70
C GLY C 150 15.49 41.33 4.02
N VAL C 151 15.09 41.24 5.30
CA VAL C 151 14.01 40.34 5.72
C VAL C 151 12.69 40.63 5.01
N THR C 152 12.52 41.86 4.56
CA THR C 152 11.29 42.29 3.92
C THR C 152 10.94 41.47 2.69
N ARG C 153 11.96 40.92 2.03
CA ARG C 153 11.73 40.12 0.85
C ARG C 153 11.61 38.64 1.17
N ILE C 154 11.95 38.27 2.41
CA ILE C 154 11.90 36.88 2.80
C ILE C 154 10.50 36.44 3.14
N LEU C 155 9.83 37.22 3.97
CA LEU C 155 8.48 36.92 4.43
C LEU C 155 7.57 36.37 3.33
N LYS C 156 7.57 37.04 2.17
CA LYS C 156 6.74 36.69 1.03
C LYS C 156 6.71 35.19 0.70
N VAL C 157 7.81 34.49 0.99
CA VAL C 157 7.95 33.07 0.68
C VAL C 157 6.73 32.21 1.04
N PHE C 158 5.97 32.63 2.04
CA PHE C 158 4.82 31.87 2.53
C PHE C 158 3.80 31.55 1.42
N ARG C 159 3.69 32.44 0.44
CA ARG C 159 2.75 32.29 -0.67
C ARG C 159 2.98 31.03 -1.52
N ILE C 160 4.10 30.35 -1.29
CA ILE C 160 4.40 29.11 -1.99
C ILE C 160 3.27 28.08 -1.88
N SER C 161 2.50 28.15 -0.79
CA SER C 161 1.40 27.23 -0.57
C SER C 161 0.37 27.27 -1.69
N ASP C 162 0.26 28.41 -2.35
CA ASP C 162 -0.70 28.58 -3.44
C ASP C 162 -0.02 28.35 -4.77
N ILE C 163 1.24 28.72 -4.84
CA ILE C 163 2.02 28.49 -6.03
C ILE C 163 2.05 27.01 -6.38
N LEU C 164 2.29 26.19 -5.36
CA LEU C 164 2.37 24.74 -5.54
C LEU C 164 1.09 24.17 -6.11
N GLN C 165 -0.03 24.67 -5.64
CA GLN C 165 -1.31 24.22 -6.12
C GLN C 165 -1.41 24.45 -7.61
N ARG C 166 -1.05 25.66 -8.01
CA ARG C 166 -1.11 26.04 -9.40
C ARG C 166 -0.16 25.19 -10.24
N ILE C 167 1.01 24.90 -9.69
CA ILE C 167 2.00 24.08 -10.39
C ILE C 167 1.46 22.69 -10.66
N ASN C 168 0.89 22.07 -9.63
CA ASN C 168 0.34 20.74 -9.80
C ASN C 168 -0.78 20.79 -10.83
N LEU C 169 -1.64 21.78 -10.73
CA LEU C 169 -2.73 21.92 -11.69
C LEU C 169 -2.20 22.02 -13.09
N ALA C 170 -1.09 22.72 -13.23
CA ALA C 170 -0.45 22.90 -14.51
C ALA C 170 0.09 21.60 -15.11
N PHE C 171 0.79 20.82 -14.30
CA PHE C 171 1.52 19.69 -14.87
C PHE C 171 1.00 18.34 -14.42
N GLN C 172 0.58 18.27 -13.17
CA GLN C 172 0.05 17.02 -12.62
C GLN C 172 1.07 15.88 -12.61
N PRO C 173 2.06 15.93 -11.70
CA PRO C 173 3.13 14.93 -11.65
C PRO C 173 2.90 13.96 -10.50
N THR C 174 3.76 12.95 -10.41
CA THR C 174 3.61 11.94 -9.38
C THR C 174 3.89 12.65 -8.03
N PRO C 175 2.97 12.52 -7.06
CA PRO C 175 3.14 13.02 -5.68
C PRO C 175 4.50 12.63 -5.15
N GLY C 176 5.17 13.56 -4.50
CA GLY C 176 6.48 13.31 -3.93
C GLY C 176 7.55 14.02 -4.74
N ILE C 177 7.38 14.04 -6.05
CA ILE C 177 8.34 14.71 -6.90
C ILE C 177 8.45 16.17 -6.51
N LEU C 178 7.30 16.80 -6.32
CA LEU C 178 7.27 18.18 -5.91
C LEU C 178 7.85 18.34 -4.51
N ARG C 179 7.60 17.37 -3.65
CA ARG C 179 8.14 17.41 -2.31
C ARG C 179 9.65 17.40 -2.36
N LEU C 180 10.20 16.54 -3.21
CA LEU C 180 11.64 16.44 -3.37
C LEU C 180 12.23 17.79 -3.69
N VAL C 181 11.63 18.47 -4.66
CA VAL C 181 12.07 19.78 -5.07
C VAL C 181 12.09 20.75 -3.89
N LEU C 182 11.00 20.74 -3.13
CA LEU C 182 10.88 21.62 -1.99
C LEU C 182 11.95 21.36 -0.96
N PHE C 183 12.24 20.09 -0.72
CA PHE C 183 13.24 19.76 0.28
C PHE C 183 14.60 20.22 -0.15
N ALA C 184 14.90 20.07 -1.44
CA ALA C 184 16.17 20.55 -1.96
C ALA C 184 16.29 22.03 -1.73
N PHE C 185 15.22 22.75 -2.02
CA PHE C 185 15.16 24.17 -1.81
C PHE C 185 15.42 24.56 -0.36
N TRP C 186 14.65 23.97 0.54
CA TRP C 186 14.77 24.31 1.94
C TRP C 186 16.11 23.95 2.51
N ALA C 187 16.58 22.75 2.19
CA ALA C 187 17.85 22.27 2.69
C ALA C 187 18.95 23.23 2.32
N THR C 188 18.94 23.68 1.07
CA THR C 188 19.93 24.61 0.59
C THR C 188 20.01 25.82 1.48
N LEU C 189 18.85 26.42 1.75
CA LEU C 189 18.78 27.62 2.58
C LEU C 189 19.27 27.36 3.98
N VAL C 190 18.91 26.22 4.53
CA VAL C 190 19.31 25.86 5.87
C VAL C 190 20.81 25.82 5.99
N ALA C 191 21.45 25.09 5.09
CA ALA C 191 22.89 24.97 5.09
C ALA C 191 23.55 26.33 5.07
N HIS C 192 23.06 27.19 4.20
CA HIS C 192 23.60 28.51 4.05
C HIS C 192 23.50 29.31 5.34
N TRP C 193 22.30 29.39 5.88
CA TRP C 193 22.07 30.16 7.08
C TRP C 193 22.84 29.59 8.27
N CYS C 194 22.91 28.27 8.34
CA CYS C 194 23.61 27.61 9.44
C CYS C 194 25.08 27.97 9.45
N ALA C 195 25.68 27.91 8.26
CA ALA C 195 27.08 28.26 8.11
C ALA C 195 27.31 29.69 8.55
N VAL C 196 26.41 30.58 8.19
CA VAL C 196 26.50 31.97 8.61
C VAL C 196 26.47 32.07 10.12
N GLY C 197 25.57 31.34 10.74
CA GLY C 197 25.47 31.33 12.19
C GLY C 197 26.78 30.89 12.82
N TRP C 198 27.35 29.81 12.29
CA TRP C 198 28.64 29.35 12.74
C TRP C 198 29.66 30.46 12.66
N LEU C 199 29.70 31.12 11.52
CA LEU C 199 30.60 32.22 11.35
C LEU C 199 30.36 33.25 12.40
N TYR C 200 29.09 33.62 12.59
CA TYR C 200 28.76 34.66 13.57
C TYR C 200 29.40 34.38 14.90
N VAL C 201 29.26 33.16 15.38
CA VAL C 201 29.84 32.77 16.64
C VAL C 201 31.35 32.97 16.64
N ASP C 202 31.98 32.60 15.54
CA ASP C 202 33.42 32.73 15.41
C ASP C 202 33.83 34.09 14.84
N ASP C 203 32.85 34.87 14.33
CA ASP C 203 33.11 36.23 13.91
C ASP C 203 33.36 37.09 15.11
N LEU C 204 32.78 36.66 16.23
CA LEU C 204 33.03 37.30 17.50
C LEU C 204 34.47 37.03 17.99
N LEU C 205 35.17 36.13 17.27
CA LEU C 205 36.56 35.84 17.57
C LEU C 205 37.49 36.59 16.62
N ASP C 206 36.93 37.50 15.81
CA ASP C 206 37.72 38.23 14.84
C ASP C 206 37.02 39.54 14.39
N TYR C 207 37.39 40.05 13.22
CA TYR C 207 36.78 41.25 12.68
C TYR C 207 35.99 40.94 11.42
N GLN C 208 36.71 40.80 10.31
CA GLN C 208 36.07 40.43 9.05
C GLN C 208 36.73 39.19 8.47
N THR C 209 36.04 38.54 7.56
CA THR C 209 36.49 37.30 6.95
C THR C 209 36.34 37.34 5.43
N GLY C 210 36.86 36.31 4.77
CA GLY C 210 36.80 36.23 3.31
C GLY C 210 36.17 34.92 2.87
N TRP C 211 36.38 34.57 1.60
CA TRP C 211 35.81 33.36 1.03
C TRP C 211 36.27 32.11 1.74
N SER C 212 37.55 32.08 2.10
CA SER C 212 38.11 30.91 2.75
C SER C 212 37.35 30.53 4.00
N GLU C 213 37.01 31.53 4.79
CA GLU C 213 36.27 31.28 6.02
C GLU C 213 34.87 30.79 5.71
N TYR C 214 34.21 31.44 4.77
CA TYR C 214 32.89 31.03 4.36
C TYR C 214 32.90 29.59 3.88
N ILE C 215 33.89 29.24 3.07
CA ILE C 215 34.03 27.89 2.59
C ILE C 215 34.17 26.90 3.72
N ILE C 216 35.04 27.21 4.67
CA ILE C 216 35.24 26.36 5.83
C ILE C 216 33.97 26.17 6.60
N ALA C 217 33.21 27.24 6.76
CA ALA C 217 31.95 27.16 7.46
C ALA C 217 31.05 26.13 6.79
N LEU C 218 30.98 26.17 5.47
CA LEU C 218 30.18 25.20 4.74
C LEU C 218 30.71 23.80 4.90
N TYR C 219 32.03 23.66 4.88
CA TYR C 219 32.65 22.37 5.05
C TYR C 219 32.16 21.70 6.31
N TRP C 220 32.24 22.43 7.41
CA TRP C 220 31.78 21.94 8.69
C TRP C 220 30.28 21.69 8.67
N THR C 221 29.55 22.67 8.15
CA THR C 221 28.11 22.62 8.13
C THR C 221 27.59 21.38 7.44
N VAL C 222 28.02 21.20 6.20
CA VAL C 222 27.58 20.07 5.40
C VAL C 222 28.00 18.75 5.99
N ALA C 223 29.25 18.67 6.42
CA ALA C 223 29.76 17.45 7.02
C ALA C 223 28.90 17.03 8.18
N THR C 224 28.46 18.01 8.95
CA THR C 224 27.61 17.74 10.09
C THR C 224 26.22 17.31 9.66
N ILE C 225 25.60 18.09 8.78
CA ILE C 225 24.22 17.81 8.34
C ILE C 225 24.10 16.45 7.67
N ALA C 226 25.10 16.10 6.87
CA ALA C 226 25.09 14.86 6.13
C ALA C 226 25.38 13.64 6.99
N THR C 227 25.61 13.86 8.30
CA THR C 227 25.87 12.80 9.29
C THR C 227 27.29 12.25 9.20
N VAL C 228 28.07 12.74 8.23
CA VAL C 228 29.42 12.25 8.02
C VAL C 228 30.31 12.53 9.21
N GLY C 229 30.59 13.80 9.46
CA GLY C 229 31.39 14.20 10.62
C GLY C 229 32.84 13.77 10.50
N TYR C 230 33.67 14.62 9.93
CA TYR C 230 35.09 14.30 9.83
C TYR C 230 35.81 14.53 11.16
N GLY C 231 35.28 15.42 11.98
CA GLY C 231 35.89 15.71 13.27
C GLY C 231 37.04 16.70 13.16
N ASP C 232 37.17 17.32 11.99
CA ASP C 232 38.23 18.28 11.75
C ASP C 232 38.03 19.55 12.54
N ILE C 233 36.78 19.96 12.65
CA ILE C 233 36.43 21.18 13.34
C ILE C 233 35.48 20.90 14.48
N THR C 234 35.77 21.48 15.64
CA THR C 234 34.94 21.28 16.81
C THR C 234 34.88 22.52 17.69
N PRO C 235 33.89 22.56 18.58
CA PRO C 235 33.67 23.64 19.53
C PRO C 235 34.76 23.71 20.57
N SER C 236 34.96 24.90 21.12
CA SER C 236 35.93 25.09 22.19
C SER C 236 35.26 25.63 23.42
N THR C 237 34.28 26.50 23.22
CA THR C 237 33.49 27.05 24.30
C THR C 237 32.17 26.36 24.39
N ASP C 238 31.54 26.45 25.55
CA ASP C 238 30.23 25.85 25.72
C ASP C 238 29.24 26.45 24.76
N SER C 239 29.34 27.76 24.56
CA SER C 239 28.49 28.46 23.59
C SER C 239 28.49 27.73 22.27
N GLN C 240 29.70 27.49 21.75
CA GLN C 240 29.87 26.79 20.49
C GLN C 240 29.29 25.39 20.54
N ARG C 241 29.53 24.70 21.65
CA ARG C 241 29.02 23.36 21.84
C ARG C 241 27.51 23.33 21.74
N ILE C 242 26.87 24.31 22.36
CA ILE C 242 25.43 24.40 22.35
C ILE C 242 24.91 24.56 20.95
N TYR C 243 25.47 25.51 20.22
CA TYR C 243 25.09 25.75 18.84
C TYR C 243 25.24 24.49 18.04
N THR C 244 26.38 23.84 18.21
CA THR C 244 26.63 22.60 17.51
C THR C 244 25.54 21.58 17.76
N ILE C 245 25.16 21.42 19.02
CA ILE C 245 24.11 20.47 19.35
C ILE C 245 22.82 20.79 18.63
N PHE C 246 22.46 22.06 18.62
CA PHE C 246 21.31 22.52 17.89
C PHE C 246 21.38 22.10 16.44
N VAL C 247 22.51 22.39 15.81
CA VAL C 247 22.71 22.07 14.40
C VAL C 247 22.59 20.58 14.15
N MET C 248 23.24 19.79 14.99
CA MET C 248 23.23 18.35 14.79
C MET C 248 21.82 17.81 14.76
N ILE C 249 20.98 18.29 15.67
CA ILE C 249 19.60 17.85 15.73
C ILE C 249 18.87 18.17 14.45
N LEU C 250 18.94 19.42 14.03
CA LEU C 250 18.24 19.86 12.86
C LEU C 250 18.70 19.12 11.61
N GLY C 251 20.00 19.10 11.40
CA GLY C 251 20.59 18.48 10.22
C GLY C 251 20.18 17.02 10.10
N ALA C 252 20.22 16.30 11.21
CA ALA C 252 19.82 14.91 11.23
C ALA C 252 18.39 14.75 10.74
N GLY C 253 17.50 15.59 11.25
CA GLY C 253 16.10 15.55 10.87
C GLY C 253 15.94 15.77 9.38
N VAL C 254 16.65 16.75 8.84
CA VAL C 254 16.57 17.05 7.42
C VAL C 254 16.89 15.82 6.60
N TYR C 255 18.02 15.22 6.89
CA TYR C 255 18.46 14.04 6.16
C TYR C 255 17.40 12.96 6.17
N ALA C 256 16.79 12.76 7.33
CA ALA C 256 15.74 11.77 7.47
C ALA C 256 14.58 12.04 6.52
N THR C 257 14.17 13.29 6.41
CA THR C 257 13.04 13.63 5.56
C THR C 257 13.38 13.43 4.10
N VAL C 258 14.65 13.60 3.74
CA VAL C 258 15.08 13.34 2.39
C VAL C 258 14.83 11.91 2.02
N ILE C 259 15.21 11.01 2.92
CA ILE C 259 14.96 9.60 2.74
C ILE C 259 13.48 9.34 2.59
N GLY C 260 12.70 10.00 3.42
CA GLY C 260 11.24 9.86 3.40
C GLY C 260 10.69 9.96 1.99
N ASN C 261 10.99 11.08 1.31
CA ASN C 261 10.51 11.25 -0.04
C ASN C 261 10.95 10.13 -0.95
N ILE C 262 12.23 9.82 -0.93
CA ILE C 262 12.75 8.79 -1.80
C ILE C 262 11.98 7.50 -1.65
N ALA C 263 11.73 7.13 -0.41
CA ALA C 263 10.99 5.92 -0.11
C ALA C 263 9.58 5.99 -0.65
N SER C 264 8.88 7.07 -0.33
CA SER C 264 7.48 7.20 -0.70
C SER C 264 7.28 7.25 -2.19
N ILE C 265 8.19 7.90 -2.87
CA ILE C 265 8.08 8.03 -4.32
C ILE C 265 8.29 6.71 -4.99
N LEU C 266 9.40 6.10 -4.67
CA LEU C 266 9.77 4.86 -5.29
C LEU C 266 8.73 3.79 -5.06
N GLY C 267 8.25 3.70 -3.83
CA GLY C 267 7.25 2.71 -3.49
C GLY C 267 5.97 2.89 -4.30
N SER C 268 5.53 4.14 -4.42
CA SER C 268 4.29 4.41 -5.14
C SER C 268 4.37 4.01 -6.59
N LEU C 269 5.56 4.12 -7.16
CA LEU C 269 5.75 3.71 -8.52
C LEU C 269 5.50 2.23 -8.67
N ASP C 270 5.99 1.46 -7.69
CA ASP C 270 5.80 0.02 -7.70
C ASP C 270 4.33 -0.34 -7.57
N LEU C 271 3.62 0.40 -6.73
CA LEU C 271 2.20 0.15 -6.51
C LEU C 271 1.42 0.27 -7.81
N ALA C 272 1.74 1.28 -8.60
CA ALA C 272 1.08 1.47 -9.87
C ALA C 272 1.23 0.25 -10.77
N LYS C 273 2.47 -0.23 -10.88
CA LYS C 273 2.73 -1.40 -11.70
C LYS C 273 2.00 -2.63 -11.17
N ALA C 274 1.99 -2.78 -9.85
CA ALA C 274 1.33 -3.92 -9.21
C ALA C 274 -0.12 -3.99 -9.59
N ALA C 275 -0.80 -2.85 -9.56
CA ALA C 275 -2.19 -2.77 -9.96
C ALA C 275 -2.39 -3.33 -11.36
N GLN C 276 -1.50 -2.95 -12.27
CA GLN C 276 -1.58 -3.43 -13.64
C GLN C 276 -1.54 -4.96 -13.74
N ARG C 277 -0.59 -5.59 -13.06
CA ARG C 277 -0.43 -7.04 -13.11
C ARG C 277 -1.43 -7.81 -12.23
N LYS C 278 -2.12 -7.08 -11.35
CA LYS C 278 -3.03 -7.66 -10.35
C LYS C 278 -3.75 -8.92 -10.80
N LYS C 279 -4.49 -8.84 -11.90
CA LYS C 279 -5.30 -9.93 -12.35
C LYS C 279 -4.45 -11.13 -12.76
N MET C 280 -3.53 -10.88 -13.70
CA MET C 280 -2.66 -11.95 -14.18
C MET C 280 -1.98 -12.66 -13.04
N ALA C 281 -1.50 -11.89 -12.08
CA ALA C 281 -0.85 -12.44 -10.91
C ALA C 281 -1.74 -13.42 -10.17
N GLN C 282 -3.00 -13.03 -9.99
CA GLN C 282 -3.96 -13.91 -9.35
C GLN C 282 -4.09 -15.22 -10.10
N VAL C 283 -4.16 -15.13 -11.41
CA VAL C 283 -4.25 -16.30 -12.27
C VAL C 283 -3.03 -17.17 -12.14
N ASP C 284 -1.87 -16.54 -12.17
CA ASP C 284 -0.61 -17.25 -12.06
C ASP C 284 -0.55 -18.01 -10.74
N SER C 285 -0.99 -17.34 -9.67
CA SER C 285 -1.03 -17.94 -8.35
C SER C 285 -1.85 -19.21 -8.37
N PHE C 286 -3.02 -19.13 -9.00
CA PHE C 286 -3.89 -20.27 -9.17
C PHE C 286 -3.19 -21.40 -9.89
N LEU C 287 -2.55 -21.05 -11.00
CA LEU C 287 -1.84 -22.04 -11.80
C LEU C 287 -0.77 -22.71 -11.01
N LYS C 288 -0.07 -21.94 -10.18
CA LYS C 288 0.99 -22.47 -9.35
C LYS C 288 0.44 -23.43 -8.32
N ALA C 289 -0.73 -23.09 -7.77
CA ALA C 289 -1.41 -23.98 -6.84
C ALA C 289 -1.79 -25.30 -7.51
N ARG C 290 -2.22 -25.20 -8.78
CA ARG C 290 -2.58 -26.38 -9.55
C ARG C 290 -1.35 -27.11 -10.09
N ASN C 291 -0.21 -26.42 -10.04
CA ASN C 291 1.06 -27.01 -10.46
C ASN C 291 1.09 -27.32 -11.93
N ILE C 292 0.62 -26.39 -12.73
CA ILE C 292 0.62 -26.50 -14.18
C ILE C 292 2.01 -26.24 -14.75
N SER C 293 2.38 -26.94 -15.81
CA SER C 293 3.69 -26.78 -16.44
C SER C 293 3.88 -25.40 -17.09
N GLN C 294 5.14 -25.03 -17.25
CA GLN C 294 5.54 -23.76 -17.85
C GLN C 294 5.05 -23.59 -19.27
N ASN C 295 4.95 -24.70 -19.98
CA ASN C 295 4.50 -24.69 -21.37
C ASN C 295 3.32 -23.77 -21.49
N ILE C 296 2.38 -23.90 -20.55
CA ILE C 296 1.22 -23.05 -20.57
C ILE C 296 1.35 -21.74 -19.82
N ARG C 297 1.78 -21.82 -18.57
CA ARG C 297 1.84 -20.63 -17.72
C ARG C 297 2.56 -19.45 -18.38
N ARG C 298 3.66 -19.74 -19.07
CA ARG C 298 4.39 -18.68 -19.75
C ARG C 298 3.50 -18.04 -20.79
N ARG C 299 2.86 -18.86 -21.62
CA ARG C 299 1.96 -18.35 -22.64
C ARG C 299 0.75 -17.60 -22.08
N VAL C 300 0.26 -18.09 -20.94
CA VAL C 300 -0.72 -17.34 -20.20
C VAL C 300 -0.31 -15.96 -19.80
N ARG C 301 0.86 -15.86 -19.19
CA ARG C 301 1.37 -14.56 -18.84
C ARG C 301 1.43 -13.67 -20.06
N ASP C 302 2.01 -14.19 -21.14
CA ASP C 302 2.15 -13.46 -22.40
C ASP C 302 0.80 -12.96 -22.90
N TYR C 303 -0.20 -13.82 -22.79
CA TYR C 303 -1.56 -13.48 -23.15
C TYR C 303 -2.00 -12.23 -22.43
N TYR C 304 -1.84 -12.23 -21.12
CA TYR C 304 -2.21 -11.07 -20.34
C TYR C 304 -1.36 -9.87 -20.67
N MET C 305 -0.07 -10.10 -20.86
CA MET C 305 0.84 -9.00 -21.15
C MET C 305 0.40 -8.25 -22.40
N TYR C 306 0.15 -8.99 -23.46
CA TYR C 306 -0.31 -8.42 -24.70
C TYR C 306 -1.60 -7.66 -24.51
N ILE C 307 -2.53 -8.27 -23.80
CA ILE C 307 -3.79 -7.61 -23.51
C ILE C 307 -3.58 -6.31 -22.79
N ILE C 308 -2.70 -6.32 -21.81
CA ILE C 308 -2.36 -5.14 -21.06
C ILE C 308 -1.80 -4.07 -21.98
N ASP C 309 -0.90 -4.48 -22.86
CA ASP C 309 -0.28 -3.58 -23.81
C ASP C 309 -1.33 -2.87 -24.65
N ARG C 310 -2.35 -3.62 -25.03
CA ARG C 310 -3.42 -3.09 -25.85
C ARG C 310 -4.49 -2.37 -25.03
N GLY C 311 -4.69 -2.80 -23.80
CA GLY C 311 -5.72 -2.25 -22.94
C GLY C 311 -7.11 -2.78 -23.33
N TRP C 312 -7.15 -3.77 -24.23
CA TRP C 312 -8.41 -4.33 -24.72
C TRP C 312 -9.18 -5.06 -23.64
N GLY C 313 -8.46 -5.52 -22.61
CA GLY C 313 -9.07 -6.23 -21.49
C GLY C 313 -9.97 -5.32 -20.65
N GLU C 314 -9.81 -4.02 -20.78
CA GLU C 314 -10.63 -3.10 -20.05
C GLU C 314 -12.04 -3.06 -20.60
N ASP C 315 -13.03 -3.04 -19.73
CA ASP C 315 -14.41 -2.87 -20.16
C ASP C 315 -14.64 -1.46 -20.65
N GLU C 316 -14.21 -1.21 -21.88
CA GLU C 316 -14.32 0.10 -22.51
C GLU C 316 -15.68 0.73 -22.26
N ASN C 317 -16.73 -0.01 -22.57
CA ASN C 317 -18.09 0.46 -22.33
C ASN C 317 -18.26 1.04 -20.91
N ALA C 318 -18.22 0.15 -19.91
CA ALA C 318 -18.45 0.52 -18.51
C ALA C 318 -17.54 1.64 -18.07
N LEU C 319 -16.29 1.56 -18.51
CA LEU C 319 -15.32 2.58 -18.21
C LEU C 319 -15.81 3.93 -18.70
N LEU C 320 -16.20 3.98 -19.97
CA LEU C 320 -16.68 5.20 -20.59
C LEU C 320 -18.04 5.64 -20.05
N ASN C 321 -18.76 4.71 -19.44
CA ASN C 321 -20.12 5.00 -18.96
C ASN C 321 -20.18 6.04 -17.84
N ASP C 322 -19.03 6.45 -17.31
CA ASP C 322 -19.04 7.50 -16.30
C ASP C 322 -18.72 8.88 -16.91
N LEU C 323 -18.68 8.93 -18.24
CA LEU C 323 -18.34 10.18 -18.92
C LEU C 323 -19.58 10.95 -19.38
N PRO C 324 -19.54 12.27 -19.31
CA PRO C 324 -20.64 13.11 -19.77
C PRO C 324 -20.95 12.69 -21.19
N ILE C 325 -22.13 12.16 -21.38
CA ILE C 325 -22.52 11.53 -22.62
C ILE C 325 -22.14 12.34 -23.85
N SER C 326 -22.14 13.67 -23.73
CA SER C 326 -21.77 14.51 -24.85
C SER C 326 -20.35 14.25 -25.32
N LEU C 327 -19.40 14.55 -24.46
CA LEU C 327 -18.01 14.34 -24.79
C LEU C 327 -17.70 12.86 -24.88
N ARG C 328 -18.41 12.06 -24.09
CA ARG C 328 -18.28 10.62 -24.15
C ARG C 328 -18.43 10.13 -25.57
N ARG C 329 -19.51 10.57 -26.20
CA ARG C 329 -19.76 10.21 -27.58
C ARG C 329 -18.65 10.72 -28.46
N GLU C 330 -18.18 11.94 -28.21
CA GLU C 330 -17.09 12.47 -29.02
C GLU C 330 -15.88 11.56 -28.93
N VAL C 331 -15.58 11.08 -27.73
CA VAL C 331 -14.48 10.16 -27.56
C VAL C 331 -14.77 8.86 -28.25
N LYS C 332 -16.00 8.41 -28.14
CA LYS C 332 -16.42 7.22 -28.84
C LYS C 332 -16.17 7.38 -30.33
N ILE C 333 -16.44 8.58 -30.85
CA ILE C 333 -16.15 8.91 -32.26
C ILE C 333 -14.67 8.80 -32.54
N GLN C 334 -13.84 9.23 -31.60
CA GLN C 334 -12.41 9.07 -31.73
C GLN C 334 -12.04 7.61 -31.80
N LEU C 335 -12.76 6.78 -31.06
CA LEU C 335 -12.56 5.35 -31.11
C LEU C 335 -13.07 4.80 -32.42
N HIS C 336 -14.14 5.39 -32.95
CA HIS C 336 -14.63 5.01 -34.26
C HIS C 336 -13.58 5.35 -35.30
N ARG C 337 -12.96 6.52 -35.15
CA ARG C 337 -11.85 6.91 -35.99
C ARG C 337 -10.73 5.88 -35.92
N ASP C 338 -10.47 5.32 -34.75
CA ASP C 338 -9.33 4.41 -34.68
C ASP C 338 -9.38 3.23 -35.67
N LEU C 339 -10.53 2.58 -35.86
CA LEU C 339 -10.60 1.47 -36.81
C LEU C 339 -11.29 1.74 -38.16
N LEU C 340 -11.84 2.94 -38.33
CA LEU C 340 -12.57 3.31 -39.55
C LEU C 340 -11.89 3.41 -40.94
N GLU C 341 -10.68 3.98 -40.99
CA GLU C 341 -9.98 4.23 -42.26
C GLU C 341 -9.55 3.07 -43.18
N LYS C 342 -9.02 2.00 -42.61
CA LYS C 342 -8.52 0.86 -43.37
C LYS C 342 -9.54 0.30 -44.35
N VAL C 343 -10.74 0.08 -43.85
CA VAL C 343 -11.77 -0.60 -44.60
C VAL C 343 -12.45 0.29 -45.62
N PRO C 344 -12.26 0.02 -46.91
CA PRO C 344 -12.85 0.72 -48.07
C PRO C 344 -14.35 0.85 -47.98
N PHE C 345 -15.00 -0.13 -47.34
CA PHE C 345 -16.42 -0.08 -47.13
C PHE C 345 -16.81 1.14 -46.34
N LEU C 346 -15.96 1.48 -45.38
CA LEU C 346 -16.21 2.54 -44.45
C LEU C 346 -15.61 3.82 -44.93
N LYS C 347 -14.55 3.71 -45.73
CA LYS C 347 -14.05 4.84 -46.48
C LYS C 347 -15.18 5.41 -47.32
N GLY C 348 -15.91 4.52 -47.99
CA GLY C 348 -17.06 4.90 -48.79
C GLY C 348 -18.38 4.66 -48.06
N ALA C 349 -18.41 4.86 -46.75
CA ALA C 349 -19.67 4.84 -46.02
C ALA C 349 -19.99 6.22 -45.52
N ASP C 350 -21.22 6.42 -45.09
CA ASP C 350 -21.60 7.67 -44.49
C ASP C 350 -21.37 7.56 -42.99
N PRO C 351 -21.40 8.67 -42.25
CA PRO C 351 -20.95 8.76 -40.88
C PRO C 351 -22.01 8.32 -39.89
N ALA C 352 -23.26 8.38 -40.32
CA ALA C 352 -24.36 7.88 -39.51
C ALA C 352 -24.20 6.38 -39.38
N LEU C 353 -23.90 5.73 -40.51
CA LEU C 353 -23.57 4.34 -40.54
C LEU C 353 -22.37 4.03 -39.73
N VAL C 354 -21.29 4.74 -39.99
CA VAL C 354 -20.08 4.51 -39.23
C VAL C 354 -20.34 4.59 -37.74
N THR C 355 -21.00 5.65 -37.30
CA THR C 355 -21.33 5.81 -35.90
C THR C 355 -22.11 4.64 -35.35
N SER C 356 -23.20 4.32 -36.03
CA SER C 356 -24.09 3.24 -35.65
C SER C 356 -23.35 1.93 -35.53
N LEU C 357 -22.55 1.66 -36.54
CA LEU C 357 -21.83 0.43 -36.65
C LEU C 357 -20.74 0.34 -35.61
N VAL C 358 -19.97 1.41 -35.47
CA VAL C 358 -18.92 1.49 -34.46
C VAL C 358 -19.42 1.20 -33.08
N PHE C 359 -20.57 1.77 -32.74
CA PHE C 359 -21.27 1.44 -31.53
C PHE C 359 -21.50 -0.08 -31.44
N SER C 360 -22.00 -0.69 -32.53
CA SER C 360 -22.23 -2.13 -32.61
C SER C 360 -20.99 -3.04 -32.54
N MET C 361 -19.90 -2.68 -33.21
CA MET C 361 -18.74 -3.58 -33.38
C MET C 361 -18.11 -4.04 -32.08
N LYS C 362 -17.81 -5.33 -32.01
CA LYS C 362 -17.21 -5.92 -30.81
C LYS C 362 -15.80 -6.46 -31.07
N PRO C 363 -14.85 -6.22 -30.17
CA PRO C 363 -13.46 -6.64 -30.41
C PRO C 363 -13.18 -8.03 -29.87
N MET C 364 -12.79 -8.92 -30.76
CA MET C 364 -12.54 -10.32 -30.45
C MET C 364 -11.11 -10.74 -30.75
N ILE C 365 -10.54 -11.57 -29.88
CA ILE C 365 -9.17 -12.02 -30.06
C ILE C 365 -9.09 -13.48 -30.39
N PHE C 366 -8.34 -13.78 -31.44
CA PHE C 366 -8.13 -15.16 -31.85
C PHE C 366 -6.67 -15.49 -31.79
N LEU C 367 -6.38 -16.75 -31.53
CA LEU C 367 -5.00 -17.18 -31.40
C LEU C 367 -4.57 -17.94 -32.65
N GLU C 368 -3.27 -18.15 -32.77
CA GLU C 368 -2.70 -18.81 -33.94
C GLU C 368 -3.30 -20.18 -34.17
N GLY C 369 -3.84 -20.40 -35.36
CA GLY C 369 -4.38 -21.70 -35.73
C GLY C 369 -5.90 -21.77 -35.57
N ASP C 370 -6.49 -20.79 -34.90
CA ASP C 370 -7.91 -20.86 -34.62
C ASP C 370 -8.76 -20.99 -35.86
N THR C 371 -9.62 -22.00 -35.87
CA THR C 371 -10.57 -22.14 -36.95
C THR C 371 -11.70 -21.18 -36.73
N ILE C 372 -11.52 -19.97 -37.20
CA ILE C 372 -12.46 -18.87 -37.02
C ILE C 372 -13.76 -19.25 -37.71
N PHE C 373 -13.67 -19.64 -38.99
CA PHE C 373 -14.83 -20.16 -39.71
C PHE C 373 -14.62 -21.60 -40.01
N ARG C 374 -15.67 -22.37 -39.93
CA ARG C 374 -15.60 -23.70 -40.47
C ARG C 374 -16.53 -23.84 -41.66
N ARG C 375 -15.95 -24.16 -42.80
CA ARG C 375 -16.68 -24.42 -44.02
C ARG C 375 -17.82 -25.39 -43.83
N GLY C 376 -19.02 -24.97 -44.18
CA GLY C 376 -20.20 -25.79 -44.09
C GLY C 376 -21.09 -25.36 -42.95
N GLU C 377 -20.53 -24.64 -41.99
CA GLU C 377 -21.28 -24.27 -40.82
C GLU C 377 -21.98 -22.95 -40.99
N LYS C 378 -23.16 -22.82 -40.40
CA LYS C 378 -23.92 -21.59 -40.52
C LYS C 378 -23.13 -20.40 -40.01
N GLY C 379 -22.98 -19.38 -40.83
CA GLY C 379 -22.23 -18.21 -40.42
C GLY C 379 -23.14 -17.07 -40.07
N ASP C 380 -22.89 -16.46 -38.91
CA ASP C 380 -23.77 -15.43 -38.40
C ASP C 380 -23.05 -14.17 -37.88
N ASP C 381 -21.92 -13.80 -38.51
CA ASP C 381 -21.14 -12.64 -38.07
C ASP C 381 -20.06 -12.21 -39.09
N LEU C 382 -19.81 -10.88 -39.20
CA LEU C 382 -18.72 -10.35 -40.04
C LEU C 382 -17.51 -10.03 -39.21
N TYR C 383 -16.36 -10.42 -39.71
CA TYR C 383 -15.11 -10.29 -39.01
C TYR C 383 -14.20 -9.30 -39.70
N ILE C 384 -13.99 -8.16 -39.06
CA ILE C 384 -13.18 -7.13 -39.69
C ILE C 384 -11.80 -7.13 -39.07
N LEU C 385 -10.81 -7.47 -39.89
CA LEU C 385 -9.50 -7.72 -39.33
C LEU C 385 -8.77 -6.46 -39.04
N SER C 386 -8.75 -6.09 -37.77
CA SER C 386 -7.96 -4.95 -37.34
C SER C 386 -6.49 -5.26 -37.44
N GLU C 387 -6.08 -6.35 -36.79
CA GLU C 387 -4.67 -6.70 -36.69
C GLU C 387 -4.46 -8.20 -36.87
N GLY C 388 -3.45 -8.58 -37.64
CA GLY C 388 -3.07 -9.98 -37.71
C GLY C 388 -3.19 -10.55 -39.11
N SER C 389 -2.84 -11.83 -39.26
CA SER C 389 -2.96 -12.53 -40.53
C SER C 389 -3.90 -13.70 -40.44
N VAL C 390 -4.72 -13.85 -41.48
CA VAL C 390 -5.76 -14.87 -41.59
C VAL C 390 -5.68 -15.66 -42.91
N ASP C 391 -6.00 -16.94 -42.86
CA ASP C 391 -6.00 -17.79 -44.04
C ASP C 391 -7.40 -18.19 -44.44
N ILE C 392 -7.88 -17.67 -45.58
CA ILE C 392 -9.14 -18.11 -46.10
C ILE C 392 -8.89 -19.33 -46.95
N LEU C 393 -9.42 -20.48 -46.53
CA LEU C 393 -9.15 -21.75 -47.16
C LEU C 393 -10.38 -22.35 -47.78
N ASP C 394 -10.27 -22.91 -48.96
CA ASP C 394 -11.42 -23.60 -49.51
C ASP C 394 -11.59 -24.99 -48.89
N SER C 395 -12.33 -25.84 -49.60
CA SER C 395 -12.54 -27.26 -49.31
C SER C 395 -11.36 -27.98 -48.65
N ASP C 396 -10.19 -27.90 -49.27
CA ASP C 396 -9.06 -28.73 -48.90
C ASP C 396 -8.28 -28.25 -47.69
N GLU C 397 -8.64 -27.08 -47.17
CA GLU C 397 -7.98 -26.50 -46.01
C GLU C 397 -6.48 -26.25 -46.23
N LYS C 398 -6.11 -26.01 -47.49
CA LYS C 398 -4.75 -25.73 -47.88
C LYS C 398 -4.73 -24.57 -48.86
N THR C 399 -5.69 -24.57 -49.76
CA THR C 399 -5.78 -23.53 -50.75
C THR C 399 -6.17 -22.23 -50.13
N ILE C 400 -5.16 -21.45 -49.79
CA ILE C 400 -5.38 -20.14 -49.26
C ILE C 400 -5.97 -19.26 -50.32
N LEU C 401 -7.29 -19.21 -50.31
CA LEU C 401 -8.08 -18.34 -51.16
C LEU C 401 -7.67 -16.91 -50.96
N LEU C 402 -7.39 -16.56 -49.71
CA LEU C 402 -6.94 -15.21 -49.42
C LEU C 402 -6.11 -15.14 -48.15
N SER C 403 -4.92 -14.58 -48.28
CA SER C 403 -4.15 -14.22 -47.11
C SER C 403 -4.68 -12.89 -46.65
N LEU C 404 -5.53 -12.94 -45.66
CA LEU C 404 -6.35 -11.81 -45.30
C LEU C 404 -5.68 -11.04 -44.19
N GLN C 405 -5.49 -9.75 -44.41
CA GLN C 405 -4.65 -8.95 -43.53
C GLN C 405 -5.40 -7.76 -42.95
N GLU C 406 -4.66 -6.91 -42.26
CA GLU C 406 -5.21 -5.73 -41.64
C GLU C 406 -5.97 -4.86 -42.61
N GLY C 407 -7.23 -4.62 -42.31
CA GLY C 407 -8.06 -3.78 -43.13
C GLY C 407 -9.00 -4.60 -43.98
N GLN C 408 -8.76 -5.89 -44.04
CA GLN C 408 -9.64 -6.78 -44.74
C GLN C 408 -10.72 -7.26 -43.81
N PHE C 409 -11.63 -8.00 -44.38
CA PHE C 409 -12.89 -8.30 -43.76
C PHE C 409 -13.42 -9.57 -44.35
N PHE C 410 -14.05 -10.38 -43.51
CA PHE C 410 -14.54 -11.66 -43.96
C PHE C 410 -15.74 -12.16 -43.19
N GLY C 411 -16.53 -12.97 -43.85
CA GLY C 411 -17.78 -13.43 -43.29
C GLY C 411 -18.94 -12.91 -44.11
N GLU C 412 -18.65 -11.92 -44.96
CA GLU C 412 -19.65 -11.23 -45.76
C GLU C 412 -20.34 -12.13 -46.75
N LEU C 413 -19.65 -13.12 -47.28
CA LEU C 413 -20.26 -14.01 -48.24
C LEU C 413 -21.42 -14.75 -47.60
N ALA C 414 -21.15 -15.41 -46.49
CA ALA C 414 -22.20 -16.14 -45.81
C ALA C 414 -23.24 -15.23 -45.23
N LEU C 415 -22.88 -14.02 -44.82
CA LEU C 415 -23.86 -13.24 -44.11
C LEU C 415 -24.80 -12.58 -45.10
N VAL C 416 -24.27 -12.06 -46.20
CA VAL C 416 -25.10 -11.51 -47.26
C VAL C 416 -25.91 -12.58 -47.97
N MET C 417 -25.33 -13.78 -48.13
CA MET C 417 -26.05 -14.87 -48.76
C MET C 417 -26.95 -15.65 -47.79
N ASP C 418 -26.98 -15.27 -46.50
CA ASP C 418 -27.75 -16.01 -45.50
C ASP C 418 -27.39 -17.50 -45.53
N ALA C 419 -26.10 -17.79 -45.61
CA ALA C 419 -25.64 -19.12 -45.90
C ALA C 419 -24.73 -19.64 -44.82
N PRO C 420 -24.27 -20.88 -45.00
CA PRO C 420 -23.15 -21.46 -44.32
C PRO C 420 -21.86 -20.94 -44.90
N ARG C 421 -20.83 -20.94 -44.08
CA ARG C 421 -19.53 -20.55 -44.54
C ARG C 421 -19.16 -21.44 -45.69
N SER C 422 -18.92 -20.87 -46.84
CA SER C 422 -18.58 -21.71 -47.97
C SER C 422 -17.05 -21.95 -48.03
N ALA C 423 -16.33 -21.41 -47.05
CA ALA C 423 -14.90 -21.61 -46.89
C ALA C 423 -14.54 -21.57 -45.40
N THR C 424 -13.36 -22.10 -45.09
CA THR C 424 -12.85 -22.21 -43.73
C THR C 424 -11.87 -21.10 -43.48
N VAL C 425 -11.88 -20.56 -42.29
CA VAL C 425 -10.99 -19.47 -42.01
C VAL C 425 -10.15 -19.71 -40.79
N ARG C 426 -8.84 -19.69 -40.99
CA ARG C 426 -7.89 -19.97 -39.94
C ARG C 426 -7.11 -18.74 -39.56
N ALA C 427 -6.87 -18.57 -38.27
CA ALA C 427 -5.96 -17.54 -37.85
C ALA C 427 -4.54 -17.96 -38.15
N THR C 428 -3.79 -17.13 -38.85
CA THR C 428 -2.37 -17.40 -39.01
C THR C 428 -1.70 -17.07 -37.71
N THR C 429 -1.90 -15.82 -37.31
CA THR C 429 -1.29 -15.26 -36.13
C THR C 429 -2.34 -15.04 -35.07
N THR C 430 -1.96 -14.30 -34.04
CA THR C 430 -2.94 -13.75 -33.12
C THR C 430 -3.70 -12.67 -33.89
N CYS C 431 -5.01 -12.62 -33.73
CA CYS C 431 -5.79 -11.71 -34.55
C CYS C 431 -6.76 -10.86 -33.74
N GLU C 432 -6.76 -9.56 -34.02
CA GLU C 432 -7.72 -8.65 -33.45
C GLU C 432 -8.78 -8.34 -34.47
N ILE C 433 -9.98 -8.76 -34.17
CA ILE C 433 -11.07 -8.66 -35.10
C ILE C 433 -12.28 -8.00 -34.53
N TYR C 434 -12.87 -7.09 -35.29
CA TYR C 434 -14.12 -6.52 -34.85
C TYR C 434 -15.26 -7.26 -35.46
N THR C 435 -16.15 -7.71 -34.62
CA THR C 435 -17.19 -8.60 -35.07
C THR C 435 -18.53 -7.92 -35.12
N LEU C 436 -19.28 -8.25 -36.16
CA LEU C 436 -20.59 -7.72 -36.39
C LEU C 436 -21.60 -8.82 -36.55
N SER C 437 -22.40 -9.05 -35.52
CA SER C 437 -23.40 -10.11 -35.62
C SER C 437 -24.33 -9.88 -36.76
N LYS C 438 -24.79 -10.96 -37.36
CA LYS C 438 -25.81 -10.95 -38.40
C LYS C 438 -26.99 -10.08 -38.06
N THR C 439 -27.41 -10.08 -36.79
CA THR C 439 -28.55 -9.29 -36.38
C THR C 439 -28.27 -7.82 -36.57
N ASP C 440 -27.14 -7.37 -36.04
CA ASP C 440 -26.73 -5.99 -36.16
C ASP C 440 -26.42 -5.65 -37.61
N PHE C 441 -25.72 -6.53 -38.28
CA PHE C 441 -25.39 -6.42 -39.70
C PHE C 441 -26.63 -6.19 -40.54
N ASP C 442 -27.64 -7.00 -40.33
CA ASP C 442 -28.85 -6.87 -41.09
C ASP C 442 -29.62 -5.65 -40.73
N ASN C 443 -29.73 -5.34 -39.44
CA ASN C 443 -30.45 -4.15 -39.02
C ASN C 443 -29.78 -2.89 -39.54
N VAL C 444 -28.47 -2.81 -39.38
CA VAL C 444 -27.67 -1.71 -39.85
C VAL C 444 -27.77 -1.56 -41.35
N LEU C 445 -27.55 -2.63 -42.09
CA LEU C 445 -27.55 -2.52 -43.53
C LEU C 445 -28.93 -2.64 -44.13
N LYS C 446 -29.91 -2.99 -43.32
CA LYS C 446 -31.30 -2.77 -43.70
C LYS C 446 -31.54 -1.29 -43.83
N ARG C 447 -31.14 -0.56 -42.80
CA ARG C 447 -31.18 0.90 -42.84
C ARG C 447 -30.29 1.41 -43.95
N PHE C 448 -29.03 1.02 -43.91
CA PHE C 448 -28.06 1.46 -44.87
C PHE C 448 -27.99 0.51 -46.04
N SER C 449 -29.11 0.43 -46.76
CA SER C 449 -29.29 -0.48 -47.88
C SER C 449 -28.36 -0.16 -49.04
N GLN C 450 -27.91 1.07 -49.13
CA GLN C 450 -26.92 1.46 -50.12
C GLN C 450 -25.53 0.92 -49.76
N PHE C 451 -25.34 0.62 -48.48
CA PHE C 451 -24.11 0.05 -48.00
C PHE C 451 -24.31 -1.41 -47.74
N ARG C 452 -25.55 -1.86 -47.90
CA ARG C 452 -25.85 -3.25 -48.09
C ARG C 452 -25.55 -3.64 -49.50
N SER C 453 -25.89 -2.73 -50.43
CA SER C 453 -25.61 -2.87 -51.85
C SER C 453 -24.10 -2.81 -52.13
N ALA C 454 -23.43 -1.82 -51.55
CA ALA C 454 -21.99 -1.89 -51.45
C ALA C 454 -21.04 -3.05 -51.24
N ILE C 455 -21.27 -3.89 -50.26
CA ILE C 455 -20.27 -4.89 -49.86
C ILE C 455 -20.89 -6.06 -50.64
N GLU C 456 -22.23 -6.10 -50.76
CA GLU C 456 -22.93 -7.10 -51.58
C GLU C 456 -22.40 -7.16 -53.00
N GLU C 457 -22.07 -6.00 -53.56
CA GLU C 457 -21.32 -5.92 -54.80
C GLU C 457 -20.14 -6.90 -54.78
N SER C 458 -19.20 -6.66 -53.87
CA SER C 458 -17.99 -7.44 -53.75
C SER C 458 -18.27 -8.89 -53.45
N VAL C 459 -19.32 -9.14 -52.64
CA VAL C 459 -19.74 -10.49 -52.24
C VAL C 459 -19.84 -11.49 -53.38
N ALA C 460 -20.13 -11.00 -54.59
CA ALA C 460 -20.16 -11.86 -55.78
C ALA C 460 -18.91 -12.74 -55.90
N HIS C 461 -17.78 -12.32 -55.34
CA HIS C 461 -16.55 -13.08 -55.40
C HIS C 461 -15.77 -13.08 -54.08
N ARG D 38 -13.45 15.89 26.45
CA ARG D 38 -12.22 16.55 26.01
C ARG D 38 -11.45 17.12 27.21
N ILE D 39 -12.18 17.56 28.22
CA ILE D 39 -11.57 18.09 29.43
C ILE D 39 -10.73 17.02 30.11
N ARG D 40 -11.25 15.80 30.17
CA ARG D 40 -10.52 14.65 30.69
C ARG D 40 -9.18 14.51 29.98
N VAL D 41 -9.19 14.76 28.68
CA VAL D 41 -7.97 14.72 27.90
C VAL D 41 -7.05 15.88 28.26
N TYR D 42 -7.64 17.04 28.48
CA TYR D 42 -6.85 18.19 28.91
C TYR D 42 -6.14 17.88 30.22
N TRP D 43 -6.82 17.16 31.10
CA TRP D 43 -6.23 16.72 32.36
C TRP D 43 -5.04 15.81 32.11
N ASP D 44 -5.18 14.91 31.13
CA ASP D 44 -4.09 14.02 30.77
C ASP D 44 -2.86 14.80 30.38
N ILE D 45 -3.07 15.83 29.56
CA ILE D 45 -1.98 16.63 29.07
C ILE D 45 -1.17 17.22 30.21
N LEU D 46 -1.87 17.80 31.17
CA LEU D 46 -1.22 18.36 32.34
C LEU D 46 -0.37 17.32 33.06
N VAL D 47 -0.97 16.18 33.36
CA VAL D 47 -0.29 15.11 34.06
C VAL D 47 0.95 14.66 33.32
N PHE D 48 0.79 14.45 32.02
CA PHE D 48 1.87 14.02 31.16
C PHE D 48 3.06 14.94 31.27
N ILE D 49 2.81 16.24 31.16
CA ILE D 49 3.85 17.24 31.25
C ILE D 49 4.57 17.16 32.57
N CYS D 50 3.81 17.04 33.64
CA CYS D 50 4.36 16.95 34.98
C CYS D 50 5.32 15.78 35.10
N ILE D 51 4.89 14.62 34.60
CA ILE D 51 5.70 13.43 34.62
C ILE D 51 7.02 13.65 33.92
N PHE D 52 6.94 14.23 32.74
CA PHE D 52 8.11 14.51 31.95
C PHE D 52 9.09 15.36 32.71
N TRP D 53 8.62 16.47 33.25
CA TRP D 53 9.49 17.34 34.01
C TRP D 53 10.20 16.59 35.12
N ALA D 54 9.42 15.81 35.88
CA ALA D 54 9.97 15.05 37.00
C ALA D 54 11.07 14.10 36.56
N SER D 55 10.89 13.44 35.41
CA SER D 55 11.85 12.48 34.89
C SER D 55 13.17 13.12 34.50
N LEU D 56 13.17 14.44 34.36
CA LEU D 56 14.37 15.18 34.02
C LEU D 56 15.08 15.63 35.28
N GLU D 57 14.29 15.96 36.30
CA GLU D 57 14.81 16.44 37.57
C GLU D 57 15.40 15.33 38.41
N SER D 58 14.76 14.18 38.38
CA SER D 58 15.20 13.02 39.15
C SER D 58 16.68 12.59 39.04
N PRO D 59 17.13 12.19 37.82
CA PRO D 59 18.48 11.63 37.59
C PRO D 59 19.58 12.67 37.89
N LEU D 60 19.23 13.94 37.90
CA LEU D 60 20.17 15.01 38.18
C LEU D 60 20.68 15.00 39.62
N ARG D 61 19.96 14.28 40.50
CA ARG D 61 20.28 14.27 41.93
C ARG D 61 21.74 14.12 42.39
N ILE D 62 22.50 13.36 41.63
CA ILE D 62 23.93 13.14 41.84
C ILE D 62 25.00 14.20 41.85
N VAL D 63 24.66 15.38 41.34
CA VAL D 63 25.60 16.47 41.27
C VAL D 63 24.89 17.81 41.17
N LEU D 70 14.00 26.01 47.53
CA LEU D 70 12.72 26.39 48.13
C LEU D 70 11.58 26.27 47.15
N LEU D 71 11.55 27.18 46.18
CA LEU D 71 10.53 27.15 45.15
C LEU D 71 10.41 25.77 44.54
N LEU D 72 11.55 25.16 44.24
CA LEU D 72 11.60 23.81 43.73
C LEU D 72 10.80 22.85 44.59
N THR D 73 10.99 22.96 45.89
CA THR D 73 10.24 22.15 46.83
C THR D 73 8.74 22.39 46.66
N CYS D 74 8.37 23.66 46.52
CA CYS D 74 6.97 24.03 46.32
C CYS D 74 6.44 23.47 45.00
N ILE D 75 7.31 23.43 43.99
CA ILE D 75 6.93 22.86 42.71
C ILE D 75 6.57 21.40 42.89
N TYR D 76 7.37 20.68 43.66
CA TYR D 76 7.09 19.28 43.91
C TYR D 76 5.76 19.10 44.61
N PHE D 77 5.42 20.03 45.50
CA PHE D 77 4.13 19.98 46.16
C PHE D 77 3.03 20.02 45.14
N PHE D 78 3.18 20.92 44.18
CA PHE D 78 2.22 21.04 43.12
C PHE D 78 2.11 19.75 42.32
N ILE D 79 3.26 19.20 41.94
CA ILE D 79 3.30 17.97 41.16
C ILE D 79 2.44 16.88 41.79
N ASP D 80 2.73 16.57 43.04
CA ASP D 80 2.02 15.53 43.76
C ASP D 80 0.58 15.88 43.95
N PHE D 81 0.32 17.14 44.21
CA PHE D 81 -1.02 17.64 44.35
C PHE D 81 -1.82 17.31 43.10
N VAL D 82 -1.24 17.62 41.94
CA VAL D 82 -1.87 17.29 40.67
C VAL D 82 -2.12 15.79 40.56
N PHE D 83 -1.14 15.00 40.96
CA PHE D 83 -1.28 13.56 40.92
C PHE D 83 -2.38 13.09 41.86
N ALA D 84 -2.54 13.77 42.99
CA ALA D 84 -3.60 13.46 43.93
C ALA D 84 -4.96 13.71 43.28
N LEU D 85 -5.05 14.79 42.53
CA LEU D 85 -6.27 15.09 41.81
C LEU D 85 -6.54 14.01 40.77
N ASP D 86 -5.48 13.49 40.16
CA ASP D 86 -5.61 12.38 39.22
C ASP D 86 -6.21 11.16 39.87
N ILE D 87 -5.75 10.84 41.07
CA ILE D 87 -6.35 9.76 41.81
C ILE D 87 -7.85 9.97 41.92
N LEU D 88 -8.26 11.21 42.22
CA LEU D 88 -9.68 11.56 42.28
C LEU D 88 -10.34 11.43 40.93
N TRP D 89 -9.62 11.79 39.87
CA TRP D 89 -10.14 11.62 38.53
C TRP D 89 -10.39 10.14 38.27
N ASN D 90 -9.60 9.27 38.88
CA ASN D 90 -9.78 7.82 38.71
C ASN D 90 -10.86 7.25 39.57
N GLY D 114 -7.32 -0.56 40.95
CA GLY D 114 -6.60 -1.51 41.79
C GLY D 114 -5.11 -1.23 41.77
N SER D 115 -4.37 -1.95 40.94
CA SER D 115 -2.93 -1.72 40.82
C SER D 115 -2.66 -0.33 40.32
N TRP D 116 -3.54 0.19 39.47
CA TRP D 116 -3.41 1.53 38.94
C TRP D 116 -3.56 2.56 40.05
N PHE D 117 -4.46 2.28 40.99
CA PHE D 117 -4.62 3.12 42.15
C PHE D 117 -3.33 3.15 42.93
N ILE D 118 -2.77 1.97 43.17
CA ILE D 118 -1.51 1.84 43.88
C ILE D 118 -0.40 2.63 43.20
N ILE D 119 -0.31 2.47 41.88
CA ILE D 119 0.68 3.18 41.08
C ILE D 119 0.58 4.68 41.25
N ASP D 120 -0.62 5.20 41.03
CA ASP D 120 -0.85 6.64 41.18
C ASP D 120 -0.56 7.09 42.58
N LEU D 121 -1.05 6.33 43.54
CA LEU D 121 -0.82 6.62 44.93
C LEU D 121 0.65 6.83 45.18
N ILE D 122 1.47 5.85 44.80
CA ILE D 122 2.91 5.90 44.99
C ILE D 122 3.54 7.17 44.43
N ALA D 123 3.19 7.49 43.19
CA ALA D 123 3.72 8.68 42.54
C ALA D 123 3.30 9.93 43.27
N ALA D 124 2.12 9.92 43.83
CA ALA D 124 1.59 11.10 44.52
C ALA D 124 2.10 11.21 45.96
N LEU D 125 2.93 10.27 46.41
CA LEU D 125 3.39 10.31 47.79
C LEU D 125 4.50 11.34 47.96
N PRO D 126 4.21 12.45 48.68
CA PRO D 126 5.13 13.55 48.97
C PRO D 126 6.36 13.12 49.80
N LEU D 127 7.14 12.22 49.23
CA LEU D 127 8.37 11.74 49.83
C LEU D 127 9.65 12.19 50.48
N GLU D 128 10.49 12.86 49.70
CA GLU D 128 11.80 13.32 50.17
C GLU D 128 11.57 14.47 51.15
N TYR D 129 10.73 15.41 50.76
CA TYR D 129 10.39 16.52 51.64
C TYR D 129 9.85 16.02 52.96
N ALA D 130 8.88 15.14 52.94
CA ALA D 130 8.32 14.59 54.14
C ALA D 130 9.42 14.01 55.01
N THR D 131 10.24 13.16 54.38
CA THR D 131 11.31 12.50 55.12
C THR D 131 12.36 13.49 55.60
N THR D 132 12.51 14.59 54.87
CA THR D 132 13.43 15.64 55.28
C THR D 132 12.95 16.29 56.55
N THR D 133 11.64 16.58 56.60
CA THR D 133 11.06 17.21 57.77
C THR D 133 10.97 16.24 58.93
N ILE D 134 10.85 14.96 58.63
CA ILE D 134 10.86 13.95 59.67
C ILE D 134 12.24 13.85 60.30
N PHE D 135 13.28 13.86 59.46
CA PHE D 135 14.64 13.75 59.96
C PHE D 135 15.42 15.03 59.69
N TYR D 144 21.38 11.33 47.63
CA TYR D 144 21.43 10.01 47.04
C TYR D 144 20.13 9.26 47.25
N LEU D 145 19.66 9.25 48.48
CA LEU D 145 18.41 8.59 48.78
C LEU D 145 17.27 9.31 48.10
N TYR D 146 17.37 10.64 48.01
CA TYR D 146 16.35 11.42 47.33
C TYR D 146 16.30 11.07 45.86
N LEU D 147 17.48 10.85 45.27
CA LEU D 147 17.56 10.36 43.90
C LEU D 147 16.78 9.09 43.75
N LEU D 148 17.01 8.17 44.67
CA LEU D 148 16.32 6.90 44.65
C LEU D 148 14.82 7.10 44.77
N LEU D 149 14.40 8.00 45.66
CA LEU D 149 12.98 8.25 45.86
C LEU D 149 12.31 8.84 44.64
N GLY D 150 13.07 9.60 43.85
CA GLY D 150 12.54 10.21 42.63
C GLY D 150 11.86 9.19 41.70
N VAL D 151 12.29 7.93 41.74
CA VAL D 151 11.73 6.88 40.88
C VAL D 151 10.23 6.70 41.07
N THR D 152 9.74 7.07 42.25
CA THR D 152 8.33 6.90 42.59
C THR D 152 7.40 7.62 41.64
N ARG D 153 7.88 8.70 41.02
CA ARG D 153 7.07 9.45 40.09
C ARG D 153 7.26 9.00 38.66
N ILE D 154 8.28 8.17 38.44
CA ILE D 154 8.58 7.72 37.09
C ILE D 154 7.67 6.59 36.68
N LEU D 155 7.55 5.58 37.54
CA LEU D 155 6.75 4.40 37.27
C LEU D 155 5.41 4.71 36.59
N LYS D 156 4.69 5.70 37.14
CA LYS D 156 3.38 6.11 36.66
C LYS D 156 3.27 6.23 35.13
N VAL D 157 4.38 6.58 34.48
CA VAL D 157 4.42 6.80 33.03
C VAL D 157 3.71 5.72 32.21
N PHE D 158 3.64 4.50 32.72
CA PHE D 158 3.05 3.38 32.00
C PHE D 158 1.60 3.65 31.56
N ARG D 159 0.88 4.45 32.34
CA ARG D 159 -0.52 4.77 32.05
C ARG D 159 -0.74 5.49 30.71
N ILE D 160 0.35 5.91 30.07
CA ILE D 160 0.27 6.55 28.76
C ILE D 160 -0.50 5.71 27.74
N SER D 161 -0.49 4.39 27.92
CA SER D 161 -1.18 3.49 27.01
C SER D 161 -2.68 3.79 26.92
N ASP D 162 -3.24 4.36 27.98
CA ASP D 162 -4.65 4.68 28.03
C ASP D 162 -4.87 6.14 27.65
N ILE D 163 -3.91 6.96 28.03
CA ILE D 163 -3.95 8.36 27.68
C ILE D 163 -4.02 8.54 26.18
N LEU D 164 -3.18 7.79 25.46
CA LEU D 164 -3.11 7.86 24.01
C LEU D 164 -4.44 7.53 23.37
N GLN D 165 -5.11 6.53 23.91
CA GLN D 165 -6.39 6.13 23.39
C GLN D 165 -7.35 7.29 23.45
N ARG D 166 -7.39 7.93 24.62
CA ARG D 166 -8.27 9.05 24.84
C ARG D 166 -7.93 10.21 23.92
N ILE D 167 -6.63 10.43 23.70
CA ILE D 167 -6.19 11.50 22.82
C ILE D 167 -6.68 11.29 21.41
N ASN D 168 -6.49 10.07 20.90
CA ASN D 168 -6.94 9.79 19.55
C ASN D 168 -8.45 9.96 19.47
N LEU D 169 -9.16 9.45 20.46
CA LEU D 169 -10.61 9.60 20.47
C LEU D 169 -11.00 11.05 20.44
N ALA D 170 -10.24 11.87 21.13
CA ALA D 170 -10.48 13.29 21.18
C ALA D 170 -10.30 13.98 19.83
N PHE D 171 -9.20 13.68 19.15
CA PHE D 171 -8.86 14.47 17.97
C PHE D 171 -8.92 13.70 16.67
N GLN D 172 -8.53 12.43 16.73
CA GLN D 172 -8.54 11.58 15.54
C GLN D 172 -7.63 12.08 14.43
N PRO D 173 -6.30 11.93 14.59
CA PRO D 173 -5.34 12.44 13.60
C PRO D 173 -4.78 11.30 12.77
N THR D 174 -3.95 11.64 11.78
CA THR D 174 -3.41 10.64 10.89
C THR D 174 -2.45 9.78 11.74
N PRO D 175 -2.61 8.44 11.71
CA PRO D 175 -1.71 7.48 12.36
C PRO D 175 -0.27 7.82 12.04
N GLY D 176 0.58 7.76 13.05
CA GLY D 176 1.98 8.05 12.88
C GLY D 176 2.34 9.38 13.50
N ILE D 177 1.43 10.34 13.38
CA ILE D 177 1.67 11.65 13.96
C ILE D 177 1.88 11.52 15.46
N LEU D 178 1.01 10.74 16.09
CA LEU D 178 1.12 10.50 17.51
C LEU D 178 2.40 9.73 17.82
N ARG D 179 2.76 8.81 16.95
CA ARG D 179 3.98 8.04 17.14
C ARG D 179 5.17 8.97 17.15
N LEU D 180 5.19 9.91 16.21
CA LEU D 180 6.26 10.88 16.11
C LEU D 180 6.45 11.59 17.42
N VAL D 181 5.36 12.08 17.98
CA VAL D 181 5.39 12.77 19.25
C VAL D 181 6.02 11.90 20.33
N LEU D 182 5.57 10.66 20.40
CA LEU D 182 6.07 9.73 21.40
C LEU D 182 7.56 9.51 21.27
N PHE D 183 8.03 9.39 20.03
CA PHE D 183 9.44 9.14 19.82
C PHE D 183 10.26 10.32 20.25
N ALA D 184 9.77 11.52 19.95
CA ALA D 184 10.46 12.73 20.39
C ALA D 184 10.58 12.74 21.90
N PHE D 185 9.49 12.40 22.57
CA PHE D 185 9.46 12.31 24.00
C PHE D 185 10.48 11.33 24.55
N TRP D 186 10.43 10.11 24.05
CA TRP D 186 11.32 9.07 24.54
C TRP D 186 12.76 9.37 24.26
N ALA D 187 13.04 9.80 23.05
CA ALA D 187 14.39 10.11 22.64
C ALA D 187 15.01 11.13 23.56
N THR D 188 14.23 12.16 23.87
CA THR D 188 14.69 13.21 24.75
C THR D 188 15.18 12.63 26.06
N LEU D 189 14.36 11.79 26.66
CA LEU D 189 14.70 11.18 27.95
C LEU D 189 15.93 10.31 27.85
N VAL D 190 16.04 9.57 26.77
CA VAL D 190 17.16 8.70 26.57
C VAL D 190 18.46 9.47 26.55
N ALA D 191 18.50 10.52 25.74
CA ALA D 191 19.68 11.34 25.63
C ALA D 191 20.11 11.86 27.00
N HIS D 192 19.13 12.34 27.75
CA HIS D 192 19.39 12.89 29.05
C HIS D 192 20.00 11.86 29.99
N TRP D 193 19.34 10.73 30.11
CA TRP D 193 19.80 9.68 31.00
C TRP D 193 21.15 9.13 30.57
N CYS D 194 21.35 9.00 29.26
CA CYS D 194 22.60 8.47 28.75
C CYS D 194 23.76 9.36 29.12
N ALA D 195 23.57 10.67 28.94
CA ALA D 195 24.59 11.64 29.29
C ALA D 195 24.93 11.53 30.75
N VAL D 196 23.92 11.37 31.59
CA VAL D 196 24.13 11.20 33.02
C VAL D 196 24.99 9.97 33.29
N GLY D 197 24.67 8.88 32.61
CA GLY D 197 25.44 7.65 32.76
C GLY D 197 26.90 7.88 32.40
N TRP D 198 27.13 8.55 31.28
CA TRP D 198 28.47 8.91 30.88
C TRP D 198 29.16 9.66 31.98
N LEU D 199 28.49 10.65 32.52
CA LEU D 199 29.04 11.40 33.60
C LEU D 199 29.37 10.51 34.75
N TYR D 200 28.43 9.64 35.12
CA TYR D 200 28.66 8.74 36.26
C TYR D 200 29.98 8.02 36.13
N VAL D 201 30.22 7.45 34.97
CA VAL D 201 31.46 6.75 34.73
C VAL D 201 32.66 7.65 34.94
N ASP D 202 32.56 8.88 34.46
CA ASP D 202 33.64 9.83 34.59
C ASP D 202 33.54 10.65 35.89
N ASP D 203 32.40 10.54 36.60
CA ASP D 203 32.27 11.15 37.91
C ASP D 203 33.10 10.39 38.89
N LEU D 204 33.32 9.12 38.58
CA LEU D 204 34.21 8.28 39.35
C LEU D 204 35.68 8.71 39.16
N LEU D 205 35.90 9.63 38.20
CA LEU D 205 37.22 10.18 37.95
C LEU D 205 37.37 11.56 38.61
N ASP D 206 36.37 11.95 39.42
CA ASP D 206 36.39 13.26 40.05
C ASP D 206 35.48 13.32 41.28
N TYR D 207 35.05 14.52 41.68
CA TYR D 207 34.16 14.70 42.81
C TYR D 207 32.80 15.23 42.35
N GLN D 208 32.75 16.52 42.10
CA GLN D 208 31.54 17.14 41.58
C GLN D 208 31.82 17.89 40.30
N THR D 209 30.78 18.17 39.55
CA THR D 209 30.88 18.82 38.25
C THR D 209 29.87 19.96 38.13
N GLY D 210 29.98 20.72 37.04
CA GLY D 210 29.08 21.85 36.80
C GLY D 210 28.42 21.73 35.44
N TRP D 211 27.87 22.85 34.96
CA TRP D 211 27.17 22.87 33.69
C TRP D 211 28.05 22.47 32.53
N SER D 212 29.29 22.93 32.54
CA SER D 212 30.21 22.64 31.45
C SER D 212 30.35 21.15 31.21
N GLU D 213 30.46 20.40 32.28
CA GLU D 213 30.60 18.95 32.16
C GLU D 213 29.32 18.34 31.63
N TYR D 214 28.19 18.77 32.16
CA TYR D 214 26.92 18.28 31.69
C TYR D 214 26.75 18.56 30.21
N ILE D 215 27.10 19.77 29.79
CA ILE D 215 27.04 20.13 28.40
C ILE D 215 27.88 19.22 27.54
N ILE D 216 29.11 19.00 27.96
CA ILE D 216 30.01 18.11 27.24
C ILE D 216 29.44 16.72 27.12
N ALA D 217 28.84 16.24 28.20
CA ALA D 217 28.23 14.93 28.18
C ALA D 217 27.20 14.85 27.07
N LEU D 218 26.37 15.88 26.96
CA LEU D 218 25.36 15.92 25.91
C LEU D 218 25.99 15.99 24.54
N TYR D 219 27.05 16.77 24.42
CA TYR D 219 27.75 16.89 23.16
C TYR D 219 28.13 15.53 22.63
N TRP D 220 28.79 14.75 23.47
CA TRP D 220 29.19 13.41 23.12
C TRP D 220 27.99 12.53 22.85
N THR D 221 27.02 12.60 23.76
CA THR D 221 25.85 11.76 23.69
C THR D 221 25.11 11.92 22.38
N VAL D 222 24.76 13.15 22.07
CA VAL D 222 24.02 13.45 20.85
C VAL D 222 24.80 13.11 19.62
N ALA D 223 26.07 13.49 19.59
CA ALA D 223 26.92 13.21 18.45
C ALA D 223 26.93 11.74 18.15
N THR D 224 26.94 10.93 19.21
CA THR D 224 26.94 9.50 19.05
C THR D 224 25.59 8.99 18.56
N ILE D 225 24.52 9.40 19.23
CA ILE D 225 23.17 8.93 18.88
C ILE D 225 22.78 9.28 17.47
N ALA D 226 23.16 10.49 17.04
CA ALA D 226 22.80 10.98 15.73
C ALA D 226 23.63 10.35 14.61
N THR D 227 24.56 9.45 14.98
CA THR D 227 25.43 8.72 14.03
C THR D 227 26.56 9.58 13.49
N VAL D 228 26.59 10.86 13.88
CA VAL D 228 27.60 11.78 13.39
C VAL D 228 29.00 11.36 13.80
N GLY D 229 29.28 11.43 15.09
CA GLY D 229 30.56 11.00 15.63
C GLY D 229 31.71 11.91 15.21
N TYR D 230 31.98 12.93 16.00
CA TYR D 230 33.10 13.81 15.69
C TYR D 230 34.44 13.17 16.07
N GLY D 231 34.42 12.28 17.04
CA GLY D 231 35.65 11.62 17.47
C GLY D 231 36.44 12.47 18.46
N ASP D 232 35.82 13.54 18.95
CA ASP D 232 36.47 14.43 19.89
C ASP D 232 36.67 13.77 21.24
N ILE D 233 35.70 12.99 21.64
CA ILE D 233 35.73 12.32 22.93
C ILE D 233 35.64 10.83 22.76
N THR D 234 36.51 10.11 23.47
CA THR D 234 36.53 8.66 23.38
C THR D 234 36.90 8.02 24.71
N PRO D 235 36.61 6.73 24.84
CA PRO D 235 36.91 5.92 26.01
C PRO D 235 38.39 5.72 26.21
N SER D 236 38.79 5.49 27.45
CA SER D 236 40.18 5.22 27.76
C SER D 236 40.32 3.88 28.43
N THR D 237 39.33 3.54 29.26
CA THR D 237 39.29 2.24 29.92
C THR D 237 38.32 1.34 29.22
N ASP D 238 38.48 0.05 29.43
CA ASP D 238 37.56 -0.91 28.84
C ASP D 238 36.15 -0.66 29.32
N SER D 239 36.03 -0.34 30.60
CA SER D 239 34.73 0.00 31.17
C SER D 239 34.01 1.00 30.31
N GLN D 240 34.71 2.11 30.02
CA GLN D 240 34.16 3.17 29.20
C GLN D 240 33.83 2.68 27.81
N ARG D 241 34.71 1.87 27.24
CA ARG D 241 34.51 1.31 25.92
C ARG D 241 33.22 0.50 25.87
N ILE D 242 33.00 -0.29 26.90
CA ILE D 242 31.83 -1.12 26.98
C ILE D 242 30.57 -0.29 26.97
N TYR D 243 30.54 0.71 27.85
CA TYR D 243 29.41 1.62 27.93
C TYR D 243 29.15 2.25 26.59
N THR D 244 30.22 2.72 25.97
CA THR D 244 30.11 3.34 24.67
C THR D 244 29.45 2.42 23.67
N ILE D 245 29.88 1.16 23.64
CA ILE D 245 29.30 0.20 22.73
C ILE D 245 27.80 0.06 22.95
N PHE D 246 27.42 -0.05 24.20
CA PHE D 246 26.02 -0.10 24.57
C PHE D 246 25.27 1.08 24.00
N VAL D 247 25.80 2.28 24.23
CA VAL D 247 25.16 3.50 23.76
C VAL D 247 25.03 3.51 22.26
N MET D 248 26.10 3.15 21.56
CA MET D 248 26.09 3.19 20.11
C MET D 248 24.96 2.34 19.55
N ILE D 249 24.78 1.16 20.13
CA ILE D 249 23.73 0.26 19.67
C ILE D 249 22.37 0.89 19.84
N LEU D 250 22.09 1.37 21.04
CA LEU D 250 20.80 1.95 21.35
C LEU D 250 20.50 3.16 20.48
N GLY D 251 21.44 4.10 20.45
CA GLY D 251 21.27 5.33 19.71
C GLY D 251 20.98 5.08 18.25
N ALA D 252 21.71 4.14 17.65
CA ALA D 252 21.50 3.78 16.26
C ALA D 252 20.07 3.33 16.04
N GLY D 253 19.59 2.46 16.92
CA GLY D 253 18.23 1.94 16.82
C GLY D 253 17.22 3.07 16.87
N VAL D 254 17.41 3.99 17.80
CA VAL D 254 16.49 5.11 17.94
C VAL D 254 16.36 5.87 16.64
N TYR D 255 17.49 6.25 16.08
CA TYR D 255 17.51 7.00 14.84
C TYR D 255 16.74 6.28 13.75
N ALA D 256 16.93 4.97 13.67
CA ALA D 256 16.24 4.17 12.69
C ALA D 256 14.73 4.28 12.84
N THR D 257 14.24 4.22 14.07
CA THR D 257 12.80 4.27 14.30
C THR D 257 12.24 5.63 13.94
N VAL D 258 13.05 6.68 14.10
CA VAL D 258 12.63 8.00 13.69
C VAL D 258 12.32 8.03 12.22
N ILE D 259 13.22 7.46 11.44
CA ILE D 259 13.01 7.35 10.01
C ILE D 259 11.74 6.58 9.71
N GLY D 260 11.55 5.50 10.45
CA GLY D 260 10.36 4.65 10.29
C GLY D 260 9.09 5.47 10.24
N ASN D 261 8.86 6.29 11.28
CA ASN D 261 7.67 7.11 11.30
C ASN D 261 7.58 8.00 10.09
N ILE D 262 8.64 8.72 9.80
CA ILE D 262 8.64 9.64 8.68
C ILE D 262 8.20 8.96 7.41
N ALA D 263 8.75 7.79 7.17
CA ALA D 263 8.41 7.02 6.00
C ALA D 263 6.95 6.62 5.99
N SER D 264 6.49 6.04 7.09
CA SER D 264 5.13 5.53 7.16
C SER D 264 4.10 6.62 7.04
N ILE D 265 4.39 7.76 7.63
CA ILE D 265 3.45 8.87 7.60
C ILE D 265 3.32 9.42 6.22
N LEU D 266 4.45 9.77 5.66
CA LEU D 266 4.48 10.38 4.37
C LEU D 266 3.85 9.50 3.31
N GLY D 267 4.19 8.22 3.34
CA GLY D 267 3.65 7.28 2.39
C GLY D 267 2.12 7.20 2.46
N SER D 268 1.60 7.14 3.69
CA SER D 268 0.17 7.02 3.88
C SER D 268 -0.58 8.20 3.32
N LEU D 269 0.04 9.37 3.38
CA LEU D 269 -0.57 10.54 2.83
C LEU D 269 -0.75 10.39 1.33
N ASP D 270 0.28 9.83 0.68
CA ASP D 270 0.22 9.60 -0.75
C ASP D 270 -0.87 8.61 -1.11
N LEU D 271 -1.01 7.58 -0.29
CA LEU D 271 -2.02 6.55 -0.53
C LEU D 271 -3.41 7.14 -0.57
N ALA D 272 -3.68 8.05 0.35
CA ALA D 272 -4.98 8.71 0.40
C ALA D 272 -5.29 9.42 -0.91
N LYS D 273 -4.32 10.20 -1.38
CA LYS D 273 -4.50 10.92 -2.64
C LYS D 273 -4.68 9.96 -3.81
N ALA D 274 -3.91 8.88 -3.81
CA ALA D 274 -3.99 7.88 -4.89
C ALA D 274 -5.39 7.34 -5.01
N ALA D 275 -6.00 7.00 -3.89
CA ALA D 275 -7.36 6.51 -3.87
C ALA D 275 -8.30 7.48 -4.58
N GLN D 276 -8.13 8.77 -4.29
CA GLN D 276 -8.97 9.79 -4.92
C GLN D 276 -8.88 9.76 -6.45
N ARG D 277 -7.67 9.72 -6.98
CA ARG D 277 -7.46 9.74 -8.43
C ARG D 277 -7.70 8.39 -9.11
N LYS D 278 -7.81 7.33 -8.30
CA LYS D 278 -7.91 5.94 -8.78
C LYS D 278 -8.67 5.78 -10.09
N LYS D 279 -9.91 6.24 -10.14
CA LYS D 279 -10.75 6.04 -11.28
C LYS D 279 -10.21 6.77 -12.51
N MET D 280 -10.03 8.09 -12.35
CA MET D 280 -9.53 8.90 -13.45
C MET D 280 -8.27 8.32 -14.03
N ALA D 281 -7.37 7.89 -13.16
CA ALA D 281 -6.12 7.28 -13.57
C ALA D 281 -6.34 6.09 -14.47
N GLN D 282 -7.29 5.23 -14.08
CA GLN D 282 -7.63 4.08 -14.89
C GLN D 282 -8.07 4.50 -16.29
N VAL D 283 -8.90 5.53 -16.33
CA VAL D 283 -9.39 6.07 -17.60
C VAL D 283 -8.26 6.62 -18.43
N ASP D 284 -7.39 7.37 -17.79
CA ASP D 284 -6.24 7.95 -18.48
C ASP D 284 -5.38 6.87 -19.08
N SER D 285 -5.16 5.81 -18.31
CA SER D 285 -4.37 4.67 -18.76
C SER D 285 -4.96 4.10 -20.03
N PHE D 286 -6.28 3.93 -20.03
CA PHE D 286 -7.00 3.46 -21.19
C PHE D 286 -6.77 4.36 -22.39
N LEU D 287 -6.92 5.66 -22.16
CA LEU D 287 -6.75 6.64 -23.22
C LEU D 287 -5.36 6.57 -23.80
N LYS D 288 -4.37 6.39 -22.92
CA LYS D 288 -2.99 6.29 -23.35
C LYS D 288 -2.77 5.06 -24.20
N ALA D 289 -3.42 3.96 -23.81
CA ALA D 289 -3.37 2.74 -24.60
C ALA D 289 -3.97 2.95 -25.99
N ARG D 290 -5.05 3.72 -26.04
CA ARG D 290 -5.72 4.04 -27.30
C ARG D 290 -4.98 5.14 -28.06
N ASN D 291 -4.08 5.82 -27.36
CA ASN D 291 -3.25 6.85 -27.98
C ASN D 291 -4.06 8.03 -28.44
N ILE D 292 -4.97 8.48 -27.61
CA ILE D 292 -5.80 9.63 -27.89
C ILE D 292 -5.03 10.94 -27.67
N SER D 293 -5.30 11.95 -28.47
CA SER D 293 -4.62 13.23 -28.36
C SER D 293 -4.93 13.98 -27.08
N GLN D 294 -4.05 14.88 -26.70
CA GLN D 294 -4.16 15.70 -25.50
C GLN D 294 -5.39 16.57 -25.49
N ASN D 295 -5.81 17.00 -26.67
CA ASN D 295 -6.98 17.86 -26.82
C ASN D 295 -8.07 17.33 -25.93
N ILE D 296 -8.28 16.02 -25.96
CA ILE D 296 -9.29 15.42 -25.14
C ILE D 296 -8.84 15.00 -23.75
N ARG D 297 -7.77 14.24 -23.69
CA ARG D 297 -7.31 13.68 -22.42
C ARG D 297 -7.19 14.73 -21.32
N ARG D 298 -6.69 15.91 -21.66
CA ARG D 298 -6.56 16.97 -20.67
C ARG D 298 -7.94 17.34 -20.16
N ARG D 299 -8.88 17.56 -21.06
CA ARG D 299 -10.24 17.91 -20.68
C ARG D 299 -10.95 16.81 -19.90
N VAL D 300 -10.64 15.56 -20.26
CA VAL D 300 -11.06 14.44 -19.46
C VAL D 300 -10.61 14.48 -18.03
N ARG D 301 -9.30 14.68 -17.85
CA ARG D 301 -8.79 14.80 -16.51
C ARG D 301 -9.51 15.90 -15.75
N ASP D 302 -9.63 17.07 -16.38
CA ASP D 302 -10.30 18.22 -15.80
C ASP D 302 -11.72 17.88 -15.37
N TYR D 303 -12.41 17.13 -16.22
CA TYR D 303 -13.75 16.65 -15.94
C TYR D 303 -13.77 15.91 -14.62
N TYR D 304 -12.88 14.95 -14.48
CA TYR D 304 -12.81 14.20 -13.25
C TYR D 304 -12.40 15.06 -12.08
N MET D 305 -11.45 15.95 -12.31
CA MET D 305 -10.97 16.81 -11.24
C MET D 305 -12.10 17.62 -10.64
N TYR D 306 -12.86 18.26 -11.50
CA TYR D 306 -14.01 19.04 -11.06
C TYR D 306 -14.99 18.20 -10.30
N ILE D 307 -15.29 17.02 -10.84
CA ILE D 307 -16.19 16.10 -10.17
C ILE D 307 -15.70 15.76 -8.79
N ILE D 308 -14.41 15.48 -8.69
CA ILE D 308 -13.79 15.17 -7.43
C ILE D 308 -13.94 16.33 -6.46
N ASP D 309 -13.70 17.53 -6.95
CA ASP D 309 -13.82 18.74 -6.15
C ASP D 309 -15.21 18.85 -5.56
N ARG D 310 -16.20 18.50 -6.35
CA ARG D 310 -17.58 18.57 -5.92
C ARG D 310 -18.03 17.35 -5.13
N GLY D 311 -17.43 16.20 -5.43
CA GLY D 311 -17.81 14.95 -4.80
C GLY D 311 -19.13 14.41 -5.39
N TRP D 312 -19.61 15.03 -6.47
CA TRP D 312 -20.88 14.64 -7.09
C TRP D 312 -20.82 13.26 -7.72
N GLY D 313 -19.60 12.81 -8.04
CA GLY D 313 -19.39 11.50 -8.64
C GLY D 313 -19.70 10.36 -7.66
N GLU D 314 -19.74 10.68 -6.37
CA GLU D 314 -20.05 9.67 -5.39
C GLU D 314 -21.51 9.30 -5.43
N ASP D 315 -21.81 8.02 -5.32
CA ASP D 315 -23.19 7.56 -5.22
C ASP D 315 -23.77 7.94 -3.87
N GLU D 316 -24.15 9.21 -3.75
CA GLU D 316 -24.70 9.75 -2.53
C GLU D 316 -25.70 8.81 -1.89
N ASN D 317 -26.68 8.38 -2.66
CA ASN D 317 -27.68 7.42 -2.18
C ASN D 317 -27.03 6.23 -1.46
N ALA D 318 -26.35 5.37 -2.24
CA ALA D 318 -25.75 4.15 -1.71
C ALA D 318 -24.83 4.41 -0.55
N LEU D 319 -24.08 5.50 -0.66
CA LEU D 319 -23.19 5.90 0.41
C LEU D 319 -23.97 6.12 1.68
N LEU D 320 -25.03 6.92 1.59
CA LEU D 320 -25.87 7.24 2.73
C LEU D 320 -26.68 6.04 3.21
N ASN D 321 -26.85 5.05 2.35
CA ASN D 321 -27.69 3.89 2.67
C ASN D 321 -27.17 3.04 3.82
N ASP D 322 -25.95 3.32 4.30
CA ASP D 322 -25.45 2.59 5.45
C ASP D 322 -25.65 3.37 6.76
N LEU D 323 -26.40 4.47 6.67
CA LEU D 323 -26.61 5.33 7.85
C LEU D 323 -27.94 5.03 8.54
N PRO D 324 -27.96 5.11 9.87
CA PRO D 324 -29.17 4.90 10.64
C PRO D 324 -30.23 5.83 10.07
N ILE D 325 -31.25 5.24 9.50
CA ILE D 325 -32.25 5.97 8.74
C ILE D 325 -32.71 7.24 9.41
N SER D 326 -32.74 7.26 10.75
CA SER D 326 -33.16 8.44 11.47
C SER D 326 -32.26 9.63 11.17
N LEU D 327 -31.00 9.52 11.57
CA LEU D 327 -30.06 10.58 11.35
C LEU D 327 -29.75 10.73 9.87
N ARG D 328 -29.81 9.60 9.15
CA ARG D 328 -29.63 9.61 7.71
C ARG D 328 -30.55 10.62 7.07
N ARG D 329 -31.81 10.53 7.42
CA ARG D 329 -32.79 11.48 6.92
C ARG D 329 -32.45 12.87 7.34
N GLU D 330 -32.02 13.05 8.59
CA GLU D 330 -31.63 14.38 9.03
C GLU D 330 -30.54 14.95 8.15
N VAL D 331 -29.56 14.11 7.82
CA VAL D 331 -28.51 14.55 6.93
C VAL D 331 -29.05 14.83 5.56
N LYS D 332 -29.95 13.98 5.11
CA LYS D 332 -30.61 14.20 3.85
C LYS D 332 -31.29 15.57 3.85
N ILE D 333 -31.89 15.92 4.98
CA ILE D 333 -32.50 17.25 5.15
C ILE D 333 -31.45 18.34 5.03
N GLN D 334 -30.27 18.11 5.58
CA GLN D 334 -29.17 19.03 5.42
C GLN D 334 -28.81 19.19 3.95
N LEU D 335 -28.90 18.10 3.21
CA LEU D 335 -28.66 18.15 1.78
C LEU D 335 -29.80 18.86 1.09
N HIS D 336 -31.01 18.70 1.60
CA HIS D 336 -32.15 19.44 1.08
C HIS D 336 -31.92 20.93 1.32
N ARG D 337 -31.42 21.26 2.50
CA ARG D 337 -31.05 22.62 2.81
C ARG D 337 -30.01 23.13 1.81
N ASP D 338 -29.09 22.31 1.38
CA ASP D 338 -28.05 22.84 0.50
C ASP D 338 -28.59 23.51 -0.78
N LEU D 339 -29.58 22.94 -1.46
CA LEU D 339 -30.10 23.57 -2.67
C LEU D 339 -31.47 24.28 -2.55
N LEU D 340 -32.10 24.19 -1.39
CA LEU D 340 -33.44 24.78 -1.16
C LEU D 340 -33.69 26.30 -1.20
N GLU D 341 -32.79 27.10 -0.63
CA GLU D 341 -32.98 28.55 -0.51
C GLU D 341 -33.08 29.45 -1.76
N LYS D 342 -32.24 29.21 -2.77
CA LYS D 342 -32.20 30.03 -3.96
C LYS D 342 -33.55 30.17 -4.64
N VAL D 343 -34.22 29.05 -4.82
CA VAL D 343 -35.44 28.99 -5.59
C VAL D 343 -36.65 29.49 -4.82
N PRO D 344 -37.22 30.63 -5.22
CA PRO D 344 -38.42 31.27 -4.66
C PRO D 344 -39.60 30.32 -4.55
N PHE D 345 -39.68 29.36 -5.45
CA PHE D 345 -40.72 28.35 -5.40
C PHE D 345 -40.66 27.58 -4.10
N LEU D 346 -39.44 27.34 -3.65
CA LEU D 346 -39.17 26.52 -2.51
C LEU D 346 -39.06 27.38 -1.27
N LYS D 347 -38.66 28.63 -1.47
CA LYS D 347 -38.78 29.62 -0.41
C LYS D 347 -40.22 29.68 0.05
N GLY D 348 -41.14 29.72 -0.92
CA GLY D 348 -42.56 29.72 -0.64
C GLY D 348 -43.20 28.34 -0.81
N ALA D 349 -42.47 27.28 -0.48
CA ALA D 349 -43.05 25.95 -0.43
C ALA D 349 -43.13 25.48 1.00
N ASP D 350 -43.89 24.43 1.23
CA ASP D 350 -43.94 23.81 2.54
C ASP D 350 -42.87 22.73 2.59
N PRO D 351 -42.55 22.21 3.77
CA PRO D 351 -41.38 21.37 4.00
C PRO D 351 -41.65 19.92 3.67
N ALA D 352 -42.92 19.54 3.67
CA ALA D 352 -43.29 18.20 3.24
C ALA D 352 -42.98 18.07 1.77
N LEU D 353 -43.35 19.10 1.01
CA LEU D 353 -42.99 19.21 -0.38
C LEU D 353 -41.53 19.23 -0.58
N VAL D 354 -40.86 20.13 0.11
CA VAL D 354 -39.42 20.21 -0.02
C VAL D 354 -38.77 18.87 0.22
N THR D 355 -39.13 18.21 1.31
CA THR D 355 -38.59 16.90 1.62
C THR D 355 -38.82 15.91 0.50
N SER D 356 -40.07 15.79 0.10
CA SER D 356 -40.49 14.87 -0.94
C SER D 356 -39.73 15.10 -2.22
N LEU D 357 -39.65 16.36 -2.59
CA LEU D 357 -39.03 16.78 -3.81
C LEU D 357 -37.54 16.57 -3.78
N VAL D 358 -36.91 16.99 -2.70
CA VAL D 358 -35.48 16.80 -2.49
C VAL D 358 -35.06 15.37 -2.64
N PHE D 359 -35.84 14.47 -2.04
CA PHE D 359 -35.68 13.06 -2.25
C PHE D 359 -35.70 12.72 -3.76
N SER D 360 -36.70 13.27 -4.48
CA SER D 360 -36.82 13.08 -5.93
C SER D 360 -35.70 13.67 -6.81
N MET D 361 -35.24 14.88 -6.51
CA MET D 361 -34.34 15.62 -7.41
C MET D 361 -33.03 14.91 -7.72
N LYS D 362 -32.65 14.92 -9.00
CA LYS D 362 -31.43 14.26 -9.44
C LYS D 362 -30.40 15.26 -9.99
N PRO D 363 -29.12 15.11 -9.64
CA PRO D 363 -28.11 16.08 -10.06
C PRO D 363 -27.47 15.70 -11.38
N MET D 364 -27.60 16.57 -12.37
CA MET D 364 -27.12 16.35 -13.72
C MET D 364 -26.11 17.39 -14.15
N ILE D 365 -25.07 16.97 -14.87
CA ILE D 365 -24.04 17.87 -15.32
C ILE D 365 -24.05 18.07 -16.82
N PHE D 366 -24.04 19.33 -17.22
CA PHE D 366 -24.01 19.67 -18.63
C PHE D 366 -22.76 20.44 -18.95
N LEU D 367 -22.29 20.31 -20.16
CA LEU D 367 -21.06 20.98 -20.56
C LEU D 367 -21.39 22.18 -21.44
N GLU D 368 -20.39 23.02 -21.65
CA GLU D 368 -20.56 24.24 -22.42
C GLU D 368 -21.08 23.96 -23.82
N GLY D 369 -22.19 24.59 -24.17
CA GLY D 369 -22.75 24.46 -25.51
C GLY D 369 -23.88 23.44 -25.59
N ASP D 370 -24.04 22.63 -24.55
CA ASP D 370 -25.02 21.56 -24.60
C ASP D 370 -26.42 22.06 -24.87
N THR D 371 -27.06 21.48 -25.89
CA THR D 371 -28.45 21.79 -26.15
C THR D 371 -29.30 21.02 -25.19
N ILE D 372 -29.51 21.61 -24.03
CA ILE D 372 -30.25 21.00 -22.94
C ILE D 372 -31.68 20.76 -23.40
N PHE D 373 -32.32 21.82 -23.92
CA PHE D 373 -33.64 21.67 -24.53
C PHE D 373 -33.53 21.92 -26.00
N ARG D 374 -34.29 21.18 -26.76
CA ARG D 374 -34.45 21.55 -28.15
C ARG D 374 -35.88 21.95 -28.43
N ARG D 375 -36.05 23.18 -28.85
CA ARG D 375 -37.33 23.72 -29.26
C ARG D 375 -38.08 22.81 -30.22
N GLY D 376 -39.28 22.43 -29.85
CA GLY D 376 -40.13 21.60 -30.67
C GLY D 376 -40.22 20.19 -30.12
N GLU D 377 -39.25 19.80 -29.30
CA GLU D 377 -39.21 18.45 -28.82
C GLU D 377 -39.97 18.29 -27.52
N LYS D 378 -40.60 17.13 -27.35
CA LYS D 378 -41.37 16.88 -26.15
C LYS D 378 -40.52 17.03 -24.91
N GLY D 379 -40.95 17.86 -23.98
CA GLY D 379 -40.19 18.06 -22.76
C GLY D 379 -40.81 17.35 -21.59
N ASP D 380 -39.98 16.61 -20.86
CA ASP D 380 -40.47 15.76 -19.79
C ASP D 380 -39.67 15.86 -18.48
N ASP D 381 -39.15 17.07 -18.17
CA ASP D 381 -38.35 17.26 -16.95
C ASP D 381 -38.10 18.75 -16.63
N LEU D 382 -38.05 19.10 -15.31
CA LEU D 382 -37.71 20.46 -14.86
C LEU D 382 -36.26 20.52 -14.44
N TYR D 383 -35.60 21.57 -14.87
CA TYR D 383 -34.18 21.75 -14.65
C TYR D 383 -33.92 22.91 -13.73
N ILE D 384 -33.46 22.62 -12.52
CA ILE D 384 -33.24 23.68 -11.56
C ILE D 384 -31.76 23.99 -11.48
N LEU D 385 -31.42 25.20 -11.90
CA LEU D 385 -30.01 25.50 -12.07
C LEU D 385 -29.34 25.80 -10.77
N SER D 386 -28.62 24.82 -10.26
CA SER D 386 -27.81 25.03 -9.08
C SER D 386 -26.65 25.95 -9.38
N GLU D 387 -25.87 25.57 -10.38
CA GLU D 387 -24.64 26.29 -10.71
C GLU D 387 -24.46 26.43 -12.21
N GLY D 388 -24.07 27.62 -12.66
CA GLY D 388 -23.70 27.78 -14.06
C GLY D 388 -24.56 28.80 -14.78
N SER D 389 -24.27 29.01 -16.07
CA SER D 389 -25.07 29.91 -16.90
C SER D 389 -25.69 29.19 -18.07
N VAL D 390 -26.94 29.54 -18.34
CA VAL D 390 -27.77 28.94 -19.37
C VAL D 390 -28.42 29.98 -20.30
N ASP D 391 -28.56 29.65 -21.58
CA ASP D 391 -29.18 30.54 -22.55
C ASP D 391 -30.52 30.00 -23.01
N ILE D 392 -31.60 30.68 -22.62
CA ILE D 392 -32.90 30.32 -23.12
C ILE D 392 -33.10 31.05 -24.43
N LEU D 393 -33.20 30.32 -25.53
CA LEU D 393 -33.26 30.88 -26.86
C LEU D 393 -34.58 30.61 -27.54
N ASP D 394 -35.12 31.58 -28.22
CA ASP D 394 -36.33 31.29 -28.98
C ASP D 394 -36.00 30.58 -30.29
N SER D 395 -36.96 30.65 -31.23
CA SER D 395 -36.85 30.18 -32.61
C SER D 395 -35.46 30.27 -33.24
N ASP D 396 -34.88 31.47 -33.21
CA ASP D 396 -33.68 31.76 -33.98
C ASP D 396 -32.39 31.28 -33.37
N GLU D 397 -32.45 30.75 -32.15
CA GLU D 397 -31.29 30.25 -31.44
C GLU D 397 -30.23 31.33 -31.20
N LYS D 398 -30.68 32.58 -31.09
CA LYS D 398 -29.82 33.72 -30.84
C LYS D 398 -30.46 34.61 -29.80
N THR D 399 -31.76 34.78 -29.91
CA THR D 399 -32.49 35.60 -28.97
C THR D 399 -32.53 34.98 -27.62
N ILE D 400 -31.57 35.36 -26.81
CA ILE D 400 -31.54 34.92 -25.44
C ILE D 400 -32.70 35.50 -24.69
N LEU D 401 -33.77 34.72 -24.65
CA LEU D 401 -34.96 35.01 -23.89
C LEU D 401 -34.62 35.20 -22.44
N LEU D 402 -33.70 34.39 -21.96
CA LEU D 402 -33.26 34.53 -20.58
C LEU D 402 -31.86 34.00 -20.36
N SER D 403 -31.01 34.84 -19.80
CA SER D 403 -29.73 34.38 -19.31
C SER D 403 -29.98 33.81 -17.94
N LEU D 404 -30.10 32.51 -17.89
CA LEU D 404 -30.63 31.83 -16.74
C LEU D 404 -29.50 31.39 -15.84
N GLN D 405 -29.57 31.78 -14.58
CA GLN D 405 -28.44 31.63 -13.69
C GLN D 405 -28.79 30.83 -12.45
N GLU D 406 -27.86 30.77 -11.52
CA GLU D 406 -28.03 30.04 -10.29
C GLU D 406 -29.26 30.45 -9.54
N GLY D 407 -30.13 29.49 -9.28
CA GLY D 407 -31.35 29.73 -8.54
C GLY D 407 -32.54 29.80 -9.46
N GLN D 408 -32.29 29.89 -10.75
CA GLN D 408 -33.35 29.85 -11.71
C GLN D 408 -33.64 28.44 -12.11
N PHE D 409 -34.66 28.30 -12.92
CA PHE D 409 -35.29 27.04 -13.17
C PHE D 409 -35.98 27.10 -14.50
N PHE D 410 -35.94 25.99 -15.22
CA PHE D 410 -36.50 25.96 -16.54
C PHE D 410 -36.99 24.60 -16.97
N GLY D 411 -37.95 24.60 -17.86
CA GLY D 411 -38.61 23.38 -18.27
C GLY D 411 -40.06 23.40 -17.85
N GLU D 412 -40.39 24.33 -16.96
CA GLU D 412 -41.72 24.44 -16.37
C GLU D 412 -42.79 24.76 -17.39
N LEU D 413 -42.46 25.52 -18.42
CA LEU D 413 -43.45 25.86 -19.41
C LEU D 413 -43.96 24.61 -20.09
N ALA D 414 -43.05 23.82 -20.62
CA ALA D 414 -43.45 22.59 -21.29
C ALA D 414 -44.03 21.59 -20.33
N LEU D 415 -43.58 21.57 -19.08
CA LEU D 415 -44.02 20.49 -18.24
C LEU D 415 -45.41 20.79 -17.70
N VAL D 416 -45.66 22.02 -17.29
CA VAL D 416 -46.99 22.44 -16.88
C VAL D 416 -47.98 22.45 -18.03
N MET D 417 -47.51 22.82 -19.23
CA MET D 417 -48.38 22.81 -20.39
C MET D 417 -48.49 21.45 -21.07
N ASP D 418 -47.80 20.42 -20.56
CA ASP D 418 -47.78 19.11 -21.19
C ASP D 418 -47.40 19.21 -22.67
N ALA D 419 -46.38 20.02 -22.95
CA ALA D 419 -46.08 20.41 -24.30
C ALA D 419 -44.67 20.03 -24.69
N PRO D 420 -44.31 20.34 -25.93
CA PRO D 420 -42.96 20.40 -26.43
C PRO D 420 -42.30 21.67 -25.96
N ARG D 421 -40.99 21.62 -25.85
CA ARG D 421 -40.23 22.78 -25.50
C ARG D 421 -40.54 23.85 -26.51
N SER D 422 -41.05 24.97 -26.07
CA SER D 422 -41.37 26.01 -27.02
C SER D 422 -40.15 26.93 -27.24
N ALA D 423 -39.03 26.60 -26.60
CA ALA D 423 -37.77 27.30 -26.76
C ALA D 423 -36.61 26.32 -26.55
N THR D 424 -35.44 26.71 -27.03
CA THR D 424 -34.23 25.91 -26.98
C THR D 424 -33.37 26.37 -25.84
N VAL D 425 -32.72 25.45 -25.18
CA VAL D 425 -31.92 25.84 -24.06
C VAL D 425 -30.51 25.33 -24.16
N ARG D 426 -29.57 26.25 -24.14
CA ARG D 426 -28.17 25.94 -24.29
C ARG D 426 -27.40 26.19 -23.02
N ALA D 427 -26.47 25.31 -22.71
CA ALA D 427 -25.56 25.58 -21.62
C ALA D 427 -24.56 26.62 -22.05
N THR D 428 -24.42 27.70 -21.30
CA THR D 428 -23.34 28.63 -21.57
C THR D 428 -22.07 28.01 -21.09
N THR D 429 -22.09 27.67 -19.80
CA THR D 429 -20.95 27.13 -19.11
C THR D 429 -21.19 25.67 -18.80
N THR D 430 -20.34 25.12 -17.94
CA THR D 430 -20.65 23.85 -17.31
C THR D 430 -21.78 24.12 -16.33
N CYS D 431 -22.75 23.22 -16.27
CA CYS D 431 -23.93 23.50 -15.47
C CYS D 431 -24.30 22.35 -14.56
N GLU D 432 -24.56 22.68 -13.29
CA GLU D 432 -25.08 21.73 -12.33
C GLU D 432 -26.56 21.96 -12.14
N ILE D 433 -27.32 20.97 -12.55
CA ILE D 433 -28.75 21.10 -12.56
C ILE D 433 -29.46 19.98 -11.85
N TYR D 434 -30.44 20.32 -11.04
CA TYR D 434 -31.23 19.28 -10.44
C TYR D 434 -32.46 19.05 -11.25
N THR D 435 -32.66 17.81 -11.62
CA THR D 435 -33.69 17.49 -12.57
C THR D 435 -34.86 16.80 -11.91
N LEU D 436 -36.05 17.17 -12.36
CA LEU D 436 -37.29 16.63 -11.87
C LEU D 436 -38.11 16.07 -13.00
N SER D 437 -38.15 14.76 -13.12
CA SER D 437 -38.93 14.17 -14.20
C SER D 437 -40.37 14.56 -14.10
N LYS D 438 -41.01 14.68 -15.25
CA LYS D 438 -42.45 14.93 -15.36
C LYS D 438 -43.27 14.03 -14.48
N THR D 439 -42.87 12.76 -14.34
CA THR D 439 -43.62 11.83 -13.53
C THR D 439 -43.61 12.26 -12.08
N ASP D 440 -42.41 12.54 -11.57
CA ASP D 440 -42.24 12.98 -10.21
C ASP D 440 -42.86 14.36 -10.01
N PHE D 441 -42.63 15.24 -10.96
CA PHE D 441 -43.20 16.58 -10.99
C PHE D 441 -44.70 16.56 -10.87
N ASP D 442 -45.34 15.73 -11.67
CA ASP D 442 -46.77 15.64 -11.64
C ASP D 442 -47.27 15.00 -10.39
N ASN D 443 -46.64 13.93 -9.94
CA ASN D 443 -47.06 13.26 -8.72
C ASN D 443 -46.92 14.17 -7.52
N VAL D 444 -45.77 14.82 -7.41
CA VAL D 444 -45.48 15.76 -6.36
C VAL D 444 -46.44 16.92 -6.38
N LEU D 445 -46.61 17.56 -7.52
CA LEU D 445 -47.46 18.73 -7.56
C LEU D 445 -48.92 18.39 -7.77
N LYS D 446 -49.21 17.13 -8.03
CA LYS D 446 -50.57 16.64 -7.87
C LYS D 446 -50.95 16.73 -6.42
N ARG D 447 -50.08 16.20 -5.57
CA ARG D 447 -50.25 16.32 -4.13
C ARG D 447 -50.21 17.78 -3.73
N PHE D 448 -49.13 18.45 -4.10
CA PHE D 448 -48.94 19.83 -3.76
C PHE D 448 -49.49 20.74 -4.83
N SER D 449 -50.81 20.66 -5.00
CA SER D 449 -51.54 21.38 -6.03
C SER D 449 -51.49 22.88 -5.83
N GLN D 450 -51.27 23.32 -4.60
CA GLN D 450 -51.07 24.73 -4.31
C GLN D 450 -49.70 25.21 -4.79
N PHE D 451 -48.78 24.27 -4.95
CA PHE D 451 -47.46 24.56 -5.45
C PHE D 451 -47.36 24.11 -6.88
N ARG D 452 -48.42 23.48 -7.36
CA ARG D 452 -48.67 23.34 -8.77
C ARG D 452 -49.23 24.62 -9.30
N SER D 453 -50.11 25.25 -8.50
CA SER D 453 -50.70 26.55 -8.80
C SER D 453 -49.65 27.66 -8.74
N ALA D 454 -48.84 27.66 -7.69
CA ALA D 454 -47.60 28.42 -7.74
C ALA D 454 -46.63 28.72 -8.85
N ILE D 455 -46.18 27.72 -9.58
CA ILE D 455 -45.06 27.91 -10.53
C ILE D 455 -45.94 28.07 -11.77
N GLU D 456 -47.09 27.38 -11.85
CA GLU D 456 -48.06 27.55 -12.93
C GLU D 456 -48.45 29.00 -13.14
N GLU D 457 -48.60 29.74 -12.05
CA GLU D 457 -48.72 31.19 -12.10
C GLU D 457 -47.68 31.79 -13.06
N SER D 458 -46.41 31.62 -12.70
CA SER D 458 -45.30 32.17 -13.45
C SER D 458 -45.24 31.64 -14.87
N VAL D 459 -45.61 30.36 -15.04
CA VAL D 459 -45.62 29.68 -16.34
C VAL D 459 -46.29 30.46 -17.46
N ALA D 460 -47.26 31.31 -17.11
CA ALA D 460 -47.91 32.17 -18.09
C ALA D 460 -46.91 32.93 -18.97
N HIS D 461 -45.70 33.17 -18.47
CA HIS D 461 -44.68 33.89 -19.22
C HIS D 461 -43.28 33.28 -19.07
#